data_3M9G
# 
_entry.id   3M9G 
# 
_audit_conform.dict_name       mmcif_pdbx.dic 
_audit_conform.dict_version    5.388 
_audit_conform.dict_location   http://mmcif.pdb.org/dictionaries/ascii/mmcif_pdbx.dic 
# 
loop_
_database_2.database_id 
_database_2.database_code 
_database_2.pdbx_database_accession 
_database_2.pdbx_DOI 
PDB   3M9G         pdb_00003m9g 10.2210/pdb3m9g/pdb 
RCSB  RCSB058275   ?            ?                   
WWPDB D_1000058275 ?            ?                   
# 
loop_
_pdbx_audit_revision_history.ordinal 
_pdbx_audit_revision_history.data_content_type 
_pdbx_audit_revision_history.major_revision 
_pdbx_audit_revision_history.minor_revision 
_pdbx_audit_revision_history.revision_date 
1 'Structure model' 1 0 2010-11-03 
2 'Structure model' 1 1 2011-07-13 
3 'Structure model' 1 2 2024-03-20 
# 
_pdbx_audit_revision_details.ordinal             1 
_pdbx_audit_revision_details.revision_ordinal    1 
_pdbx_audit_revision_details.data_content_type   'Structure model' 
_pdbx_audit_revision_details.provider            repository 
_pdbx_audit_revision_details.type                'Initial release' 
_pdbx_audit_revision_details.description         ? 
_pdbx_audit_revision_details.details             ? 
# 
loop_
_pdbx_audit_revision_group.ordinal 
_pdbx_audit_revision_group.revision_ordinal 
_pdbx_audit_revision_group.data_content_type 
_pdbx_audit_revision_group.group 
1 2 'Structure model' 'Version format compliance' 
2 3 'Structure model' 'Data collection'           
3 3 'Structure model' 'Database references'       
4 3 'Structure model' 'Derived calculations'      
# 
loop_
_pdbx_audit_revision_category.ordinal 
_pdbx_audit_revision_category.revision_ordinal 
_pdbx_audit_revision_category.data_content_type 
_pdbx_audit_revision_category.category 
1 3 'Structure model' chem_comp_atom         
2 3 'Structure model' chem_comp_bond         
3 3 'Structure model' database_2             
4 3 'Structure model' pdbx_struct_conn_angle 
5 3 'Structure model' struct_conn            
6 3 'Structure model' struct_site            
# 
loop_
_pdbx_audit_revision_item.ordinal 
_pdbx_audit_revision_item.revision_ordinal 
_pdbx_audit_revision_item.data_content_type 
_pdbx_audit_revision_item.item 
1  3 'Structure model' '_database_2.pdbx_DOI'                        
2  3 'Structure model' '_database_2.pdbx_database_accession'         
3  3 'Structure model' '_pdbx_struct_conn_angle.ptnr1_auth_comp_id'  
4  3 'Structure model' '_pdbx_struct_conn_angle.ptnr1_auth_seq_id'   
5  3 'Structure model' '_pdbx_struct_conn_angle.ptnr1_label_asym_id' 
6  3 'Structure model' '_pdbx_struct_conn_angle.ptnr1_label_atom_id' 
7  3 'Structure model' '_pdbx_struct_conn_angle.ptnr1_label_comp_id' 
8  3 'Structure model' '_pdbx_struct_conn_angle.ptnr1_label_seq_id'  
9  3 'Structure model' '_pdbx_struct_conn_angle.ptnr2_auth_seq_id'   
10 3 'Structure model' '_pdbx_struct_conn_angle.ptnr2_label_asym_id' 
11 3 'Structure model' '_pdbx_struct_conn_angle.ptnr3_auth_comp_id'  
12 3 'Structure model' '_pdbx_struct_conn_angle.ptnr3_auth_seq_id'   
13 3 'Structure model' '_pdbx_struct_conn_angle.ptnr3_label_asym_id' 
14 3 'Structure model' '_pdbx_struct_conn_angle.ptnr3_label_atom_id' 
15 3 'Structure model' '_pdbx_struct_conn_angle.ptnr3_label_comp_id' 
16 3 'Structure model' '_pdbx_struct_conn_angle.ptnr3_label_seq_id'  
17 3 'Structure model' '_pdbx_struct_conn_angle.value'               
18 3 'Structure model' '_struct_conn.pdbx_dist_value'                
19 3 'Structure model' '_struct_conn.ptnr1_auth_comp_id'             
20 3 'Structure model' '_struct_conn.ptnr1_auth_seq_id'              
21 3 'Structure model' '_struct_conn.ptnr1_label_asym_id'            
22 3 'Structure model' '_struct_conn.ptnr1_label_atom_id'            
23 3 'Structure model' '_struct_conn.ptnr1_label_comp_id'            
24 3 'Structure model' '_struct_conn.ptnr1_label_seq_id'             
25 3 'Structure model' '_struct_conn.ptnr2_auth_comp_id'             
26 3 'Structure model' '_struct_conn.ptnr2_auth_seq_id'              
27 3 'Structure model' '_struct_conn.ptnr2_label_asym_id'            
28 3 'Structure model' '_struct_conn.ptnr2_label_atom_id'            
29 3 'Structure model' '_struct_conn.ptnr2_label_comp_id'            
30 3 'Structure model' '_struct_site.pdbx_auth_asym_id'              
31 3 'Structure model' '_struct_site.pdbx_auth_comp_id'              
32 3 'Structure model' '_struct_site.pdbx_auth_seq_id'               
# 
_pdbx_database_status.status_code                     REL 
_pdbx_database_status.entry_id                        3M9G 
_pdbx_database_status.recvd_initial_deposition_date   2010-03-22 
_pdbx_database_status.deposit_site                    RCSB 
_pdbx_database_status.process_site                    PDBJ 
_pdbx_database_status.status_code_sf                  REL 
_pdbx_database_status.status_code_mr                  ? 
_pdbx_database_status.SG_entry                        ? 
_pdbx_database_status.status_code_cs                  ? 
_pdbx_database_status.pdb_format_compatible           Y 
_pdbx_database_status.status_code_nmr_data            ? 
_pdbx_database_status.methods_development_category    ? 
# 
loop_
_audit_author.name 
_audit_author.pdbx_ordinal 
'Paracuellos, P.' 1 
'Ballandras, A.'  2 
'Robert, X.'      3 
'Creze, C.'       4 
'Cozzone, A.J.'   5 
'Duclos, B.'      6 
'Gouet, P.'       7 
# 
loop_
_citation.id 
_citation.title 
_citation.journal_abbrev 
_citation.journal_volume 
_citation.page_first 
_citation.page_last 
_citation.year 
_citation.journal_id_ASTM 
_citation.country 
_citation.journal_id_ISSN 
_citation.journal_id_CSD 
_citation.book_publisher 
_citation.pdbx_database_id_PubMed 
_citation.pdbx_database_id_DOI 
primary 
;The Extended Conformation of the 2.9-A Crystal Structure of the Three-PASTA Domain of a Ser/Thr Kinase from the Human Pathogen Staphylococcus aureus
;
J.Mol.Biol.                404 847  858  2010 JMOBAK UK 0022-2836 0070 ? 20965199 10.1016/j.jmb.2010.10.012 
1       
;Crystallization and initial X-ray diffraction study of the three PASTA domains of the Ser/Thr kinase Stk1 from the human pathogen Staphylococcus aureus
;
'Acta Crystallogr.,Sect.F' 65  1187 1189 2009 ?      DK 1744-3091 ?    ? 19923747 10.1107/S174430910904250X 
# 
loop_
_citation_author.citation_id 
_citation_author.name 
_citation_author.ordinal 
_citation_author.identifier_ORCID 
primary 'Paracuellos, P.'     1  ? 
primary 'Ballandras, A.'      2  ? 
primary 'Robert, X.'          3  ? 
primary 'Kahn, R.'            4  ? 
primary 'Herve, M.'           5  ? 
primary 'Mengin-Lecreulx, D.' 6  ? 
primary 'Cozzone, A.J.'       7  ? 
primary 'Duclos, B.'          8  ? 
primary 'Gouet, P.'           9  ? 
1       'Paracuellos, P.'     10 ? 
1       'Ballandras, A.'      11 ? 
1       'Robert, X.'          12 ? 
1       'Cozzone, A.J.'       13 ? 
1       'Duclos, B.'          14 ? 
1       'Gouet, P.'           15 ? 
# 
loop_
_entity.id 
_entity.type 
_entity.src_method 
_entity.pdbx_description 
_entity.formula_weight 
_entity.pdbx_number_of_molecules 
_entity.pdbx_ec 
_entity.pdbx_mutation 
_entity.pdbx_fragment 
_entity.details 
1 polymer     man 'Protein kinase' 22351.094 1  2.7.11.1 ? 'residues 376-576' ? 
2 non-polymer syn 'ZINC ION'       65.409    7  ?        ? ?                  ? 
3 water       nat water            18.015    65 ?        ? ?                  ? 
# 
_entity_name_com.entity_id   1 
_entity_name_com.name        'SER/THR KINASE STK1' 
# 
_entity_poly.entity_id                      1 
_entity_poly.type                           'polypeptide(L)' 
_entity_poly.nstd_linkage                   no 
_entity_poly.nstd_monomer                   no 
_entity_poly.pdbx_seq_one_letter_code       
;YEETPDVIGKSVKEAEQIFNKNNLKLGKISRSYSDKYPENEIIKTTPNTGERVERGDSVDVVISKGPEKVKMPNVIGLPK
EEALQKLKSLGLKDVTIEKVYNNQAPKGYIANQSVTANTEIAIHDSNIKLYESLGIKQVYVEDFEHKSFSKAKKALEEKG
FKVESKEEYSDDIDEGDVISQSPKGKSVDEGSTISFVVSKG
;
_entity_poly.pdbx_seq_one_letter_code_can   
;YEETPDVIGKSVKEAEQIFNKNNLKLGKISRSYSDKYPENEIIKTTPNTGERVERGDSVDVVISKGPEKVKMPNVIGLPK
EEALQKLKSLGLKDVTIEKVYNNQAPKGYIANQSVTANTEIAIHDSNIKLYESLGIKQVYVEDFEHKSFSKAKKALEEKG
FKVESKEEYSDDIDEGDVISQSPKGKSVDEGSTISFVVSKG
;
_entity_poly.pdbx_strand_id                 A 
_entity_poly.pdbx_target_identifier         ? 
# 
loop_
_pdbx_entity_nonpoly.entity_id 
_pdbx_entity_nonpoly.name 
_pdbx_entity_nonpoly.comp_id 
2 'ZINC ION' ZN  
3 water      HOH 
# 
loop_
_entity_poly_seq.entity_id 
_entity_poly_seq.num 
_entity_poly_seq.mon_id 
_entity_poly_seq.hetero 
1 1   TYR n 
1 2   GLU n 
1 3   GLU n 
1 4   THR n 
1 5   PRO n 
1 6   ASP n 
1 7   VAL n 
1 8   ILE n 
1 9   GLY n 
1 10  LYS n 
1 11  SER n 
1 12  VAL n 
1 13  LYS n 
1 14  GLU n 
1 15  ALA n 
1 16  GLU n 
1 17  GLN n 
1 18  ILE n 
1 19  PHE n 
1 20  ASN n 
1 21  LYS n 
1 22  ASN n 
1 23  ASN n 
1 24  LEU n 
1 25  LYS n 
1 26  LEU n 
1 27  GLY n 
1 28  LYS n 
1 29  ILE n 
1 30  SER n 
1 31  ARG n 
1 32  SER n 
1 33  TYR n 
1 34  SER n 
1 35  ASP n 
1 36  LYS n 
1 37  TYR n 
1 38  PRO n 
1 39  GLU n 
1 40  ASN n 
1 41  GLU n 
1 42  ILE n 
1 43  ILE n 
1 44  LYS n 
1 45  THR n 
1 46  THR n 
1 47  PRO n 
1 48  ASN n 
1 49  THR n 
1 50  GLY n 
1 51  GLU n 
1 52  ARG n 
1 53  VAL n 
1 54  GLU n 
1 55  ARG n 
1 56  GLY n 
1 57  ASP n 
1 58  SER n 
1 59  VAL n 
1 60  ASP n 
1 61  VAL n 
1 62  VAL n 
1 63  ILE n 
1 64  SER n 
1 65  LYS n 
1 66  GLY n 
1 67  PRO n 
1 68  GLU n 
1 69  LYS n 
1 70  VAL n 
1 71  LYS n 
1 72  MET n 
1 73  PRO n 
1 74  ASN n 
1 75  VAL n 
1 76  ILE n 
1 77  GLY n 
1 78  LEU n 
1 79  PRO n 
1 80  LYS n 
1 81  GLU n 
1 82  GLU n 
1 83  ALA n 
1 84  LEU n 
1 85  GLN n 
1 86  LYS n 
1 87  LEU n 
1 88  LYS n 
1 89  SER n 
1 90  LEU n 
1 91  GLY n 
1 92  LEU n 
1 93  LYS n 
1 94  ASP n 
1 95  VAL n 
1 96  THR n 
1 97  ILE n 
1 98  GLU n 
1 99  LYS n 
1 100 VAL n 
1 101 TYR n 
1 102 ASN n 
1 103 ASN n 
1 104 GLN n 
1 105 ALA n 
1 106 PRO n 
1 107 LYS n 
1 108 GLY n 
1 109 TYR n 
1 110 ILE n 
1 111 ALA n 
1 112 ASN n 
1 113 GLN n 
1 114 SER n 
1 115 VAL n 
1 116 THR n 
1 117 ALA n 
1 118 ASN n 
1 119 THR n 
1 120 GLU n 
1 121 ILE n 
1 122 ALA n 
1 123 ILE n 
1 124 HIS n 
1 125 ASP n 
1 126 SER n 
1 127 ASN n 
1 128 ILE n 
1 129 LYS n 
1 130 LEU n 
1 131 TYR n 
1 132 GLU n 
1 133 SER n 
1 134 LEU n 
1 135 GLY n 
1 136 ILE n 
1 137 LYS n 
1 138 GLN n 
1 139 VAL n 
1 140 TYR n 
1 141 VAL n 
1 142 GLU n 
1 143 ASP n 
1 144 PHE n 
1 145 GLU n 
1 146 HIS n 
1 147 LYS n 
1 148 SER n 
1 149 PHE n 
1 150 SER n 
1 151 LYS n 
1 152 ALA n 
1 153 LYS n 
1 154 LYS n 
1 155 ALA n 
1 156 LEU n 
1 157 GLU n 
1 158 GLU n 
1 159 LYS n 
1 160 GLY n 
1 161 PHE n 
1 162 LYS n 
1 163 VAL n 
1 164 GLU n 
1 165 SER n 
1 166 LYS n 
1 167 GLU n 
1 168 GLU n 
1 169 TYR n 
1 170 SER n 
1 171 ASP n 
1 172 ASP n 
1 173 ILE n 
1 174 ASP n 
1 175 GLU n 
1 176 GLY n 
1 177 ASP n 
1 178 VAL n 
1 179 ILE n 
1 180 SER n 
1 181 GLN n 
1 182 SER n 
1 183 PRO n 
1 184 LYS n 
1 185 GLY n 
1 186 LYS n 
1 187 SER n 
1 188 VAL n 
1 189 ASP n 
1 190 GLU n 
1 191 GLY n 
1 192 SER n 
1 193 THR n 
1 194 ILE n 
1 195 SER n 
1 196 PHE n 
1 197 VAL n 
1 198 VAL n 
1 199 SER n 
1 200 LYS n 
1 201 GLY n 
# 
_entity_src_gen.entity_id                          1 
_entity_src_gen.pdbx_src_id                        1 
_entity_src_gen.pdbx_alt_source_flag               sample 
_entity_src_gen.pdbx_seq_type                      ? 
_entity_src_gen.pdbx_beg_seq_num                   ? 
_entity_src_gen.pdbx_end_seq_num                   ? 
_entity_src_gen.gene_src_common_name               ? 
_entity_src_gen.gene_src_genus                     ? 
_entity_src_gen.pdbx_gene_src_gene                 SA1063 
_entity_src_gen.gene_src_species                   ? 
_entity_src_gen.gene_src_strain                    N315 
_entity_src_gen.gene_src_tissue                    ? 
_entity_src_gen.gene_src_tissue_fraction           ? 
_entity_src_gen.gene_src_details                   ? 
_entity_src_gen.pdbx_gene_src_fragment             ? 
_entity_src_gen.pdbx_gene_src_scientific_name      'Staphylococcus aureus' 
_entity_src_gen.pdbx_gene_src_ncbi_taxonomy_id     158879 
_entity_src_gen.pdbx_gene_src_variant              ? 
_entity_src_gen.pdbx_gene_src_cell_line            ? 
_entity_src_gen.pdbx_gene_src_atcc                 ? 
_entity_src_gen.pdbx_gene_src_organ                ? 
_entity_src_gen.pdbx_gene_src_organelle            ? 
_entity_src_gen.pdbx_gene_src_cell                 ? 
_entity_src_gen.pdbx_gene_src_cellular_location    ? 
_entity_src_gen.host_org_common_name               ? 
_entity_src_gen.pdbx_host_org_scientific_name      'ESCHERICHIA COLI' 
_entity_src_gen.pdbx_host_org_ncbi_taxonomy_id     469008 
_entity_src_gen.host_org_genus                     ? 
_entity_src_gen.pdbx_host_org_gene                 ? 
_entity_src_gen.pdbx_host_org_organ                ? 
_entity_src_gen.host_org_species                   ? 
_entity_src_gen.pdbx_host_org_tissue               ? 
_entity_src_gen.pdbx_host_org_tissue_fraction      ? 
_entity_src_gen.pdbx_host_org_strain               BL21-DE3 
_entity_src_gen.pdbx_host_org_variant              ? 
_entity_src_gen.pdbx_host_org_cell_line            ? 
_entity_src_gen.pdbx_host_org_atcc                 ? 
_entity_src_gen.pdbx_host_org_culture_collection   ? 
_entity_src_gen.pdbx_host_org_cell                 ? 
_entity_src_gen.pdbx_host_org_organelle            ? 
_entity_src_gen.pdbx_host_org_cellular_location    ? 
_entity_src_gen.pdbx_host_org_vector_type          PLASMID 
_entity_src_gen.pdbx_host_org_vector               ? 
_entity_src_gen.host_org_details                   ? 
_entity_src_gen.expression_system_id               ? 
_entity_src_gen.plasmid_name                       PET28A 
_entity_src_gen.plasmid_details                    ? 
_entity_src_gen.pdbx_description                   ? 
# 
loop_
_chem_comp.id 
_chem_comp.type 
_chem_comp.mon_nstd_flag 
_chem_comp.name 
_chem_comp.pdbx_synonyms 
_chem_comp.formula 
_chem_comp.formula_weight 
ALA 'L-peptide linking' y ALANINE         ? 'C3 H7 N O2'     89.093  
ARG 'L-peptide linking' y ARGININE        ? 'C6 H15 N4 O2 1' 175.209 
ASN 'L-peptide linking' y ASPARAGINE      ? 'C4 H8 N2 O3'    132.118 
ASP 'L-peptide linking' y 'ASPARTIC ACID' ? 'C4 H7 N O4'     133.103 
GLN 'L-peptide linking' y GLUTAMINE       ? 'C5 H10 N2 O3'   146.144 
GLU 'L-peptide linking' y 'GLUTAMIC ACID' ? 'C5 H9 N O4'     147.129 
GLY 'peptide linking'   y GLYCINE         ? 'C2 H5 N O2'     75.067  
HIS 'L-peptide linking' y HISTIDINE       ? 'C6 H10 N3 O2 1' 156.162 
HOH non-polymer         . WATER           ? 'H2 O'           18.015  
ILE 'L-peptide linking' y ISOLEUCINE      ? 'C6 H13 N O2'    131.173 
LEU 'L-peptide linking' y LEUCINE         ? 'C6 H13 N O2'    131.173 
LYS 'L-peptide linking' y LYSINE          ? 'C6 H15 N2 O2 1' 147.195 
MET 'L-peptide linking' y METHIONINE      ? 'C5 H11 N O2 S'  149.211 
PHE 'L-peptide linking' y PHENYLALANINE   ? 'C9 H11 N O2'    165.189 
PRO 'L-peptide linking' y PROLINE         ? 'C5 H9 N O2'     115.130 
SER 'L-peptide linking' y SERINE          ? 'C3 H7 N O3'     105.093 
THR 'L-peptide linking' y THREONINE       ? 'C4 H9 N O3'     119.119 
TYR 'L-peptide linking' y TYROSINE        ? 'C9 H11 N O3'    181.189 
VAL 'L-peptide linking' y VALINE          ? 'C5 H11 N O2'    117.146 
ZN  non-polymer         . 'ZINC ION'      ? 'Zn 2'           65.409  
# 
loop_
_pdbx_poly_seq_scheme.asym_id 
_pdbx_poly_seq_scheme.entity_id 
_pdbx_poly_seq_scheme.seq_id 
_pdbx_poly_seq_scheme.mon_id 
_pdbx_poly_seq_scheme.ndb_seq_num 
_pdbx_poly_seq_scheme.pdb_seq_num 
_pdbx_poly_seq_scheme.auth_seq_num 
_pdbx_poly_seq_scheme.pdb_mon_id 
_pdbx_poly_seq_scheme.auth_mon_id 
_pdbx_poly_seq_scheme.pdb_strand_id 
_pdbx_poly_seq_scheme.pdb_ins_code 
_pdbx_poly_seq_scheme.hetero 
A 1 1   TYR 1   376 376 TYR TYR A . n 
A 1 2   GLU 2   377 377 GLU GLU A . n 
A 1 3   GLU 3   378 378 GLU GLU A . n 
A 1 4   THR 4   379 379 THR THR A . n 
A 1 5   PRO 5   380 380 PRO PRO A . n 
A 1 6   ASP 6   381 381 ASP ASP A . n 
A 1 7   VAL 7   382 382 VAL VAL A . n 
A 1 8   ILE 8   383 383 ILE ILE A . n 
A 1 9   GLY 9   384 384 GLY GLY A . n 
A 1 10  LYS 10  385 385 LYS LYS A . n 
A 1 11  SER 11  386 386 SER SER A . n 
A 1 12  VAL 12  387 387 VAL VAL A . n 
A 1 13  LYS 13  388 388 LYS LYS A . n 
A 1 14  GLU 14  389 389 GLU GLU A . n 
A 1 15  ALA 15  390 390 ALA ALA A . n 
A 1 16  GLU 16  391 391 GLU GLU A . n 
A 1 17  GLN 17  392 392 GLN GLN A . n 
A 1 18  ILE 18  393 393 ILE ILE A . n 
A 1 19  PHE 19  394 394 PHE PHE A . n 
A 1 20  ASN 20  395 395 ASN ASN A . n 
A 1 21  LYS 21  396 396 LYS LYS A . n 
A 1 22  ASN 22  397 397 ASN ASN A . n 
A 1 23  ASN 23  398 398 ASN ASN A . n 
A 1 24  LEU 24  399 399 LEU LEU A . n 
A 1 25  LYS 25  400 400 LYS LYS A . n 
A 1 26  LEU 26  401 401 LEU LEU A . n 
A 1 27  GLY 27  402 402 GLY GLY A . n 
A 1 28  LYS 28  403 403 LYS LYS A . n 
A 1 29  ILE 29  404 404 ILE ILE A . n 
A 1 30  SER 30  405 405 SER SER A . n 
A 1 31  ARG 31  406 406 ARG ARG A . n 
A 1 32  SER 32  407 407 SER SER A . n 
A 1 33  TYR 33  408 408 TYR TYR A . n 
A 1 34  SER 34  409 409 SER SER A . n 
A 1 35  ASP 35  410 410 ASP ASP A . n 
A 1 36  LYS 36  411 411 LYS LYS A . n 
A 1 37  TYR 37  412 412 TYR TYR A . n 
A 1 38  PRO 38  413 413 PRO PRO A . n 
A 1 39  GLU 39  414 414 GLU GLU A . n 
A 1 40  ASN 40  415 415 ASN ASN A . n 
A 1 41  GLU 41  416 416 GLU GLU A . n 
A 1 42  ILE 42  417 417 ILE ILE A . n 
A 1 43  ILE 43  418 418 ILE ILE A . n 
A 1 44  LYS 44  419 419 LYS LYS A . n 
A 1 45  THR 45  420 420 THR THR A . n 
A 1 46  THR 46  421 421 THR THR A . n 
A 1 47  PRO 47  422 422 PRO PRO A . n 
A 1 48  ASN 48  423 423 ASN ASN A . n 
A 1 49  THR 49  424 424 THR THR A . n 
A 1 50  GLY 50  425 425 GLY GLY A . n 
A 1 51  GLU 51  426 426 GLU GLU A . n 
A 1 52  ARG 52  427 427 ARG ARG A . n 
A 1 53  VAL 53  428 428 VAL VAL A . n 
A 1 54  GLU 54  429 429 GLU GLU A . n 
A 1 55  ARG 55  430 430 ARG ARG A . n 
A 1 56  GLY 56  431 431 GLY GLY A . n 
A 1 57  ASP 57  432 432 ASP ASP A . n 
A 1 58  SER 58  433 433 SER SER A . n 
A 1 59  VAL 59  434 434 VAL VAL A . n 
A 1 60  ASP 60  435 435 ASP ASP A . n 
A 1 61  VAL 61  436 436 VAL VAL A . n 
A 1 62  VAL 62  437 437 VAL VAL A . n 
A 1 63  ILE 63  438 438 ILE ILE A . n 
A 1 64  SER 64  439 439 SER SER A . n 
A 1 65  LYS 65  440 440 LYS LYS A . n 
A 1 66  GLY 66  441 441 GLY GLY A . n 
A 1 67  PRO 67  442 442 PRO PRO A . n 
A 1 68  GLU 68  443 443 GLU GLU A . n 
A 1 69  LYS 69  444 444 LYS LYS A . n 
A 1 70  VAL 70  445 445 VAL VAL A . n 
A 1 71  LYS 71  446 446 LYS LYS A . n 
A 1 72  MET 72  447 447 MET MET A . n 
A 1 73  PRO 73  448 448 PRO PRO A . n 
A 1 74  ASN 74  449 449 ASN ASN A . n 
A 1 75  VAL 75  450 450 VAL VAL A . n 
A 1 76  ILE 76  451 451 ILE ILE A . n 
A 1 77  GLY 77  452 452 GLY GLY A . n 
A 1 78  LEU 78  453 453 LEU LEU A . n 
A 1 79  PRO 79  454 454 PRO PRO A . n 
A 1 80  LYS 80  455 455 LYS LYS A . n 
A 1 81  GLU 81  456 456 GLU GLU A . n 
A 1 82  GLU 82  457 457 GLU GLU A . n 
A 1 83  ALA 83  458 458 ALA ALA A . n 
A 1 84  LEU 84  459 459 LEU LEU A . n 
A 1 85  GLN 85  460 460 GLN GLN A . n 
A 1 86  LYS 86  461 461 LYS LYS A . n 
A 1 87  LEU 87  462 462 LEU LEU A . n 
A 1 88  LYS 88  463 463 LYS LYS A . n 
A 1 89  SER 89  464 464 SER SER A . n 
A 1 90  LEU 90  465 465 LEU LEU A . n 
A 1 91  GLY 91  466 466 GLY GLY A . n 
A 1 92  LEU 92  467 467 LEU LEU A . n 
A 1 93  LYS 93  468 468 LYS LYS A . n 
A 1 94  ASP 94  469 469 ASP ASP A . n 
A 1 95  VAL 95  470 470 VAL VAL A . n 
A 1 96  THR 96  471 471 THR THR A . n 
A 1 97  ILE 97  472 472 ILE ILE A . n 
A 1 98  GLU 98  473 473 GLU GLU A . n 
A 1 99  LYS 99  474 474 LYS LYS A . n 
A 1 100 VAL 100 475 475 VAL VAL A . n 
A 1 101 TYR 101 476 476 TYR TYR A . n 
A 1 102 ASN 102 477 477 ASN ASN A . n 
A 1 103 ASN 103 478 478 ASN ASN A . n 
A 1 104 GLN 104 479 479 GLN GLN A . n 
A 1 105 ALA 105 480 480 ALA ALA A . n 
A 1 106 PRO 106 481 481 PRO PRO A . n 
A 1 107 LYS 107 482 482 LYS LYS A . n 
A 1 108 GLY 108 483 483 GLY GLY A . n 
A 1 109 TYR 109 484 484 TYR TYR A . n 
A 1 110 ILE 110 485 485 ILE ILE A . n 
A 1 111 ALA 111 486 486 ALA ALA A . n 
A 1 112 ASN 112 487 487 ASN ASN A . n 
A 1 113 GLN 113 488 488 GLN GLN A . n 
A 1 114 SER 114 489 489 SER SER A . n 
A 1 115 VAL 115 490 490 VAL VAL A . n 
A 1 116 THR 116 491 491 THR THR A . n 
A 1 117 ALA 117 492 492 ALA ALA A . n 
A 1 118 ASN 118 493 493 ASN ASN A . n 
A 1 119 THR 119 494 494 THR THR A . n 
A 1 120 GLU 120 495 495 GLU GLU A . n 
A 1 121 ILE 121 496 496 ILE ILE A . n 
A 1 122 ALA 122 497 497 ALA ALA A . n 
A 1 123 ILE 123 498 498 ILE ILE A . n 
A 1 124 HIS 124 499 499 HIS HIS A . n 
A 1 125 ASP 125 500 500 ASP ASP A . n 
A 1 126 SER 126 501 501 SER SER A . n 
A 1 127 ASN 127 502 502 ASN ASN A . n 
A 1 128 ILE 128 503 503 ILE ILE A . n 
A 1 129 LYS 129 504 504 LYS LYS A . n 
A 1 130 LEU 130 505 505 LEU LEU A . n 
A 1 131 TYR 131 506 506 TYR TYR A . n 
A 1 132 GLU 132 507 507 GLU GLU A . n 
A 1 133 SER 133 508 508 SER SER A . n 
A 1 134 LEU 134 509 509 LEU LEU A . n 
A 1 135 GLY 135 510 510 GLY GLY A . n 
A 1 136 ILE 136 511 511 ILE ILE A . n 
A 1 137 LYS 137 512 512 LYS LYS A . n 
A 1 138 GLN 138 513 513 GLN GLN A . n 
A 1 139 VAL 139 514 514 VAL VAL A . n 
A 1 140 TYR 140 515 515 TYR TYR A . n 
A 1 141 VAL 141 516 516 VAL VAL A . n 
A 1 142 GLU 142 517 517 GLU GLU A . n 
A 1 143 ASP 143 518 518 ASP ASP A . n 
A 1 144 PHE 144 519 519 PHE PHE A . n 
A 1 145 GLU 145 520 520 GLU GLU A . n 
A 1 146 HIS 146 521 521 HIS HIS A . n 
A 1 147 LYS 147 522 522 LYS LYS A . n 
A 1 148 SER 148 523 523 SER SER A . n 
A 1 149 PHE 149 524 524 PHE PHE A . n 
A 1 150 SER 150 525 525 SER SER A . n 
A 1 151 LYS 151 526 526 LYS LYS A . n 
A 1 152 ALA 152 527 527 ALA ALA A . n 
A 1 153 LYS 153 528 528 LYS LYS A . n 
A 1 154 LYS 154 529 529 LYS LYS A . n 
A 1 155 ALA 155 530 530 ALA ALA A . n 
A 1 156 LEU 156 531 531 LEU LEU A . n 
A 1 157 GLU 157 532 532 GLU GLU A . n 
A 1 158 GLU 158 533 533 GLU GLU A . n 
A 1 159 LYS 159 534 534 LYS LYS A . n 
A 1 160 GLY 160 535 535 GLY GLY A . n 
A 1 161 PHE 161 536 536 PHE PHE A . n 
A 1 162 LYS 162 537 537 LYS LYS A . n 
A 1 163 VAL 163 538 538 VAL VAL A . n 
A 1 164 GLU 164 539 539 GLU GLU A . n 
A 1 165 SER 165 540 540 SER SER A . n 
A 1 166 LYS 166 541 541 LYS LYS A . n 
A 1 167 GLU 167 542 542 GLU GLU A . n 
A 1 168 GLU 168 543 543 GLU GLU A . n 
A 1 169 TYR 169 544 544 TYR TYR A . n 
A 1 170 SER 170 545 545 SER SER A . n 
A 1 171 ASP 171 546 546 ASP ASP A . n 
A 1 172 ASP 172 547 547 ASP ASP A . n 
A 1 173 ILE 173 548 548 ILE ILE A . n 
A 1 174 ASP 174 549 549 ASP ASP A . n 
A 1 175 GLU 175 550 550 GLU GLU A . n 
A 1 176 GLY 176 551 551 GLY GLY A . n 
A 1 177 ASP 177 552 552 ASP ASP A . n 
A 1 178 VAL 178 553 553 VAL VAL A . n 
A 1 179 ILE 179 554 554 ILE ILE A . n 
A 1 180 SER 180 555 555 SER SER A . n 
A 1 181 GLN 181 556 556 GLN GLN A . n 
A 1 182 SER 182 557 557 SER SER A . n 
A 1 183 PRO 183 558 558 PRO PRO A . n 
A 1 184 LYS 184 559 559 LYS LYS A . n 
A 1 185 GLY 185 560 560 GLY GLY A . n 
A 1 186 LYS 186 561 561 LYS LYS A . n 
A 1 187 SER 187 562 562 SER SER A . n 
A 1 188 VAL 188 563 563 VAL VAL A . n 
A 1 189 ASP 189 564 564 ASP ASP A . n 
A 1 190 GLU 190 565 565 GLU GLU A . n 
A 1 191 GLY 191 566 566 GLY GLY A . n 
A 1 192 SER 192 567 567 SER SER A . n 
A 1 193 THR 193 568 568 THR THR A . n 
A 1 194 ILE 194 569 569 ILE ILE A . n 
A 1 195 SER 195 570 570 SER SER A . n 
A 1 196 PHE 196 571 571 PHE PHE A . n 
A 1 197 VAL 197 572 572 VAL VAL A . n 
A 1 198 VAL 198 573 573 VAL VAL A . n 
A 1 199 SER 199 574 574 SER SER A . n 
A 1 200 LYS 200 575 575 LYS LYS A . n 
A 1 201 GLY 201 576 576 GLY GLY A . n 
# 
loop_
_pdbx_nonpoly_scheme.asym_id 
_pdbx_nonpoly_scheme.entity_id 
_pdbx_nonpoly_scheme.mon_id 
_pdbx_nonpoly_scheme.ndb_seq_num 
_pdbx_nonpoly_scheme.pdb_seq_num 
_pdbx_nonpoly_scheme.auth_seq_num 
_pdbx_nonpoly_scheme.pdb_mon_id 
_pdbx_nonpoly_scheme.auth_mon_id 
_pdbx_nonpoly_scheme.pdb_strand_id 
_pdbx_nonpoly_scheme.pdb_ins_code 
B 2 ZN  1  2000 2000 ZN  ZN  A . 
C 2 ZN  1  2001 2001 ZN  ZN  A . 
D 2 ZN  1  2002 2002 ZN  ZN  A . 
E 2 ZN  1  2003 2003 ZN  ZN  A . 
F 2 ZN  1  2004 2004 ZN  ZN  A . 
G 2 ZN  1  2005 2005 ZN  ZN  A . 
H 2 ZN  1  2006 2006 ZN  ZN  A . 
I 3 HOH 1  1000 1000 HOH HOH A . 
I 3 HOH 2  1001 1001 HOH HOH A . 
I 3 HOH 3  1003 1003 HOH HOH A . 
I 3 HOH 4  1004 1004 HOH HOH A . 
I 3 HOH 5  1005 1005 HOH HOH A . 
I 3 HOH 6  1006 1006 HOH HOH A . 
I 3 HOH 7  1007 1007 HOH HOH A . 
I 3 HOH 8  1008 1008 HOH HOH A . 
I 3 HOH 9  1009 1009 HOH HOH A . 
I 3 HOH 10 1010 1010 HOH HOH A . 
I 3 HOH 11 1011 1011 HOH HOH A . 
I 3 HOH 12 1012 1012 HOH HOH A . 
I 3 HOH 13 1013 1013 HOH HOH A . 
I 3 HOH 14 1014 1014 HOH HOH A . 
I 3 HOH 15 1015 1015 HOH HOH A . 
I 3 HOH 16 1016 1016 HOH HOH A . 
I 3 HOH 17 1017 1017 HOH HOH A . 
I 3 HOH 18 1018 1018 HOH HOH A . 
I 3 HOH 19 1019 1019 HOH HOH A . 
I 3 HOH 20 1020 1020 HOH HOH A . 
I 3 HOH 21 1021 1021 HOH HOH A . 
I 3 HOH 22 1022 1022 HOH HOH A . 
I 3 HOH 23 1023 1023 HOH HOH A . 
I 3 HOH 24 1024 1024 HOH HOH A . 
I 3 HOH 25 1025 1025 HOH HOH A . 
I 3 HOH 26 1026 1026 HOH HOH A . 
I 3 HOH 27 1027 1027 HOH HOH A . 
I 3 HOH 28 1028 1028 HOH HOH A . 
I 3 HOH 29 1029 1029 HOH HOH A . 
I 3 HOH 30 1030 1030 HOH HOH A . 
I 3 HOH 31 1031 1031 HOH HOH A . 
I 3 HOH 32 1032 1032 HOH HOH A . 
I 3 HOH 33 1033 1033 HOH HOH A . 
I 3 HOH 34 1034 1034 HOH HOH A . 
I 3 HOH 35 1035 1035 HOH HOH A . 
I 3 HOH 36 1036 1036 HOH HOH A . 
I 3 HOH 37 1037 1037 HOH HOH A . 
I 3 HOH 38 1038 1038 HOH HOH A . 
I 3 HOH 39 1039 1039 HOH HOH A . 
I 3 HOH 40 1040 1040 HOH HOH A . 
I 3 HOH 41 1041 1041 HOH HOH A . 
I 3 HOH 42 1042 1042 HOH HOH A . 
I 3 HOH 43 1043 1043 HOH HOH A . 
I 3 HOH 44 1044 1044 HOH HOH A . 
I 3 HOH 45 1045 1045 HOH HOH A . 
I 3 HOH 46 1046 1046 HOH HOH A . 
I 3 HOH 47 1047 1047 HOH HOH A . 
I 3 HOH 48 1048 1048 HOH HOH A . 
I 3 HOH 49 1049 1049 HOH HOH A . 
I 3 HOH 50 1050 1050 HOH HOH A . 
I 3 HOH 51 1051 1051 HOH HOH A . 
I 3 HOH 52 1052 1052 HOH HOH A . 
I 3 HOH 53 1053 1053 HOH HOH A . 
I 3 HOH 54 1054 1054 HOH HOH A . 
I 3 HOH 55 1055 1055 HOH HOH A . 
I 3 HOH 56 1056 1056 HOH HOH A . 
I 3 HOH 57 1057 1057 HOH HOH A . 
I 3 HOH 58 1058 1058 HOH HOH A . 
I 3 HOH 59 1059 1059 HOH HOH A . 
I 3 HOH 60 1060 1060 HOH HOH A . 
I 3 HOH 61 1061 1061 HOH HOH A . 
I 3 HOH 62 1062 1062 HOH HOH A . 
I 3 HOH 63 1063 1063 HOH HOH A . 
I 3 HOH 64 1064 1064 HOH HOH A . 
I 3 HOH 65 1065 1065 HOH HOH A . 
# 
loop_
_software.name 
_software.classification 
_software.version 
_software.citation_id 
_software.pdbx_ordinal 
ADSC   'data collection' Quantum  ? 1 
SHARP  phasing           .        ? 2 
REFMAC refinement        5.5.0109 ? 3 
XDS    'data reduction'  .        ? 4 
XSCALE 'data scaling'    .        ? 5 
# 
_cell.entry_id           3M9G 
_cell.length_a           91.860 
_cell.length_b           101.210 
_cell.length_c           74.750 
_cell.angle_alpha        90.00 
_cell.angle_beta         90.00 
_cell.angle_gamma        90.00 
_cell.Z_PDB              8 
_cell.pdbx_unique_axis   ? 
_cell.length_a_esd       ? 
_cell.length_b_esd       ? 
_cell.length_c_esd       ? 
_cell.angle_alpha_esd    ? 
_cell.angle_beta_esd     ? 
_cell.angle_gamma_esd    ? 
# 
_symmetry.entry_id                         3M9G 
_symmetry.space_group_name_H-M             'C 2 2 21' 
_symmetry.pdbx_full_space_group_name_H-M   ? 
_symmetry.cell_setting                     ? 
_symmetry.Int_Tables_number                20 
_symmetry.space_group_name_Hall            ? 
# 
_exptl.entry_id          3M9G 
_exptl.method            'X-RAY DIFFRACTION' 
_exptl.crystals_number   2 
# 
_exptl_crystal.id                    1 
_exptl_crystal.density_meas          ? 
_exptl_crystal.density_Matthews      3.89 
_exptl_crystal.density_percent_sol   68.35 
_exptl_crystal.description           ? 
_exptl_crystal.F_000                 ? 
_exptl_crystal.preparation           ? 
# 
_exptl_crystal_grow.crystal_id      1 
_exptl_crystal_grow.method          'VAPOR DIFFUSION, SITTING DROP' 
_exptl_crystal_grow.temp            290 
_exptl_crystal_grow.temp_details    ? 
_exptl_crystal_grow.pH              5.2 
_exptl_crystal_grow.pdbx_details    
'0.1M IMIDAZOLE pH7.5, 0.8M ZN SULFATE pH 5.23, VAPOR DIFFUSION, SITTING DROP, TEMPERATURE 290K' 
_exptl_crystal_grow.pdbx_pH_range   . 
# 
loop_
_diffrn.id 
_diffrn.ambient_temp 
_diffrn.ambient_temp_details 
_diffrn.crystal_id 
1 100 ? 1 
2 100 ? 1 
# 
loop_
_diffrn_detector.diffrn_id 
_diffrn_detector.detector 
_diffrn_detector.type 
_diffrn_detector.pdbx_collection_date 
_diffrn_detector.details 
1 CCD 'ADSC QUANTUM 315r' 2008-11-10 ? 
2 CCD 'ADSC QUANTUM 315r' 2008-11-10 ? 
# 
loop_
_diffrn_radiation.diffrn_id 
_diffrn_radiation.wavelength_id 
_diffrn_radiation.pdbx_monochromatic_or_laue_m_l 
_diffrn_radiation.monochromator 
_diffrn_radiation.pdbx_diffrn_protocol 
_diffrn_radiation.pdbx_scattering_type 
1 1 M 'SYNCHROTRON MIRRORS' 'SINGLE WAVELENGTH' x-ray 
2 1 M 'SYNCHROTRON MIRRORS' MAD                 x-ray 
# 
loop_
_diffrn_radiation_wavelength.id 
_diffrn_radiation_wavelength.wavelength 
_diffrn_radiation_wavelength.wt 
1 1.28200 1.0 
2 1.28253 1.0 
3 1.28314 1.0 
4 1.27557 1.0 
# 
loop_
_diffrn_source.diffrn_id 
_diffrn_source.source 
_diffrn_source.type 
_diffrn_source.pdbx_synchrotron_site 
_diffrn_source.pdbx_synchrotron_beamline 
_diffrn_source.pdbx_wavelength 
_diffrn_source.pdbx_wavelength_list 
1 SYNCHROTRON 'ESRF BEAMLINE ID14-4' ESRF ID14-4 ? 1.28200                     
2 SYNCHROTRON 'ESRF BEAMLINE BM30A'  ESRF BM30A  ? '1.28253, 1.28314, 1.27557' 
# 
_reflns.entry_id                     3M9G 
_reflns.observed_criterion_sigma_I   ? 
_reflns.observed_criterion_sigma_F   ? 
_reflns.d_resolution_low             20.000 
_reflns.d_resolution_high            2.900 
_reflns.number_obs                   8017 
_reflns.number_all                   ? 
_reflns.percent_possible_obs         99.4 
_reflns.pdbx_Rmerge_I_obs            ? 
_reflns.pdbx_Rsym_value              0.09100 
_reflns.pdbx_netI_over_sigmaI        16.7100 
_reflns.B_iso_Wilson_estimate        ? 
_reflns.pdbx_redundancy              6.990 
_reflns.R_free_details               ? 
_reflns.limit_h_max                  ? 
_reflns.limit_h_min                  ? 
_reflns.limit_k_max                  ? 
_reflns.limit_k_min                  ? 
_reflns.limit_l_max                  ? 
_reflns.limit_l_min                  ? 
_reflns.observed_criterion_F_max     ? 
_reflns.observed_criterion_F_min     ? 
_reflns.pdbx_chi_squared             ? 
_reflns.pdbx_scaling_rejects         ? 
_reflns.pdbx_diffrn_id               1,2 
_reflns.pdbx_ordinal                 1 
# 
_reflns_shell.d_res_high             2.90 
_reflns_shell.d_res_low              3.00 
_reflns_shell.percent_possible_all   99.6 
_reflns_shell.Rmerge_I_obs           ? 
_reflns_shell.pdbx_Rsym_value        0.43300 
_reflns_shell.meanI_over_sigI_obs    5.080 
_reflns_shell.pdbx_redundancy        7.20 
_reflns_shell.percent_possible_obs   ? 
_reflns_shell.number_unique_all      ? 
_reflns_shell.number_measured_all    ? 
_reflns_shell.number_measured_obs    ? 
_reflns_shell.number_unique_obs      ? 
_reflns_shell.pdbx_chi_squared       ? 
_reflns_shell.pdbx_diffrn_id         ? 
_reflns_shell.pdbx_ordinal           1 
# 
_refine.entry_id                                 3M9G 
_refine.ls_number_reflns_obs                     7151 
_refine.ls_number_reflns_all                     ? 
_refine.pdbx_ls_sigma_I                          ? 
_refine.pdbx_ls_sigma_F                          ? 
_refine.pdbx_data_cutoff_high_absF               ? 
_refine.pdbx_data_cutoff_low_absF                ? 
_refine.pdbx_data_cutoff_high_rms_absF           ? 
_refine.ls_d_res_low                             19.77 
_refine.ls_d_res_high                            2.90 
_refine.ls_percent_reflns_obs                    100.0 
_refine.ls_R_factor_obs                          0.23270 
_refine.ls_R_factor_all                          ? 
_refine.ls_R_factor_R_work                       0.22442 
_refine.ls_R_factor_R_free                       0.30457 
_refine.ls_R_factor_R_free_error                 ? 
_refine.ls_R_factor_R_free_error_details         ? 
_refine.ls_percent_reflns_R_free                 10.000 
_refine.ls_number_reflns_R_free                  795 
_refine.ls_number_parameters                     ? 
_refine.ls_number_restraints                     ? 
_refine.occupancy_min                            ? 
_refine.occupancy_max                            ? 
_refine.correlation_coeff_Fo_to_Fc               0.918 
_refine.correlation_coeff_Fo_to_Fc_free          0.849 
_refine.B_iso_mean                               43.683 
_refine.aniso_B[1][1]                            -2.48 
_refine.aniso_B[2][2]                            -1.76 
_refine.aniso_B[3][3]                            4.24 
_refine.aniso_B[1][2]                            0.00 
_refine.aniso_B[1][3]                            0.00 
_refine.aniso_B[2][3]                            0.00 
_refine.solvent_model_details                    MASK 
_refine.solvent_model_param_ksol                 ? 
_refine.solvent_model_param_bsol                 ? 
_refine.pdbx_solvent_vdw_probe_radii             1.20 
_refine.pdbx_solvent_ion_probe_radii             0.80 
_refine.pdbx_solvent_shrinkage_radii             0.80 
_refine.pdbx_ls_cross_valid_method               THROUGHOUT 
_refine.details                                  'HYDROGENS HAVE BEEN ADDED IN THE RIDING POSITIONS' 
_refine.pdbx_starting_model                      ? 
_refine.pdbx_method_to_determine_struct          MAD 
_refine.pdbx_isotropic_thermal_model             ? 
_refine.pdbx_stereochemistry_target_values       'MAXIMUM LIKELIHOOD' 
_refine.pdbx_stereochem_target_val_spec_case     ? 
_refine.pdbx_R_Free_selection_details            RANDOM 
_refine.pdbx_overall_ESU_R                       0.580 
_refine.pdbx_overall_ESU_R_Free                  0.439 
_refine.overall_SU_ML                            0.339 
_refine.overall_SU_B                             18.253 
_refine.ls_redundancy_reflns_obs                 ? 
_refine.B_iso_min                                ? 
_refine.B_iso_max                                ? 
_refine.overall_SU_R_Cruickshank_DPI             ? 
_refine.overall_SU_R_free                        ? 
_refine.ls_wR_factor_R_free                      ? 
_refine.ls_wR_factor_R_work                      ? 
_refine.overall_FOM_free_R_set                   ? 
_refine.overall_FOM_work_R_set                   ? 
_refine.pdbx_refine_id                           'X-RAY DIFFRACTION' 
_refine.pdbx_overall_phase_error                 ? 
_refine.pdbx_diffrn_id                           1 
_refine.pdbx_TLS_residual_ADP_flag               ? 
_refine.pdbx_overall_SU_R_free_Cruickshank_DPI   ? 
_refine.pdbx_overall_SU_R_Blow_DPI               ? 
_refine.pdbx_overall_SU_R_free_Blow_DPI          ? 
# 
_refine_hist.pdbx_refine_id                   'X-RAY DIFFRACTION' 
_refine_hist.cycle_id                         LAST 
_refine_hist.pdbx_number_atoms_protein        1572 
_refine_hist.pdbx_number_atoms_nucleic_acid   0 
_refine_hist.pdbx_number_atoms_ligand         7 
_refine_hist.number_atoms_solvent             65 
_refine_hist.number_atoms_total               1644 
_refine_hist.d_res_high                       2.90 
_refine_hist.d_res_low                        19.77 
# 
loop_
_refine_ls_restr.type 
_refine_ls_restr.dev_ideal 
_refine_ls_restr.dev_ideal_target 
_refine_ls_restr.weight 
_refine_ls_restr.number 
_refine_ls_restr.pdbx_refine_id 
_refine_ls_restr.pdbx_restraint_function 
r_bond_refined_d             0.024  0.022  ? 1594 'X-RAY DIFFRACTION' ? 
r_bond_other_d               ?      ?      ? ?    'X-RAY DIFFRACTION' ? 
r_angle_refined_deg          2.609  1.986  ? 2142 'X-RAY DIFFRACTION' ? 
r_angle_other_deg            ?      ?      ? ?    'X-RAY DIFFRACTION' ? 
r_dihedral_angle_1_deg       10.288 5.000  ? 200  'X-RAY DIFFRACTION' ? 
r_dihedral_angle_2_deg       41.626 27.000 ? 70   'X-RAY DIFFRACTION' ? 
r_dihedral_angle_3_deg       24.916 15.000 ? 318  'X-RAY DIFFRACTION' ? 
r_dihedral_angle_4_deg       14.422 15.000 ? 3    'X-RAY DIFFRACTION' ? 
r_chiral_restr               0.142  0.200  ? 239  'X-RAY DIFFRACTION' ? 
r_gen_planes_refined         0.016  0.021  ? 1170 'X-RAY DIFFRACTION' ? 
r_gen_planes_other           ?      ?      ? ?    'X-RAY DIFFRACTION' ? 
r_nbd_refined                ?      ?      ? ?    'X-RAY DIFFRACTION' ? 
r_nbd_other                  ?      ?      ? ?    'X-RAY DIFFRACTION' ? 
r_nbtor_refined              ?      ?      ? ?    'X-RAY DIFFRACTION' ? 
r_nbtor_other                ?      ?      ? ?    'X-RAY DIFFRACTION' ? 
r_xyhbond_nbd_refined        ?      ?      ? ?    'X-RAY DIFFRACTION' ? 
r_xyhbond_nbd_other          ?      ?      ? ?    'X-RAY DIFFRACTION' ? 
r_metal_ion_refined          ?      ?      ? ?    'X-RAY DIFFRACTION' ? 
r_metal_ion_other            ?      ?      ? ?    'X-RAY DIFFRACTION' ? 
r_symmetry_vdw_refined       ?      ?      ? ?    'X-RAY DIFFRACTION' ? 
r_symmetry_vdw_other         ?      ?      ? ?    'X-RAY DIFFRACTION' ? 
r_symmetry_hbond_refined     ?      ?      ? ?    'X-RAY DIFFRACTION' ? 
r_symmetry_hbond_other       ?      ?      ? ?    'X-RAY DIFFRACTION' ? 
r_symmetry_metal_ion_refined ?      ?      ? ?    'X-RAY DIFFRACTION' ? 
r_symmetry_metal_ion_other   ?      ?      ? ?    'X-RAY DIFFRACTION' ? 
r_mcbond_it                  ?      ?      ? ?    'X-RAY DIFFRACTION' ? 
r_mcbond_other               ?      ?      ? ?    'X-RAY DIFFRACTION' ? 
r_mcangle_it                 ?      ?      ? ?    'X-RAY DIFFRACTION' ? 
r_scbond_it                  ?      ?      ? ?    'X-RAY DIFFRACTION' ? 
r_scangle_it                 ?      ?      ? ?    'X-RAY DIFFRACTION' ? 
r_rigid_bond_restr           ?      ?      ? ?    'X-RAY DIFFRACTION' ? 
r_sphericity_free            ?      ?      ? ?    'X-RAY DIFFRACTION' ? 
r_sphericity_bonded          ?      ?      ? ?    'X-RAY DIFFRACTION' ? 
# 
_refine_ls_shell.pdbx_total_number_of_bins_used   20 
_refine_ls_shell.d_res_high                       2.900 
_refine_ls_shell.d_res_low                        2.974 
_refine_ls_shell.number_reflns_R_work             522 
_refine_ls_shell.R_factor_R_work                  0.275 
_refine_ls_shell.percent_reflns_obs               100.00 
_refine_ls_shell.R_factor_R_free                  0.466 
_refine_ls_shell.R_factor_R_free_error            ? 
_refine_ls_shell.percent_reflns_R_free            ? 
_refine_ls_shell.number_reflns_R_free             58 
_refine_ls_shell.number_reflns_all                ? 
_refine_ls_shell.R_factor_all                     ? 
_refine_ls_shell.number_reflns_obs                ? 
_refine_ls_shell.redundancy_reflns_obs            ? 
_refine_ls_shell.pdbx_refine_id                   'X-RAY DIFFRACTION' 
# 
_struct.entry_id                  3M9G 
_struct.title                     'Crystal structure of the three-PASTA-domain of a Ser/Thr kinase from Staphylococcus aureus' 
_struct.pdbx_model_details        ? 
_struct.pdbx_CASP_flag            ? 
_struct.pdbx_model_type_details   ? 
# 
_struct_keywords.entry_id        3M9G 
_struct_keywords.pdbx_keywords   TRANSFERASE 
_struct_keywords.text            
;PASTA DOMAIN, SER/THR KINASE, STK1, STAPHYLOCOCCUS AUREUS, EXTRACELLULAR DOMAIN, TRANSFERASE, ATP-BINDING, KINASE, NUCLEOTIDE-BINDING, SERINE/THREONINE-PROTEIN KINASE
;
# 
loop_
_struct_asym.id 
_struct_asym.pdbx_blank_PDB_chainid_flag 
_struct_asym.pdbx_modified 
_struct_asym.entity_id 
_struct_asym.details 
A N N 1 ? 
B N N 2 ? 
C N N 2 ? 
D N N 2 ? 
E N N 2 ? 
F N N 2 ? 
G N N 2 ? 
H N N 2 ? 
I N N 3 ? 
# 
_struct_ref.id                         1 
_struct_ref.db_name                    UNP 
_struct_ref.db_code                    Q7A5Z8_STAAN 
_struct_ref.pdbx_db_accession          Q7A5Z8 
_struct_ref.entity_id                  1 
_struct_ref.pdbx_seq_one_letter_code   
;YEETPDVIGKSVKEAEQIFNKNNLKLGKISRSYSDKYPENEIIKTTPNTGERVERGDSVDVVISKGPEKVKMPNVIGLPK
EEALQKLKSLGLKDVTIEKVYNNQAPKGYIANQSVTANTEIAIHDSNIKLYESLGIKQVYVEDFEHKSFSKAKKALEEKG
FKVESKEEYSDDIDEGDVISQSPKGKSVDEGSTISFVVSKG
;
_struct_ref.pdbx_align_begin           376 
_struct_ref.pdbx_db_isoform            ? 
# 
_struct_ref_seq.align_id                      1 
_struct_ref_seq.ref_id                        1 
_struct_ref_seq.pdbx_PDB_id_code              3M9G 
_struct_ref_seq.pdbx_strand_id                A 
_struct_ref_seq.seq_align_beg                 1 
_struct_ref_seq.pdbx_seq_align_beg_ins_code   ? 
_struct_ref_seq.seq_align_end                 201 
_struct_ref_seq.pdbx_seq_align_end_ins_code   ? 
_struct_ref_seq.pdbx_db_accession             Q7A5Z8 
_struct_ref_seq.db_align_beg                  376 
_struct_ref_seq.pdbx_db_align_beg_ins_code    ? 
_struct_ref_seq.db_align_end                  576 
_struct_ref_seq.pdbx_db_align_end_ins_code    ? 
_struct_ref_seq.pdbx_auth_seq_align_beg       376 
_struct_ref_seq.pdbx_auth_seq_align_end       576 
# 
_pdbx_struct_assembly.id                   1 
_pdbx_struct_assembly.details              author_and_software_defined_assembly 
_pdbx_struct_assembly.method_details       PISA 
_pdbx_struct_assembly.oligomeric_details   monomeric 
_pdbx_struct_assembly.oligomeric_count     1 
# 
_pdbx_struct_assembly_gen.assembly_id       1 
_pdbx_struct_assembly_gen.oper_expression   1 
_pdbx_struct_assembly_gen.asym_id_list      A,B,C,D,E,F,G,H,I 
# 
_pdbx_struct_oper_list.id                   1 
_pdbx_struct_oper_list.type                 'identity operation' 
_pdbx_struct_oper_list.name                 1_555 
_pdbx_struct_oper_list.symmetry_operation   x,y,z 
_pdbx_struct_oper_list.matrix[1][1]         1.0000000000 
_pdbx_struct_oper_list.matrix[1][2]         0.0000000000 
_pdbx_struct_oper_list.matrix[1][3]         0.0000000000 
_pdbx_struct_oper_list.vector[1]            0.0000000000 
_pdbx_struct_oper_list.matrix[2][1]         0.0000000000 
_pdbx_struct_oper_list.matrix[2][2]         1.0000000000 
_pdbx_struct_oper_list.matrix[2][3]         0.0000000000 
_pdbx_struct_oper_list.vector[2]            0.0000000000 
_pdbx_struct_oper_list.matrix[3][1]         0.0000000000 
_pdbx_struct_oper_list.matrix[3][2]         0.0000000000 
_pdbx_struct_oper_list.matrix[3][3]         1.0000000000 
_pdbx_struct_oper_list.vector[3]            0.0000000000 
# 
_struct_biol.id        1 
_struct_biol.details   ? 
# 
loop_
_struct_conf.conf_type_id 
_struct_conf.id 
_struct_conf.pdbx_PDB_helix_id 
_struct_conf.beg_label_comp_id 
_struct_conf.beg_label_asym_id 
_struct_conf.beg_label_seq_id 
_struct_conf.pdbx_beg_PDB_ins_code 
_struct_conf.end_label_comp_id 
_struct_conf.end_label_asym_id 
_struct_conf.end_label_seq_id 
_struct_conf.pdbx_end_PDB_ins_code 
_struct_conf.beg_auth_comp_id 
_struct_conf.beg_auth_asym_id 
_struct_conf.beg_auth_seq_id 
_struct_conf.end_auth_comp_id 
_struct_conf.end_auth_asym_id 
_struct_conf.end_auth_seq_id 
_struct_conf.pdbx_PDB_helix_class 
_struct_conf.details 
_struct_conf.pdbx_PDB_helix_length 
HELX_P HELX_P1 1 SER A 11  ? LYS A 21  ? SER A 386 LYS A 396 1 ? 11 
HELX_P HELX_P2 2 PRO A 79  ? SER A 89  ? PRO A 454 SER A 464 1 ? 11 
HELX_P HELX_P3 3 SER A 148 ? GLU A 158 ? SER A 523 GLU A 533 1 ? 11 
# 
_struct_conf_type.id          HELX_P 
_struct_conf_type.criteria    ? 
_struct_conf_type.reference   ? 
# 
loop_
_struct_conn.id 
_struct_conn.conn_type_id 
_struct_conn.pdbx_leaving_atom_flag 
_struct_conn.pdbx_PDB_id 
_struct_conn.ptnr1_label_asym_id 
_struct_conn.ptnr1_label_comp_id 
_struct_conn.ptnr1_label_seq_id 
_struct_conn.ptnr1_label_atom_id 
_struct_conn.pdbx_ptnr1_label_alt_id 
_struct_conn.pdbx_ptnr1_PDB_ins_code 
_struct_conn.pdbx_ptnr1_standard_comp_id 
_struct_conn.ptnr1_symmetry 
_struct_conn.ptnr2_label_asym_id 
_struct_conn.ptnr2_label_comp_id 
_struct_conn.ptnr2_label_seq_id 
_struct_conn.ptnr2_label_atom_id 
_struct_conn.pdbx_ptnr2_label_alt_id 
_struct_conn.pdbx_ptnr2_PDB_ins_code 
_struct_conn.ptnr1_auth_asym_id 
_struct_conn.ptnr1_auth_comp_id 
_struct_conn.ptnr1_auth_seq_id 
_struct_conn.ptnr2_auth_asym_id 
_struct_conn.ptnr2_auth_comp_id 
_struct_conn.ptnr2_auth_seq_id 
_struct_conn.ptnr2_symmetry 
_struct_conn.pdbx_ptnr3_label_atom_id 
_struct_conn.pdbx_ptnr3_label_seq_id 
_struct_conn.pdbx_ptnr3_label_comp_id 
_struct_conn.pdbx_ptnr3_label_asym_id 
_struct_conn.pdbx_ptnr3_label_alt_id 
_struct_conn.pdbx_ptnr3_PDB_ins_code 
_struct_conn.details 
_struct_conn.pdbx_dist_value 
_struct_conn.pdbx_value_order 
_struct_conn.pdbx_role 
metalc1  metalc ? ? A GLU 54  OE1 ? ? ? 1_555 C ZN . ZN ? ? A GLU 429  A ZN 2001 1_555 ? ? ? ? ? ? ? 2.089 ? ? 
metalc2  metalc ? ? A ASP 57  OD2 ? ? ? 1_555 C ZN . ZN ? ? A ASP 432  A ZN 2001 1_555 ? ? ? ? ? ? ? 1.949 ? ? 
metalc3  metalc ? ? A ASP 57  OD1 ? ? ? 1_555 C ZN . ZN ? ? A ASP 432  A ZN 2001 1_555 ? ? ? ? ? ? ? 2.636 ? ? 
metalc4  metalc ? ? A HIS 146 NE2 ? ? ? 1_555 H ZN . ZN ? ? A HIS 521  A ZN 2006 1_555 ? ? ? ? ? ? ? 2.043 ? ? 
metalc5  metalc ? ? A GLU 164 OE1 ? ? ? 1_555 B ZN . ZN ? ? A GLU 539  A ZN 2000 1_555 ? ? ? ? ? ? ? 1.808 ? ? 
metalc6  metalc ? ? A GLU 168 OE2 ? ? ? 1_555 E ZN . ZN ? ? A GLU 543  A ZN 2003 1_555 ? ? ? ? ? ? ? 1.999 ? ? 
metalc7  metalc ? ? A GLU 168 OE1 ? ? ? 1_555 E ZN . ZN ? ? A GLU 543  A ZN 2003 1_555 ? ? ? ? ? ? ? 2.265 ? ? 
metalc8  metalc ? ? A ASP 171 OD1 ? ? ? 1_555 D ZN . ZN ? ? A ASP 546  A ZN 2002 1_555 ? ? ? ? ? ? ? 1.822 ? ? 
metalc9  metalc ? ? A GLY 201 OXT ? ? ? 1_555 D ZN . ZN ? ? A GLY 576  A ZN 2002 1_555 ? ? ? ? ? ? ? 2.569 ? ? 
metalc10 metalc ? ? I HOH .   O   ? ? ? 1_555 B ZN . ZN ? ? A HOH 1000 A ZN 2000 1_555 ? ? ? ? ? ? ? 2.676 ? ? 
metalc11 metalc ? ? I HOH .   O   ? ? ? 1_555 C ZN . ZN ? ? A HOH 1009 A ZN 2001 1_555 ? ? ? ? ? ? ? 2.496 ? ? 
metalc12 metalc ? ? I HOH .   O   ? ? ? 1_555 D ZN . ZN ? ? A HOH 1010 A ZN 2002 1_555 ? ? ? ? ? ? ? 1.842 ? ? 
metalc13 metalc ? ? I HOH .   O   ? ? ? 1_555 F ZN . ZN ? ? A HOH 1011 A ZN 2004 1_555 ? ? ? ? ? ? ? 2.326 ? ? 
# 
_struct_conn_type.id          metalc 
_struct_conn_type.criteria    ? 
_struct_conn_type.reference   ? 
# 
loop_
_pdbx_struct_conn_angle.id 
_pdbx_struct_conn_angle.ptnr1_label_atom_id 
_pdbx_struct_conn_angle.ptnr1_label_alt_id 
_pdbx_struct_conn_angle.ptnr1_label_asym_id 
_pdbx_struct_conn_angle.ptnr1_label_comp_id 
_pdbx_struct_conn_angle.ptnr1_label_seq_id 
_pdbx_struct_conn_angle.ptnr1_auth_atom_id 
_pdbx_struct_conn_angle.ptnr1_auth_asym_id 
_pdbx_struct_conn_angle.ptnr1_auth_comp_id 
_pdbx_struct_conn_angle.ptnr1_auth_seq_id 
_pdbx_struct_conn_angle.ptnr1_PDB_ins_code 
_pdbx_struct_conn_angle.ptnr1_symmetry 
_pdbx_struct_conn_angle.ptnr2_label_atom_id 
_pdbx_struct_conn_angle.ptnr2_label_alt_id 
_pdbx_struct_conn_angle.ptnr2_label_asym_id 
_pdbx_struct_conn_angle.ptnr2_label_comp_id 
_pdbx_struct_conn_angle.ptnr2_label_seq_id 
_pdbx_struct_conn_angle.ptnr2_auth_atom_id 
_pdbx_struct_conn_angle.ptnr2_auth_asym_id 
_pdbx_struct_conn_angle.ptnr2_auth_comp_id 
_pdbx_struct_conn_angle.ptnr2_auth_seq_id 
_pdbx_struct_conn_angle.ptnr2_PDB_ins_code 
_pdbx_struct_conn_angle.ptnr2_symmetry 
_pdbx_struct_conn_angle.ptnr3_label_atom_id 
_pdbx_struct_conn_angle.ptnr3_label_alt_id 
_pdbx_struct_conn_angle.ptnr3_label_asym_id 
_pdbx_struct_conn_angle.ptnr3_label_comp_id 
_pdbx_struct_conn_angle.ptnr3_label_seq_id 
_pdbx_struct_conn_angle.ptnr3_auth_atom_id 
_pdbx_struct_conn_angle.ptnr3_auth_asym_id 
_pdbx_struct_conn_angle.ptnr3_auth_comp_id 
_pdbx_struct_conn_angle.ptnr3_auth_seq_id 
_pdbx_struct_conn_angle.ptnr3_PDB_ins_code 
_pdbx_struct_conn_angle.ptnr3_symmetry 
_pdbx_struct_conn_angle.value 
_pdbx_struct_conn_angle.value_esd 
1  OE1 ? A GLU 54  ? A GLU 429 ? 1_555 ZN ? C ZN . ? A ZN 2001 ? 1_555 OD2 ? A ASP 57  ? A ASP 432  ? 1_555 116.3 ? 
2  OE1 ? A GLU 54  ? A GLU 429 ? 1_555 ZN ? C ZN . ? A ZN 2001 ? 1_555 OD1 ? A ASP 57  ? A ASP 432  ? 1_555 129.4 ? 
3  OD2 ? A ASP 57  ? A ASP 432 ? 1_555 ZN ? C ZN . ? A ZN 2001 ? 1_555 OD1 ? A ASP 57  ? A ASP 432  ? 1_555 52.8  ? 
4  OE1 ? A GLU 54  ? A GLU 429 ? 1_555 ZN ? C ZN . ? A ZN 2001 ? 1_555 O   ? I HOH .   ? A HOH 1009 ? 1_555 63.1  ? 
5  OD2 ? A ASP 57  ? A ASP 432 ? 1_555 ZN ? C ZN . ? A ZN 2001 ? 1_555 O   ? I HOH .   ? A HOH 1009 ? 1_555 91.7  ? 
6  OD1 ? A ASP 57  ? A ASP 432 ? 1_555 ZN ? C ZN . ? A ZN 2001 ? 1_555 O   ? I HOH .   ? A HOH 1009 ? 1_555 144.5 ? 
7  OE1 ? A GLU 164 ? A GLU 539 ? 1_555 ZN ? B ZN . ? A ZN 2000 ? 1_555 O   ? I HOH .   ? A HOH 1000 ? 1_555 120.4 ? 
8  OE2 ? A GLU 168 ? A GLU 543 ? 1_555 ZN ? E ZN . ? A ZN 2003 ? 1_555 OE1 ? A GLU 168 ? A GLU 543  ? 1_555 60.7  ? 
9  OD1 ? A ASP 171 ? A ASP 546 ? 1_555 ZN ? D ZN . ? A ZN 2002 ? 1_555 OXT ? A GLY 201 ? A GLY 576  ? 1_555 114.2 ? 
10 OD1 ? A ASP 171 ? A ASP 546 ? 1_555 ZN ? D ZN . ? A ZN 2002 ? 1_555 O   ? I HOH .   ? A HOH 1010 ? 1_555 129.3 ? 
11 OXT ? A GLY 201 ? A GLY 576 ? 1_555 ZN ? D ZN . ? A ZN 2002 ? 1_555 O   ? I HOH .   ? A HOH 1010 ? 1_555 80.3  ? 
# 
loop_
_struct_sheet.id 
_struct_sheet.type 
_struct_sheet.number_strands 
_struct_sheet.details 
A ? 3 ? 
B ? 2 ? 
C ? 3 ? 
D ? 2 ? 
E ? 3 ? 
# 
loop_
_struct_sheet_order.sheet_id 
_struct_sheet_order.range_id_1 
_struct_sheet_order.range_id_2 
_struct_sheet_order.offset 
_struct_sheet_order.sense 
A 1 2 ? parallel      
A 2 3 ? anti-parallel 
B 1 2 ? anti-parallel 
C 1 2 ? parallel      
C 2 3 ? anti-parallel 
D 1 2 ? anti-parallel 
E 1 2 ? parallel      
E 2 3 ? anti-parallel 
# 
loop_
_struct_sheet_range.sheet_id 
_struct_sheet_range.id 
_struct_sheet_range.beg_label_comp_id 
_struct_sheet_range.beg_label_asym_id 
_struct_sheet_range.beg_label_seq_id 
_struct_sheet_range.pdbx_beg_PDB_ins_code 
_struct_sheet_range.end_label_comp_id 
_struct_sheet_range.end_label_asym_id 
_struct_sheet_range.end_label_seq_id 
_struct_sheet_range.pdbx_end_PDB_ins_code 
_struct_sheet_range.beg_auth_comp_id 
_struct_sheet_range.beg_auth_asym_id 
_struct_sheet_range.beg_auth_seq_id 
_struct_sheet_range.end_auth_comp_id 
_struct_sheet_range.end_auth_asym_id 
_struct_sheet_range.end_auth_seq_id 
A 1 LYS A 25  ? SER A 32  ? LYS A 400 SER A 407 
A 2 SER A 58  ? SER A 64  ? SER A 433 SER A 439 
A 3 ILE A 42  ? THR A 45  ? ILE A 417 THR A 420 
B 1 LYS A 69  ? LYS A 71  ? LYS A 444 LYS A 446 
B 2 GLU A 120 ? ALA A 122 ? GLU A 495 ALA A 497 
C 1 VAL A 95  ? VAL A 100 ? VAL A 470 VAL A 475 
C 2 ILE A 128 ? SER A 133 ? ILE A 503 SER A 508 
C 3 ILE A 110 ? GLN A 113 ? ILE A 485 GLN A 488 
D 1 VAL A 139 ? TYR A 140 ? VAL A 514 TYR A 515 
D 2 VAL A 188 ? ASP A 189 ? VAL A 563 ASP A 564 
E 1 LYS A 162 ? GLU A 168 ? LYS A 537 GLU A 543 
E 2 THR A 193 ? SER A 199 ? THR A 568 SER A 574 
E 3 VAL A 178 ? GLN A 181 ? VAL A 553 GLN A 556 
# 
loop_
_pdbx_struct_sheet_hbond.sheet_id 
_pdbx_struct_sheet_hbond.range_id_1 
_pdbx_struct_sheet_hbond.range_id_2 
_pdbx_struct_sheet_hbond.range_1_label_atom_id 
_pdbx_struct_sheet_hbond.range_1_label_comp_id 
_pdbx_struct_sheet_hbond.range_1_label_asym_id 
_pdbx_struct_sheet_hbond.range_1_label_seq_id 
_pdbx_struct_sheet_hbond.range_1_PDB_ins_code 
_pdbx_struct_sheet_hbond.range_1_auth_atom_id 
_pdbx_struct_sheet_hbond.range_1_auth_comp_id 
_pdbx_struct_sheet_hbond.range_1_auth_asym_id 
_pdbx_struct_sheet_hbond.range_1_auth_seq_id 
_pdbx_struct_sheet_hbond.range_2_label_atom_id 
_pdbx_struct_sheet_hbond.range_2_label_comp_id 
_pdbx_struct_sheet_hbond.range_2_label_asym_id 
_pdbx_struct_sheet_hbond.range_2_label_seq_id 
_pdbx_struct_sheet_hbond.range_2_PDB_ins_code 
_pdbx_struct_sheet_hbond.range_2_auth_atom_id 
_pdbx_struct_sheet_hbond.range_2_auth_comp_id 
_pdbx_struct_sheet_hbond.range_2_auth_asym_id 
_pdbx_struct_sheet_hbond.range_2_auth_seq_id 
A 1 2 N SER A 30  ? N SER A 405 O ILE A 63  ? O ILE A 438 
A 2 3 O VAL A 62  ? O VAL A 437 N ILE A 43  ? N ILE A 418 
B 1 2 N VAL A 70  ? N VAL A 445 O ILE A 121 ? O ILE A 496 
C 1 2 N THR A 96  ? N THR A 471 O ILE A 128 ? O ILE A 503 
C 2 3 O TYR A 131 ? O TYR A 506 N ALA A 111 ? N ALA A 486 
D 1 2 N VAL A 139 ? N VAL A 514 O ASP A 189 ? O ASP A 564 
E 1 2 N LYS A 162 ? N LYS A 537 O ILE A 194 ? O ILE A 569 
E 2 3 O VAL A 197 ? O VAL A 572 N ILE A 179 ? N ILE A 554 
# 
loop_
_struct_site.id 
_struct_site.pdbx_evidence_code 
_struct_site.pdbx_auth_asym_id 
_struct_site.pdbx_auth_comp_id 
_struct_site.pdbx_auth_seq_id 
_struct_site.pdbx_auth_ins_code 
_struct_site.pdbx_num_residues 
_struct_site.details 
AC1 Software A ZN 2000 ? 3 'BINDING SITE FOR RESIDUE ZN A 2000' 
AC2 Software A ZN 2001 ? 4 'BINDING SITE FOR RESIDUE ZN A 2001' 
AC3 Software A ZN 2002 ? 4 'BINDING SITE FOR RESIDUE ZN A 2002' 
AC4 Software A ZN 2003 ? 4 'BINDING SITE FOR RESIDUE ZN A 2003' 
AC5 Software A ZN 2004 ? 3 'BINDING SITE FOR RESIDUE ZN A 2004' 
AC6 Software A ZN 2005 ? 1 'BINDING SITE FOR RESIDUE ZN A 2005' 
AC7 Software A ZN 2006 ? 2 'BINDING SITE FOR RESIDUE ZN A 2006' 
# 
loop_
_struct_site_gen.id 
_struct_site_gen.site_id 
_struct_site_gen.pdbx_num_res 
_struct_site_gen.label_comp_id 
_struct_site_gen.label_asym_id 
_struct_site_gen.label_seq_id 
_struct_site_gen.pdbx_auth_ins_code 
_struct_site_gen.auth_comp_id 
_struct_site_gen.auth_asym_id 
_struct_site_gen.auth_seq_id 
_struct_site_gen.label_atom_id 
_struct_site_gen.label_alt_id 
_struct_site_gen.symmetry 
_struct_site_gen.details 
1  AC1 3 GLU A 41  ? GLU A 416  . ? 5_445 ? 
2  AC1 3 GLU A 164 ? GLU A 539  . ? 1_555 ? 
3  AC1 3 HOH I .   ? HOH A 1000 . ? 1_555 ? 
4  AC2 4 GLU A 54  ? GLU A 429  . ? 1_555 ? 
5  AC2 4 ASP A 57  ? ASP A 432  . ? 1_555 ? 
6  AC2 4 GLU A 82  ? GLU A 457  . ? 8_556 ? 
7  AC2 4 HOH I .   ? HOH A 1009 . ? 1_555 ? 
8  AC3 4 ASP A 94  ? ASP A 469  . ? 7_545 ? 
9  AC3 4 ASP A 171 ? ASP A 546  . ? 1_555 ? 
10 AC3 4 GLY A 201 ? GLY A 576  . ? 1_555 ? 
11 AC3 4 HOH I .   ? HOH A 1010 . ? 1_555 ? 
12 AC4 4 HIS A 124 ? HIS A 499  . ? 5_445 ? 
13 AC4 4 ASP A 125 ? ASP A 500  . ? 5_445 ? 
14 AC4 4 GLU A 168 ? GLU A 543  . ? 1_555 ? 
15 AC4 4 ASP A 172 ? ASP A 547  . ? 3_555 ? 
16 AC5 3 ASP A 177 ? ASP A 552  . ? 1_555 ? 
17 AC5 3 HOH I .   ? HOH A 1011 . ? 1_555 ? 
18 AC5 3 HOH I .   ? HOH A 1065 . ? 1_555 ? 
19 AC6 1 ASP A 6   ? ASP A 381  . ? 1_555 ? 
20 AC7 2 HIS A 146 ? HIS A 521  . ? 1_555 ? 
21 AC7 2 HIS A 146 ? HIS A 521  . ? 3_555 ? 
# 
loop_
_pdbx_validate_close_contact.id 
_pdbx_validate_close_contact.PDB_model_num 
_pdbx_validate_close_contact.auth_atom_id_1 
_pdbx_validate_close_contact.auth_asym_id_1 
_pdbx_validate_close_contact.auth_comp_id_1 
_pdbx_validate_close_contact.auth_seq_id_1 
_pdbx_validate_close_contact.PDB_ins_code_1 
_pdbx_validate_close_contact.label_alt_id_1 
_pdbx_validate_close_contact.auth_atom_id_2 
_pdbx_validate_close_contact.auth_asym_id_2 
_pdbx_validate_close_contact.auth_comp_id_2 
_pdbx_validate_close_contact.auth_seq_id_2 
_pdbx_validate_close_contact.PDB_ins_code_2 
_pdbx_validate_close_contact.label_alt_id_2 
_pdbx_validate_close_contact.dist 
1 1 O A ILE 393 ? ? ND2 A ASN 397 ? ? 2.03 
2 1 O A SER 407 ? ? N   A LYS 440 ? ? 2.10 
3 1 O A GLU 532 ? ? O   A LYS 534 ? ? 2.12 
# 
_pdbx_validate_rmsd_angle.id                         1 
_pdbx_validate_rmsd_angle.PDB_model_num              1 
_pdbx_validate_rmsd_angle.auth_atom_id_1             C 
_pdbx_validate_rmsd_angle.auth_asym_id_1             A 
_pdbx_validate_rmsd_angle.auth_comp_id_1             THR 
_pdbx_validate_rmsd_angle.auth_seq_id_1              421 
_pdbx_validate_rmsd_angle.PDB_ins_code_1             ? 
_pdbx_validate_rmsd_angle.label_alt_id_1             ? 
_pdbx_validate_rmsd_angle.auth_atom_id_2             N 
_pdbx_validate_rmsd_angle.auth_asym_id_2             A 
_pdbx_validate_rmsd_angle.auth_comp_id_2             PRO 
_pdbx_validate_rmsd_angle.auth_seq_id_2              422 
_pdbx_validate_rmsd_angle.PDB_ins_code_2             ? 
_pdbx_validate_rmsd_angle.label_alt_id_2             ? 
_pdbx_validate_rmsd_angle.auth_atom_id_3             CA 
_pdbx_validate_rmsd_angle.auth_asym_id_3             A 
_pdbx_validate_rmsd_angle.auth_comp_id_3             PRO 
_pdbx_validate_rmsd_angle.auth_seq_id_3              422 
_pdbx_validate_rmsd_angle.PDB_ins_code_3             ? 
_pdbx_validate_rmsd_angle.label_alt_id_3             ? 
_pdbx_validate_rmsd_angle.angle_value                108.71 
_pdbx_validate_rmsd_angle.angle_target_value         119.30 
_pdbx_validate_rmsd_angle.angle_deviation            -10.59 
_pdbx_validate_rmsd_angle.angle_standard_deviation   1.50 
_pdbx_validate_rmsd_angle.linker_flag                Y 
# 
loop_
_pdbx_validate_torsion.id 
_pdbx_validate_torsion.PDB_model_num 
_pdbx_validate_torsion.auth_comp_id 
_pdbx_validate_torsion.auth_asym_id 
_pdbx_validate_torsion.auth_seq_id 
_pdbx_validate_torsion.PDB_ins_code 
_pdbx_validate_torsion.label_alt_id 
_pdbx_validate_torsion.phi 
_pdbx_validate_torsion.psi 
1  1 GLU A 377 ? ? 155.57  138.21  
2  1 LYS A 396 ? ? -50.05  3.88    
3  1 ASN A 398 ? ? 86.43   -24.29  
4  1 LYS A 403 ? ? 94.17   98.48   
5  1 ASP A 410 ? ? -37.08  -73.51  
6  1 GLU A 414 ? ? -37.92  121.42  
7  1 ASN A 415 ? ? 96.28   -17.97  
8  1 ASN A 423 ? ? 100.64  143.48  
9  1 LYS A 440 ? ? -103.80 63.87   
10 1 GLU A 443 ? ? -34.11  113.71  
11 1 SER A 464 ? ? -64.89  84.40   
12 1 LEU A 465 ? ? 160.89  -18.17  
13 1 ASN A 478 ? ? -106.57 46.22   
14 1 GLN A 479 ? ? -172.97 -61.07  
15 1 SER A 489 ? ? -58.71  -81.29  
16 1 ILE A 498 ? ? -41.69  -1.38   
17 1 ASP A 500 ? ? 73.04   36.48   
18 1 GLU A 520 ? ? -58.80  98.25   
19 1 HIS A 521 ? ? 91.42   108.78  
20 1 LYS A 522 ? ? 139.09  145.23  
21 1 ALA A 530 ? ? -64.29  -85.78  
22 1 LEU A 531 ? ? -28.25  -48.99  
23 1 GLU A 532 ? ? -67.13  -79.84  
24 1 GLU A 533 ? ? -35.26  109.19  
25 1 LYS A 534 ? ? 105.21  -178.58 
26 1 ASP A 546 ? ? -109.50 51.41   
27 1 ASP A 547 ? ? -160.70 10.26   
28 1 GLU A 550 ? ? -39.38  89.26   
29 1 ASP A 552 ? ? -82.21  -153.80 
30 1 SER A 557 ? ? -68.51  -75.55  
31 1 LYS A 559 ? ? -45.09  97.13   
32 1 ASP A 564 ? ? -157.30 -143.61 
33 1 GLU A 565 ? ? -93.80  -139.50 
34 1 SER A 567 ? ? -67.13  -160.46 
# 
loop_
_pdbx_validate_peptide_omega.id 
_pdbx_validate_peptide_omega.PDB_model_num 
_pdbx_validate_peptide_omega.auth_comp_id_1 
_pdbx_validate_peptide_omega.auth_asym_id_1 
_pdbx_validate_peptide_omega.auth_seq_id_1 
_pdbx_validate_peptide_omega.PDB_ins_code_1 
_pdbx_validate_peptide_omega.label_alt_id_1 
_pdbx_validate_peptide_omega.auth_comp_id_2 
_pdbx_validate_peptide_omega.auth_asym_id_2 
_pdbx_validate_peptide_omega.auth_seq_id_2 
_pdbx_validate_peptide_omega.PDB_ins_code_2 
_pdbx_validate_peptide_omega.label_alt_id_2 
_pdbx_validate_peptide_omega.omega 
1 1 SER A 409 ? ? ASP A 410 ? ? 145.72  
2 1 THR A 421 ? ? PRO A 422 ? ? 143.60  
3 1 GLY A 535 ? ? PHE A 536 ? ? -138.94 
4 1 LYS A 561 ? ? SER A 562 ? ? 137.19  
# 
loop_
_chem_comp_atom.comp_id 
_chem_comp_atom.atom_id 
_chem_comp_atom.type_symbol 
_chem_comp_atom.pdbx_aromatic_flag 
_chem_comp_atom.pdbx_stereo_config 
_chem_comp_atom.pdbx_ordinal 
ALA N    N  N N 1   
ALA CA   C  N S 2   
ALA C    C  N N 3   
ALA O    O  N N 4   
ALA CB   C  N N 5   
ALA OXT  O  N N 6   
ALA H    H  N N 7   
ALA H2   H  N N 8   
ALA HA   H  N N 9   
ALA HB1  H  N N 10  
ALA HB2  H  N N 11  
ALA HB3  H  N N 12  
ALA HXT  H  N N 13  
ARG N    N  N N 14  
ARG CA   C  N S 15  
ARG C    C  N N 16  
ARG O    O  N N 17  
ARG CB   C  N N 18  
ARG CG   C  N N 19  
ARG CD   C  N N 20  
ARG NE   N  N N 21  
ARG CZ   C  N N 22  
ARG NH1  N  N N 23  
ARG NH2  N  N N 24  
ARG OXT  O  N N 25  
ARG H    H  N N 26  
ARG H2   H  N N 27  
ARG HA   H  N N 28  
ARG HB2  H  N N 29  
ARG HB3  H  N N 30  
ARG HG2  H  N N 31  
ARG HG3  H  N N 32  
ARG HD2  H  N N 33  
ARG HD3  H  N N 34  
ARG HE   H  N N 35  
ARG HH11 H  N N 36  
ARG HH12 H  N N 37  
ARG HH21 H  N N 38  
ARG HH22 H  N N 39  
ARG HXT  H  N N 40  
ASN N    N  N N 41  
ASN CA   C  N S 42  
ASN C    C  N N 43  
ASN O    O  N N 44  
ASN CB   C  N N 45  
ASN CG   C  N N 46  
ASN OD1  O  N N 47  
ASN ND2  N  N N 48  
ASN OXT  O  N N 49  
ASN H    H  N N 50  
ASN H2   H  N N 51  
ASN HA   H  N N 52  
ASN HB2  H  N N 53  
ASN HB3  H  N N 54  
ASN HD21 H  N N 55  
ASN HD22 H  N N 56  
ASN HXT  H  N N 57  
ASP N    N  N N 58  
ASP CA   C  N S 59  
ASP C    C  N N 60  
ASP O    O  N N 61  
ASP CB   C  N N 62  
ASP CG   C  N N 63  
ASP OD1  O  N N 64  
ASP OD2  O  N N 65  
ASP OXT  O  N N 66  
ASP H    H  N N 67  
ASP H2   H  N N 68  
ASP HA   H  N N 69  
ASP HB2  H  N N 70  
ASP HB3  H  N N 71  
ASP HD2  H  N N 72  
ASP HXT  H  N N 73  
GLN N    N  N N 74  
GLN CA   C  N S 75  
GLN C    C  N N 76  
GLN O    O  N N 77  
GLN CB   C  N N 78  
GLN CG   C  N N 79  
GLN CD   C  N N 80  
GLN OE1  O  N N 81  
GLN NE2  N  N N 82  
GLN OXT  O  N N 83  
GLN H    H  N N 84  
GLN H2   H  N N 85  
GLN HA   H  N N 86  
GLN HB2  H  N N 87  
GLN HB3  H  N N 88  
GLN HG2  H  N N 89  
GLN HG3  H  N N 90  
GLN HE21 H  N N 91  
GLN HE22 H  N N 92  
GLN HXT  H  N N 93  
GLU N    N  N N 94  
GLU CA   C  N S 95  
GLU C    C  N N 96  
GLU O    O  N N 97  
GLU CB   C  N N 98  
GLU CG   C  N N 99  
GLU CD   C  N N 100 
GLU OE1  O  N N 101 
GLU OE2  O  N N 102 
GLU OXT  O  N N 103 
GLU H    H  N N 104 
GLU H2   H  N N 105 
GLU HA   H  N N 106 
GLU HB2  H  N N 107 
GLU HB3  H  N N 108 
GLU HG2  H  N N 109 
GLU HG3  H  N N 110 
GLU HE2  H  N N 111 
GLU HXT  H  N N 112 
GLY N    N  N N 113 
GLY CA   C  N N 114 
GLY C    C  N N 115 
GLY O    O  N N 116 
GLY OXT  O  N N 117 
GLY H    H  N N 118 
GLY H2   H  N N 119 
GLY HA2  H  N N 120 
GLY HA3  H  N N 121 
GLY HXT  H  N N 122 
HIS N    N  N N 123 
HIS CA   C  N S 124 
HIS C    C  N N 125 
HIS O    O  N N 126 
HIS CB   C  N N 127 
HIS CG   C  Y N 128 
HIS ND1  N  Y N 129 
HIS CD2  C  Y N 130 
HIS CE1  C  Y N 131 
HIS NE2  N  Y N 132 
HIS OXT  O  N N 133 
HIS H    H  N N 134 
HIS H2   H  N N 135 
HIS HA   H  N N 136 
HIS HB2  H  N N 137 
HIS HB3  H  N N 138 
HIS HD1  H  N N 139 
HIS HD2  H  N N 140 
HIS HE1  H  N N 141 
HIS HE2  H  N N 142 
HIS HXT  H  N N 143 
HOH O    O  N N 144 
HOH H1   H  N N 145 
HOH H2   H  N N 146 
ILE N    N  N N 147 
ILE CA   C  N S 148 
ILE C    C  N N 149 
ILE O    O  N N 150 
ILE CB   C  N S 151 
ILE CG1  C  N N 152 
ILE CG2  C  N N 153 
ILE CD1  C  N N 154 
ILE OXT  O  N N 155 
ILE H    H  N N 156 
ILE H2   H  N N 157 
ILE HA   H  N N 158 
ILE HB   H  N N 159 
ILE HG12 H  N N 160 
ILE HG13 H  N N 161 
ILE HG21 H  N N 162 
ILE HG22 H  N N 163 
ILE HG23 H  N N 164 
ILE HD11 H  N N 165 
ILE HD12 H  N N 166 
ILE HD13 H  N N 167 
ILE HXT  H  N N 168 
LEU N    N  N N 169 
LEU CA   C  N S 170 
LEU C    C  N N 171 
LEU O    O  N N 172 
LEU CB   C  N N 173 
LEU CG   C  N N 174 
LEU CD1  C  N N 175 
LEU CD2  C  N N 176 
LEU OXT  O  N N 177 
LEU H    H  N N 178 
LEU H2   H  N N 179 
LEU HA   H  N N 180 
LEU HB2  H  N N 181 
LEU HB3  H  N N 182 
LEU HG   H  N N 183 
LEU HD11 H  N N 184 
LEU HD12 H  N N 185 
LEU HD13 H  N N 186 
LEU HD21 H  N N 187 
LEU HD22 H  N N 188 
LEU HD23 H  N N 189 
LEU HXT  H  N N 190 
LYS N    N  N N 191 
LYS CA   C  N S 192 
LYS C    C  N N 193 
LYS O    O  N N 194 
LYS CB   C  N N 195 
LYS CG   C  N N 196 
LYS CD   C  N N 197 
LYS CE   C  N N 198 
LYS NZ   N  N N 199 
LYS OXT  O  N N 200 
LYS H    H  N N 201 
LYS H2   H  N N 202 
LYS HA   H  N N 203 
LYS HB2  H  N N 204 
LYS HB3  H  N N 205 
LYS HG2  H  N N 206 
LYS HG3  H  N N 207 
LYS HD2  H  N N 208 
LYS HD3  H  N N 209 
LYS HE2  H  N N 210 
LYS HE3  H  N N 211 
LYS HZ1  H  N N 212 
LYS HZ2  H  N N 213 
LYS HZ3  H  N N 214 
LYS HXT  H  N N 215 
MET N    N  N N 216 
MET CA   C  N S 217 
MET C    C  N N 218 
MET O    O  N N 219 
MET CB   C  N N 220 
MET CG   C  N N 221 
MET SD   S  N N 222 
MET CE   C  N N 223 
MET OXT  O  N N 224 
MET H    H  N N 225 
MET H2   H  N N 226 
MET HA   H  N N 227 
MET HB2  H  N N 228 
MET HB3  H  N N 229 
MET HG2  H  N N 230 
MET HG3  H  N N 231 
MET HE1  H  N N 232 
MET HE2  H  N N 233 
MET HE3  H  N N 234 
MET HXT  H  N N 235 
PHE N    N  N N 236 
PHE CA   C  N S 237 
PHE C    C  N N 238 
PHE O    O  N N 239 
PHE CB   C  N N 240 
PHE CG   C  Y N 241 
PHE CD1  C  Y N 242 
PHE CD2  C  Y N 243 
PHE CE1  C  Y N 244 
PHE CE2  C  Y N 245 
PHE CZ   C  Y N 246 
PHE OXT  O  N N 247 
PHE H    H  N N 248 
PHE H2   H  N N 249 
PHE HA   H  N N 250 
PHE HB2  H  N N 251 
PHE HB3  H  N N 252 
PHE HD1  H  N N 253 
PHE HD2  H  N N 254 
PHE HE1  H  N N 255 
PHE HE2  H  N N 256 
PHE HZ   H  N N 257 
PHE HXT  H  N N 258 
PRO N    N  N N 259 
PRO CA   C  N S 260 
PRO C    C  N N 261 
PRO O    O  N N 262 
PRO CB   C  N N 263 
PRO CG   C  N N 264 
PRO CD   C  N N 265 
PRO OXT  O  N N 266 
PRO H    H  N N 267 
PRO HA   H  N N 268 
PRO HB2  H  N N 269 
PRO HB3  H  N N 270 
PRO HG2  H  N N 271 
PRO HG3  H  N N 272 
PRO HD2  H  N N 273 
PRO HD3  H  N N 274 
PRO HXT  H  N N 275 
SER N    N  N N 276 
SER CA   C  N S 277 
SER C    C  N N 278 
SER O    O  N N 279 
SER CB   C  N N 280 
SER OG   O  N N 281 
SER OXT  O  N N 282 
SER H    H  N N 283 
SER H2   H  N N 284 
SER HA   H  N N 285 
SER HB2  H  N N 286 
SER HB3  H  N N 287 
SER HG   H  N N 288 
SER HXT  H  N N 289 
THR N    N  N N 290 
THR CA   C  N S 291 
THR C    C  N N 292 
THR O    O  N N 293 
THR CB   C  N R 294 
THR OG1  O  N N 295 
THR CG2  C  N N 296 
THR OXT  O  N N 297 
THR H    H  N N 298 
THR H2   H  N N 299 
THR HA   H  N N 300 
THR HB   H  N N 301 
THR HG1  H  N N 302 
THR HG21 H  N N 303 
THR HG22 H  N N 304 
THR HG23 H  N N 305 
THR HXT  H  N N 306 
TYR N    N  N N 307 
TYR CA   C  N S 308 
TYR C    C  N N 309 
TYR O    O  N N 310 
TYR CB   C  N N 311 
TYR CG   C  Y N 312 
TYR CD1  C  Y N 313 
TYR CD2  C  Y N 314 
TYR CE1  C  Y N 315 
TYR CE2  C  Y N 316 
TYR CZ   C  Y N 317 
TYR OH   O  N N 318 
TYR OXT  O  N N 319 
TYR H    H  N N 320 
TYR H2   H  N N 321 
TYR HA   H  N N 322 
TYR HB2  H  N N 323 
TYR HB3  H  N N 324 
TYR HD1  H  N N 325 
TYR HD2  H  N N 326 
TYR HE1  H  N N 327 
TYR HE2  H  N N 328 
TYR HH   H  N N 329 
TYR HXT  H  N N 330 
VAL N    N  N N 331 
VAL CA   C  N S 332 
VAL C    C  N N 333 
VAL O    O  N N 334 
VAL CB   C  N N 335 
VAL CG1  C  N N 336 
VAL CG2  C  N N 337 
VAL OXT  O  N N 338 
VAL H    H  N N 339 
VAL H2   H  N N 340 
VAL HA   H  N N 341 
VAL HB   H  N N 342 
VAL HG11 H  N N 343 
VAL HG12 H  N N 344 
VAL HG13 H  N N 345 
VAL HG21 H  N N 346 
VAL HG22 H  N N 347 
VAL HG23 H  N N 348 
VAL HXT  H  N N 349 
ZN  ZN   ZN N N 350 
# 
loop_
_chem_comp_bond.comp_id 
_chem_comp_bond.atom_id_1 
_chem_comp_bond.atom_id_2 
_chem_comp_bond.value_order 
_chem_comp_bond.pdbx_aromatic_flag 
_chem_comp_bond.pdbx_stereo_config 
_chem_comp_bond.pdbx_ordinal 
ALA N   CA   sing N N 1   
ALA N   H    sing N N 2   
ALA N   H2   sing N N 3   
ALA CA  C    sing N N 4   
ALA CA  CB   sing N N 5   
ALA CA  HA   sing N N 6   
ALA C   O    doub N N 7   
ALA C   OXT  sing N N 8   
ALA CB  HB1  sing N N 9   
ALA CB  HB2  sing N N 10  
ALA CB  HB3  sing N N 11  
ALA OXT HXT  sing N N 12  
ARG N   CA   sing N N 13  
ARG N   H    sing N N 14  
ARG N   H2   sing N N 15  
ARG CA  C    sing N N 16  
ARG CA  CB   sing N N 17  
ARG CA  HA   sing N N 18  
ARG C   O    doub N N 19  
ARG C   OXT  sing N N 20  
ARG CB  CG   sing N N 21  
ARG CB  HB2  sing N N 22  
ARG CB  HB3  sing N N 23  
ARG CG  CD   sing N N 24  
ARG CG  HG2  sing N N 25  
ARG CG  HG3  sing N N 26  
ARG CD  NE   sing N N 27  
ARG CD  HD2  sing N N 28  
ARG CD  HD3  sing N N 29  
ARG NE  CZ   sing N N 30  
ARG NE  HE   sing N N 31  
ARG CZ  NH1  sing N N 32  
ARG CZ  NH2  doub N N 33  
ARG NH1 HH11 sing N N 34  
ARG NH1 HH12 sing N N 35  
ARG NH2 HH21 sing N N 36  
ARG NH2 HH22 sing N N 37  
ARG OXT HXT  sing N N 38  
ASN N   CA   sing N N 39  
ASN N   H    sing N N 40  
ASN N   H2   sing N N 41  
ASN CA  C    sing N N 42  
ASN CA  CB   sing N N 43  
ASN CA  HA   sing N N 44  
ASN C   O    doub N N 45  
ASN C   OXT  sing N N 46  
ASN CB  CG   sing N N 47  
ASN CB  HB2  sing N N 48  
ASN CB  HB3  sing N N 49  
ASN CG  OD1  doub N N 50  
ASN CG  ND2  sing N N 51  
ASN ND2 HD21 sing N N 52  
ASN ND2 HD22 sing N N 53  
ASN OXT HXT  sing N N 54  
ASP N   CA   sing N N 55  
ASP N   H    sing N N 56  
ASP N   H2   sing N N 57  
ASP CA  C    sing N N 58  
ASP CA  CB   sing N N 59  
ASP CA  HA   sing N N 60  
ASP C   O    doub N N 61  
ASP C   OXT  sing N N 62  
ASP CB  CG   sing N N 63  
ASP CB  HB2  sing N N 64  
ASP CB  HB3  sing N N 65  
ASP CG  OD1  doub N N 66  
ASP CG  OD2  sing N N 67  
ASP OD2 HD2  sing N N 68  
ASP OXT HXT  sing N N 69  
GLN N   CA   sing N N 70  
GLN N   H    sing N N 71  
GLN N   H2   sing N N 72  
GLN CA  C    sing N N 73  
GLN CA  CB   sing N N 74  
GLN CA  HA   sing N N 75  
GLN C   O    doub N N 76  
GLN C   OXT  sing N N 77  
GLN CB  CG   sing N N 78  
GLN CB  HB2  sing N N 79  
GLN CB  HB3  sing N N 80  
GLN CG  CD   sing N N 81  
GLN CG  HG2  sing N N 82  
GLN CG  HG3  sing N N 83  
GLN CD  OE1  doub N N 84  
GLN CD  NE2  sing N N 85  
GLN NE2 HE21 sing N N 86  
GLN NE2 HE22 sing N N 87  
GLN OXT HXT  sing N N 88  
GLU N   CA   sing N N 89  
GLU N   H    sing N N 90  
GLU N   H2   sing N N 91  
GLU CA  C    sing N N 92  
GLU CA  CB   sing N N 93  
GLU CA  HA   sing N N 94  
GLU C   O    doub N N 95  
GLU C   OXT  sing N N 96  
GLU CB  CG   sing N N 97  
GLU CB  HB2  sing N N 98  
GLU CB  HB3  sing N N 99  
GLU CG  CD   sing N N 100 
GLU CG  HG2  sing N N 101 
GLU CG  HG3  sing N N 102 
GLU CD  OE1  doub N N 103 
GLU CD  OE2  sing N N 104 
GLU OE2 HE2  sing N N 105 
GLU OXT HXT  sing N N 106 
GLY N   CA   sing N N 107 
GLY N   H    sing N N 108 
GLY N   H2   sing N N 109 
GLY CA  C    sing N N 110 
GLY CA  HA2  sing N N 111 
GLY CA  HA3  sing N N 112 
GLY C   O    doub N N 113 
GLY C   OXT  sing N N 114 
GLY OXT HXT  sing N N 115 
HIS N   CA   sing N N 116 
HIS N   H    sing N N 117 
HIS N   H2   sing N N 118 
HIS CA  C    sing N N 119 
HIS CA  CB   sing N N 120 
HIS CA  HA   sing N N 121 
HIS C   O    doub N N 122 
HIS C   OXT  sing N N 123 
HIS CB  CG   sing N N 124 
HIS CB  HB2  sing N N 125 
HIS CB  HB3  sing N N 126 
HIS CG  ND1  sing Y N 127 
HIS CG  CD2  doub Y N 128 
HIS ND1 CE1  doub Y N 129 
HIS ND1 HD1  sing N N 130 
HIS CD2 NE2  sing Y N 131 
HIS CD2 HD2  sing N N 132 
HIS CE1 NE2  sing Y N 133 
HIS CE1 HE1  sing N N 134 
HIS NE2 HE2  sing N N 135 
HIS OXT HXT  sing N N 136 
HOH O   H1   sing N N 137 
HOH O   H2   sing N N 138 
ILE N   CA   sing N N 139 
ILE N   H    sing N N 140 
ILE N   H2   sing N N 141 
ILE CA  C    sing N N 142 
ILE CA  CB   sing N N 143 
ILE CA  HA   sing N N 144 
ILE C   O    doub N N 145 
ILE C   OXT  sing N N 146 
ILE CB  CG1  sing N N 147 
ILE CB  CG2  sing N N 148 
ILE CB  HB   sing N N 149 
ILE CG1 CD1  sing N N 150 
ILE CG1 HG12 sing N N 151 
ILE CG1 HG13 sing N N 152 
ILE CG2 HG21 sing N N 153 
ILE CG2 HG22 sing N N 154 
ILE CG2 HG23 sing N N 155 
ILE CD1 HD11 sing N N 156 
ILE CD1 HD12 sing N N 157 
ILE CD1 HD13 sing N N 158 
ILE OXT HXT  sing N N 159 
LEU N   CA   sing N N 160 
LEU N   H    sing N N 161 
LEU N   H2   sing N N 162 
LEU CA  C    sing N N 163 
LEU CA  CB   sing N N 164 
LEU CA  HA   sing N N 165 
LEU C   O    doub N N 166 
LEU C   OXT  sing N N 167 
LEU CB  CG   sing N N 168 
LEU CB  HB2  sing N N 169 
LEU CB  HB3  sing N N 170 
LEU CG  CD1  sing N N 171 
LEU CG  CD2  sing N N 172 
LEU CG  HG   sing N N 173 
LEU CD1 HD11 sing N N 174 
LEU CD1 HD12 sing N N 175 
LEU CD1 HD13 sing N N 176 
LEU CD2 HD21 sing N N 177 
LEU CD2 HD22 sing N N 178 
LEU CD2 HD23 sing N N 179 
LEU OXT HXT  sing N N 180 
LYS N   CA   sing N N 181 
LYS N   H    sing N N 182 
LYS N   H2   sing N N 183 
LYS CA  C    sing N N 184 
LYS CA  CB   sing N N 185 
LYS CA  HA   sing N N 186 
LYS C   O    doub N N 187 
LYS C   OXT  sing N N 188 
LYS CB  CG   sing N N 189 
LYS CB  HB2  sing N N 190 
LYS CB  HB3  sing N N 191 
LYS CG  CD   sing N N 192 
LYS CG  HG2  sing N N 193 
LYS CG  HG3  sing N N 194 
LYS CD  CE   sing N N 195 
LYS CD  HD2  sing N N 196 
LYS CD  HD3  sing N N 197 
LYS CE  NZ   sing N N 198 
LYS CE  HE2  sing N N 199 
LYS CE  HE3  sing N N 200 
LYS NZ  HZ1  sing N N 201 
LYS NZ  HZ2  sing N N 202 
LYS NZ  HZ3  sing N N 203 
LYS OXT HXT  sing N N 204 
MET N   CA   sing N N 205 
MET N   H    sing N N 206 
MET N   H2   sing N N 207 
MET CA  C    sing N N 208 
MET CA  CB   sing N N 209 
MET CA  HA   sing N N 210 
MET C   O    doub N N 211 
MET C   OXT  sing N N 212 
MET CB  CG   sing N N 213 
MET CB  HB2  sing N N 214 
MET CB  HB3  sing N N 215 
MET CG  SD   sing N N 216 
MET CG  HG2  sing N N 217 
MET CG  HG3  sing N N 218 
MET SD  CE   sing N N 219 
MET CE  HE1  sing N N 220 
MET CE  HE2  sing N N 221 
MET CE  HE3  sing N N 222 
MET OXT HXT  sing N N 223 
PHE N   CA   sing N N 224 
PHE N   H    sing N N 225 
PHE N   H2   sing N N 226 
PHE CA  C    sing N N 227 
PHE CA  CB   sing N N 228 
PHE CA  HA   sing N N 229 
PHE C   O    doub N N 230 
PHE C   OXT  sing N N 231 
PHE CB  CG   sing N N 232 
PHE CB  HB2  sing N N 233 
PHE CB  HB3  sing N N 234 
PHE CG  CD1  doub Y N 235 
PHE CG  CD2  sing Y N 236 
PHE CD1 CE1  sing Y N 237 
PHE CD1 HD1  sing N N 238 
PHE CD2 CE2  doub Y N 239 
PHE CD2 HD2  sing N N 240 
PHE CE1 CZ   doub Y N 241 
PHE CE1 HE1  sing N N 242 
PHE CE2 CZ   sing Y N 243 
PHE CE2 HE2  sing N N 244 
PHE CZ  HZ   sing N N 245 
PHE OXT HXT  sing N N 246 
PRO N   CA   sing N N 247 
PRO N   CD   sing N N 248 
PRO N   H    sing N N 249 
PRO CA  C    sing N N 250 
PRO CA  CB   sing N N 251 
PRO CA  HA   sing N N 252 
PRO C   O    doub N N 253 
PRO C   OXT  sing N N 254 
PRO CB  CG   sing N N 255 
PRO CB  HB2  sing N N 256 
PRO CB  HB3  sing N N 257 
PRO CG  CD   sing N N 258 
PRO CG  HG2  sing N N 259 
PRO CG  HG3  sing N N 260 
PRO CD  HD2  sing N N 261 
PRO CD  HD3  sing N N 262 
PRO OXT HXT  sing N N 263 
SER N   CA   sing N N 264 
SER N   H    sing N N 265 
SER N   H2   sing N N 266 
SER CA  C    sing N N 267 
SER CA  CB   sing N N 268 
SER CA  HA   sing N N 269 
SER C   O    doub N N 270 
SER C   OXT  sing N N 271 
SER CB  OG   sing N N 272 
SER CB  HB2  sing N N 273 
SER CB  HB3  sing N N 274 
SER OG  HG   sing N N 275 
SER OXT HXT  sing N N 276 
THR N   CA   sing N N 277 
THR N   H    sing N N 278 
THR N   H2   sing N N 279 
THR CA  C    sing N N 280 
THR CA  CB   sing N N 281 
THR CA  HA   sing N N 282 
THR C   O    doub N N 283 
THR C   OXT  sing N N 284 
THR CB  OG1  sing N N 285 
THR CB  CG2  sing N N 286 
THR CB  HB   sing N N 287 
THR OG1 HG1  sing N N 288 
THR CG2 HG21 sing N N 289 
THR CG2 HG22 sing N N 290 
THR CG2 HG23 sing N N 291 
THR OXT HXT  sing N N 292 
TYR N   CA   sing N N 293 
TYR N   H    sing N N 294 
TYR N   H2   sing N N 295 
TYR CA  C    sing N N 296 
TYR CA  CB   sing N N 297 
TYR CA  HA   sing N N 298 
TYR C   O    doub N N 299 
TYR C   OXT  sing N N 300 
TYR CB  CG   sing N N 301 
TYR CB  HB2  sing N N 302 
TYR CB  HB3  sing N N 303 
TYR CG  CD1  doub Y N 304 
TYR CG  CD2  sing Y N 305 
TYR CD1 CE1  sing Y N 306 
TYR CD1 HD1  sing N N 307 
TYR CD2 CE2  doub Y N 308 
TYR CD2 HD2  sing N N 309 
TYR CE1 CZ   doub Y N 310 
TYR CE1 HE1  sing N N 311 
TYR CE2 CZ   sing Y N 312 
TYR CE2 HE2  sing N N 313 
TYR CZ  OH   sing N N 314 
TYR OH  HH   sing N N 315 
TYR OXT HXT  sing N N 316 
VAL N   CA   sing N N 317 
VAL N   H    sing N N 318 
VAL N   H2   sing N N 319 
VAL CA  C    sing N N 320 
VAL CA  CB   sing N N 321 
VAL CA  HA   sing N N 322 
VAL C   O    doub N N 323 
VAL C   OXT  sing N N 324 
VAL CB  CG1  sing N N 325 
VAL CB  CG2  sing N N 326 
VAL CB  HB   sing N N 327 
VAL CG1 HG11 sing N N 328 
VAL CG1 HG12 sing N N 329 
VAL CG1 HG13 sing N N 330 
VAL CG2 HG21 sing N N 331 
VAL CG2 HG22 sing N N 332 
VAL CG2 HG23 sing N N 333 
VAL OXT HXT  sing N N 334 
# 
_atom_sites.entry_id                    3M9G 
_atom_sites.fract_transf_matrix[1][1]   -0.00658319 
_atom_sites.fract_transf_matrix[1][2]   0.00354681 
_atom_sites.fract_transf_matrix[1][3]   -0.00791118 
_atom_sites.fract_transf_matrix[2][1]   -0.00442086 
_atom_sites.fract_transf_matrix[2][2]   -0.00883129 
_atom_sites.fract_transf_matrix[2][3]   -0.00028055 
_atom_sites.fract_transf_matrix[3][1]   -0.00881400 
_atom_sites.fract_transf_matrix[3][2]   0.00412052 
_atom_sites.fract_transf_matrix[3][3]   0.00918181 
_atom_sites.fract_transf_vector[1]      0.488916 
_atom_sites.fract_transf_vector[2]      0.188412 
_atom_sites.fract_transf_vector[3]      0.312045 
# 
loop_
_atom_type.symbol 
C  
N  
O  
S  
ZN 
# 
loop_
_atom_site.group_PDB 
_atom_site.id 
_atom_site.type_symbol 
_atom_site.label_atom_id 
_atom_site.label_alt_id 
_atom_site.label_comp_id 
_atom_site.label_asym_id 
_atom_site.label_entity_id 
_atom_site.label_seq_id 
_atom_site.pdbx_PDB_ins_code 
_atom_site.Cartn_x 
_atom_site.Cartn_y 
_atom_site.Cartn_z 
_atom_site.occupancy 
_atom_site.B_iso_or_equiv 
_atom_site.pdbx_formal_charge 
_atom_site.auth_seq_id 
_atom_site.auth_comp_id 
_atom_site.auth_asym_id 
_atom_site.auth_atom_id 
_atom_site.pdbx_PDB_model_num 
ATOM   1    N  N   . TYR A 1 1   ? -48.126 -6.325  -26.375 1.00 65.00 ? 376  TYR A N   1 
ATOM   2    C  CA  . TYR A 1 1   ? -47.922 -6.278  -27.867 1.00 65.00 ? 376  TYR A CA  1 
ATOM   3    C  C   . TYR A 1 1   ? -46.666 -6.987  -28.475 1.00 65.00 ? 376  TYR A C   1 
ATOM   4    O  O   . TYR A 1 1   ? -46.383 -6.855  -29.685 1.00 65.00 ? 376  TYR A O   1 
ATOM   5    C  CB  . TYR A 1 1   ? -47.985 -4.824  -28.356 1.00 65.00 ? 376  TYR A CB  1 
ATOM   6    C  CG  . TYR A 1 1   ? -48.832 -4.685  -29.590 1.00 65.00 ? 376  TYR A CG  1 
ATOM   7    C  CD1 . TYR A 1 1   ? -50.149 -5.222  -29.612 1.00 65.00 ? 376  TYR A CD1 1 
ATOM   8    C  CD2 . TYR A 1 1   ? -48.334 -4.041  -30.736 1.00 65.00 ? 376  TYR A CD2 1 
ATOM   9    C  CE1 . TYR A 1 1   ? -50.947 -5.125  -30.739 1.00 65.00 ? 376  TYR A CE1 1 
ATOM   10   C  CE2 . TYR A 1 1   ? -49.138 -3.929  -31.887 1.00 65.00 ? 376  TYR A CE2 1 
ATOM   11   C  CZ  . TYR A 1 1   ? -50.446 -4.477  -31.877 1.00 65.00 ? 376  TYR A CZ  1 
ATOM   12   O  OH  . TYR A 1 1   ? -51.241 -4.370  -32.988 1.00 65.00 ? 376  TYR A OH  1 
ATOM   13   N  N   . GLU A 1 2   ? -45.925 -7.719  -27.641 1.00 65.00 ? 377  GLU A N   1 
ATOM   14   C  CA  . GLU A 1 2   ? -44.671 -8.371  -28.030 1.00 65.00 ? 377  GLU A CA  1 
ATOM   15   C  C   . GLU A 1 2   ? -43.833 -8.571  -26.784 1.00 64.17 ? 377  GLU A C   1 
ATOM   16   O  O   . GLU A 1 2   ? -43.808 -7.704  -25.907 1.00 63.58 ? 377  GLU A O   1 
ATOM   17   C  CB  . GLU A 1 2   ? -43.906 -7.528  -29.038 1.00 65.00 ? 377  GLU A CB  1 
ATOM   18   C  CG  . GLU A 1 2   ? -42.913 -8.279  -29.879 1.00 65.00 ? 377  GLU A CG  1 
ATOM   19   C  CD  . GLU A 1 2   ? -42.363 -7.423  -31.067 1.00 65.00 ? 377  GLU A CD  1 
ATOM   20   O  OE1 . GLU A 1 2   ? -41.848 -8.017  -32.066 1.00 65.00 ? 377  GLU A OE1 1 
ATOM   21   O  OE2 . GLU A 1 2   ? -42.430 -6.162  -30.994 1.00 65.00 ? 377  GLU A OE2 1 
ATOM   22   N  N   . GLU A 1 3   ? -43.212 -9.755  -26.703 1.00 63.74 ? 378  GLU A N   1 
ATOM   23   C  CA  . GLU A 1 3   ? -42.117 -10.113 -25.767 1.00 60.92 ? 378  GLU A CA  1 
ATOM   24   C  C   . GLU A 1 3   ? -41.013 -9.054  -25.895 1.00 56.87 ? 378  GLU A C   1 
ATOM   25   O  O   . GLU A 1 3   ? -40.706 -8.619  -27.023 1.00 56.28 ? 378  GLU A O   1 
ATOM   26   C  CB  . GLU A 1 3   ? -41.489 -11.437 -26.257 1.00 62.84 ? 378  GLU A CB  1 
ATOM   27   C  CG  . GLU A 1 3   ? -40.815 -11.229 -27.714 1.00 65.00 ? 378  GLU A CG  1 
ATOM   28   C  CD  . GLU A 1 3   ? -40.063 -12.424 -28.371 1.00 65.00 ? 378  GLU A CD  1 
ATOM   29   O  OE1 . GLU A 1 3   ? -40.094 -13.559 -27.848 1.00 65.00 ? 378  GLU A OE1 1 
ATOM   30   O  OE2 . GLU A 1 3   ? -39.427 -12.209 -29.443 1.00 65.00 ? 378  GLU A OE2 1 
ATOM   31   N  N   . THR A 1 4   ? -40.390 -8.617  -24.811 1.00 49.96 ? 379  THR A N   1 
ATOM   32   C  CA  . THR A 1 4   ? -39.064 -8.090  -25.090 1.00 46.98 ? 379  THR A CA  1 
ATOM   33   C  C   . THR A 1 4   ? -38.133 -9.275  -25.355 1.00 43.12 ? 379  THR A C   1 
ATOM   34   O  O   . THR A 1 4   ? -37.959 -10.150 -24.490 1.00 38.88 ? 379  THR A O   1 
ATOM   35   C  CB  . THR A 1 4   ? -38.444 -7.094  -24.075 1.00 46.39 ? 379  THR A CB  1 
ATOM   36   O  OG1 . THR A 1 4   ? -39.233 -7.005  -22.898 1.00 49.48 ? 379  THR A OG1 1 
ATOM   37   C  CG2 . THR A 1 4   ? -38.418 -5.765  -24.675 1.00 47.71 ? 379  THR A CG2 1 
ATOM   38   N  N   . PRO A 1 5   ? -37.534 -9.305  -26.560 1.00 40.52 ? 380  PRO A N   1 
ATOM   39   C  CA  . PRO A 1 5   ? -36.656 -10.408 -26.822 1.00 40.04 ? 380  PRO A CA  1 
ATOM   40   C  C   . PRO A 1 5   ? -35.661 -10.413 -25.697 1.00 40.90 ? 380  PRO A C   1 
ATOM   41   O  O   . PRO A 1 5   ? -35.613 -9.480  -24.939 1.00 44.66 ? 380  PRO A O   1 
ATOM   42   C  CB  . PRO A 1 5   ? -35.986 -10.035 -28.147 1.00 36.84 ? 380  PRO A CB  1 
ATOM   43   C  CG  . PRO A 1 5   ? -36.218 -8.590  -28.308 1.00 37.55 ? 380  PRO A CG  1 
ATOM   44   C  CD  . PRO A 1 5   ? -37.469 -8.270  -27.608 1.00 37.91 ? 380  PRO A CD  1 
ATOM   45   N  N   . ASP A 1 6   ? -34.881 -11.465 -25.584 1.00 40.53 ? 381  ASP A N   1 
ATOM   46   C  CA  . ASP A 1 6   ? -33.920 -11.611 -24.544 1.00 35.29 ? 381  ASP A CA  1 
ATOM   47   C  C   . ASP A 1 6   ? -32.543 -11.220 -25.039 1.00 36.23 ? 381  ASP A C   1 
ATOM   48   O  O   . ASP A 1 6   ? -32.026 -11.792 -25.988 1.00 35.48 ? 381  ASP A O   1 
ATOM   49   C  CB  . ASP A 1 6   ? -33.878 -13.057 -24.238 1.00 32.53 ? 381  ASP A CB  1 
ATOM   50   C  CG  . ASP A 1 6   ? -33.167 -13.349 -23.000 1.00 35.43 ? 381  ASP A CG  1 
ATOM   51   O  OD1 . ASP A 1 6   ? -32.118 -12.722 -22.719 1.00 42.02 ? 381  ASP A OD1 1 
ATOM   52   O  OD2 . ASP A 1 6   ? -33.686 -14.198 -22.257 1.00 36.79 ? 381  ASP A OD2 1 
ATOM   53   N  N   . VAL A 1 7   ? -31.895 -10.288 -24.365 1.00 38.10 ? 382  VAL A N   1 
ATOM   54   C  CA  . VAL A 1 7   ? -30.519 -10.045 -24.711 1.00 37.38 ? 382  VAL A CA  1 
ATOM   55   C  C   . VAL A 1 7   ? -29.548 -10.177 -23.554 1.00 38.41 ? 382  VAL A C   1 
ATOM   56   O  O   . VAL A 1 7   ? -28.370 -9.876  -23.740 1.00 41.30 ? 382  VAL A O   1 
ATOM   57   C  CB  . VAL A 1 7   ? -30.329 -8.704  -25.406 1.00 37.62 ? 382  VAL A CB  1 
ATOM   58   C  CG1 . VAL A 1 7   ? -31.114 -8.675  -26.705 1.00 37.03 ? 382  VAL A CG1 1 
ATOM   59   C  CG2 . VAL A 1 7   ? -30.720 -7.574  -24.490 1.00 34.07 ? 382  VAL A CG2 1 
ATOM   60   N  N   . ILE A 1 8   ? -30.011 -10.631 -22.383 1.00 36.17 ? 383  ILE A N   1 
ATOM   61   C  CA  . ILE A 1 8   ? -29.138 -10.727 -21.204 1.00 32.32 ? 383  ILE A CA  1 
ATOM   62   C  C   . ILE A 1 8   ? -27.872 -11.575 -21.491 1.00 31.38 ? 383  ILE A C   1 
ATOM   63   O  O   . ILE A 1 8   ? -27.935 -12.704 -21.917 1.00 32.97 ? 383  ILE A O   1 
ATOM   64   C  CB  . ILE A 1 8   ? -29.910 -11.323 -20.012 1.00 20.00 ? 383  ILE A CB  1 
ATOM   65   C  CG1 . ILE A 1 8   ? -31.151 -10.483 -19.706 1.00 20.00 ? 383  ILE A CG1 1 
ATOM   66   C  CG2 . ILE A 1 8   ? -29.011 -11.419 -18.790 1.00 20.00 ? 383  ILE A CG2 1 
ATOM   67   C  CD1 . ILE A 1 8   ? -30.844 -9.040  -19.374 1.00 20.00 ? 383  ILE A CD1 1 
ATOM   68   N  N   . GLY A 1 9   ? -26.701 -11.008 -21.307 1.00 33.08 ? 384  GLY A N   1 
ATOM   69   C  CA  . GLY A 1 9   ? -25.501 -11.761 -21.557 1.00 34.78 ? 384  GLY A CA  1 
ATOM   70   C  C   . GLY A 1 9   ? -25.027 -11.634 -22.979 1.00 36.87 ? 384  GLY A C   1 
ATOM   71   O  O   . GLY A 1 9   ? -24.189 -12.393 -23.407 1.00 40.33 ? 384  GLY A O   1 
ATOM   72   N  N   . LYS A 1 10  ? -25.532 -10.667 -23.725 1.00 37.34 ? 385  LYS A N   1 
ATOM   73   C  CA  . LYS A 1 10  ? -25.077 -10.474 -25.092 1.00 37.30 ? 385  LYS A CA  1 
ATOM   74   C  C   . LYS A 1 10  ? -24.393 -9.117  -25.273 1.00 36.52 ? 385  LYS A C   1 
ATOM   75   O  O   . LYS A 1 10  ? -24.531 -8.228  -24.437 1.00 37.14 ? 385  LYS A O   1 
ATOM   76   C  CB  . LYS A 1 10  ? -26.255 -10.650 -26.060 1.00 38.42 ? 385  LYS A CB  1 
ATOM   77   C  CG  . LYS A 1 10  ? -26.477 -12.104 -26.486 1.00 41.24 ? 385  LYS A CG  1 
ATOM   78   C  CD  . LYS A 1 10  ? -27.759 -12.348 -27.297 1.00 40.15 ? 385  LYS A CD  1 
ATOM   79   C  CE  . LYS A 1 10  ? -28.806 -13.135 -26.494 1.00 42.05 ? 385  LYS A CE  1 
ATOM   80   N  NZ  . LYS A 1 10  ? -28.584 -14.636 -26.486 1.00 39.35 ? 385  LYS A NZ  1 
ATOM   81   N  N   . SER A 1 11  ? -23.651 -8.955  -26.363 1.00 36.19 ? 386  SER A N   1 
ATOM   82   C  CA  . SER A 1 11  ? -23.039 -7.667  -26.663 1.00 36.09 ? 386  SER A CA  1 
ATOM   83   C  C   . SER A 1 11  ? -24.111 -6.648  -27.008 1.00 36.00 ? 386  SER A C   1 
ATOM   84   O  O   . SER A 1 11  ? -25.207 -7.024  -27.418 1.00 36.31 ? 386  SER A O   1 
ATOM   85   C  CB  . SER A 1 11  ? -22.165 -7.838  -27.869 1.00 36.94 ? 386  SER A CB  1 
ATOM   86   O  OG  . SER A 1 11  ? -22.941 -8.449  -28.883 1.00 43.38 ? 386  SER A OG  1 
ATOM   87   N  N   . VAL A 1 12  ? -23.817 -5.358  -26.895 1.00 37.38 ? 387  VAL A N   1 
ATOM   88   C  CA  . VAL A 1 12  ? -24.818 -4.400  -27.372 1.00 38.33 ? 387  VAL A CA  1 
ATOM   89   C  C   . VAL A 1 12  ? -25.063 -4.656  -28.833 1.00 41.75 ? 387  VAL A C   1 
ATOM   90   O  O   . VAL A 1 12  ? -26.220 -4.637  -29.280 1.00 44.26 ? 387  VAL A O   1 
ATOM   91   C  CB  . VAL A 1 12  ? -24.478 -2.906  -27.195 1.00 34.14 ? 387  VAL A CB  1 
ATOM   92   C  CG1 . VAL A 1 12  ? -24.588 -2.513  -25.774 1.00 36.07 ? 387  VAL A CG1 1 
ATOM   93   C  CG2 . VAL A 1 12  ? -23.127 -2.567  -27.713 1.00 33.22 ? 387  VAL A CG2 1 
ATOM   94   N  N   . LYS A 1 13  ? -23.977 -4.928  -29.559 1.00 42.75 ? 388  LYS A N   1 
ATOM   95   C  CA  . LYS A 1 13  ? -24.052 -5.121  -30.991 1.00 44.18 ? 388  LYS A CA  1 
ATOM   96   C  C   . LYS A 1 13  ? -24.993 -6.294  -31.367 1.00 42.36 ? 388  LYS A C   1 
ATOM   97   O  O   . LYS A 1 13  ? -25.920 -6.128  -32.162 1.00 41.91 ? 388  LYS A O   1 
ATOM   98   C  CB  . LYS A 1 13  ? -22.649 -5.262  -31.577 1.00 46.15 ? 388  LYS A CB  1 
ATOM   99   C  CG  . LYS A 1 13  ? -22.566 -4.899  -33.057 1.00 52.01 ? 388  LYS A CG  1 
ATOM   100  C  CD  . LYS A 1 13  ? -22.901 -6.100  -33.987 1.00 60.09 ? 388  LYS A CD  1 
ATOM   101  C  CE  . LYS A 1 13  ? -23.280 -5.671  -35.456 1.00 64.09 ? 388  LYS A CE  1 
ATOM   102  N  NZ  . LYS A 1 13  ? -22.240 -4.848  -36.195 1.00 65.00 ? 388  LYS A NZ  1 
ATOM   103  N  N   . GLU A 1 14  ? -24.804 -7.452  -30.765 1.00 40.12 ? 389  GLU A N   1 
ATOM   104  C  CA  . GLU A 1 14  ? -25.778 -8.482  -30.972 1.00 40.94 ? 389  GLU A CA  1 
ATOM   105  C  C   . GLU A 1 14  ? -27.163 -8.076  -30.435 1.00 40.63 ? 389  GLU A C   1 
ATOM   106  O  O   . GLU A 1 14  ? -28.200 -8.495  -30.948 1.00 41.34 ? 389  GLU A O   1 
ATOM   107  C  CB  . GLU A 1 14  ? -25.325 -9.786  -30.351 1.00 41.73 ? 389  GLU A CB  1 
ATOM   108  C  CG  . GLU A 1 14  ? -26.456 -10.755 -30.238 1.00 47.42 ? 389  GLU A CG  1 
ATOM   109  C  CD  . GLU A 1 14  ? -26.090 -12.185 -30.560 1.00 53.02 ? 389  GLU A CD  1 
ATOM   110  O  OE1 . GLU A 1 14  ? -26.918 -12.829 -31.269 1.00 58.48 ? 389  GLU A OE1 1 
ATOM   111  O  OE2 . GLU A 1 14  ? -25.009 -12.665 -30.107 1.00 56.73 ? 389  GLU A OE2 1 
ATOM   112  N  N   . ALA A 1 15  ? -27.208 -7.260  -29.406 1.00 39.55 ? 390  ALA A N   1 
ATOM   113  C  CA  . ALA A 1 15  ? -28.515 -6.921  -28.897 1.00 38.99 ? 390  ALA A CA  1 
ATOM   114  C  C   . ALA A 1 15  ? -29.373 -6.100  -29.903 1.00 38.26 ? 390  ALA A C   1 
ATOM   115  O  O   . ALA A 1 15  ? -30.544 -6.407  -30.072 1.00 35.41 ? 390  ALA A O   1 
ATOM   116  C  CB  . ALA A 1 15  ? -28.383 -6.217  -27.593 1.00 37.30 ? 390  ALA A CB  1 
ATOM   117  N  N   . GLU A 1 16  ? -28.790 -5.075  -30.545 1.00 39.49 ? 391  GLU A N   1 
ATOM   118  C  CA  . GLU A 1 16  ? -29.494 -4.265  -31.551 1.00 41.71 ? 391  GLU A CA  1 
ATOM   119  C  C   . GLU A 1 16  ? -30.029 -5.191  -32.600 1.00 42.98 ? 391  GLU A C   1 
ATOM   120  O  O   . GLU A 1 16  ? -31.211 -5.139  -32.902 1.00 43.61 ? 391  GLU A O   1 
ATOM   121  C  CB  . GLU A 1 16  ? -28.604 -3.216  -32.221 1.00 41.27 ? 391  GLU A CB  1 
ATOM   122  C  CG  . GLU A 1 16  ? -29.045 -1.762  -32.010 1.00 46.70 ? 391  GLU A CG  1 
ATOM   123  C  CD  . GLU A 1 16  ? -28.196 -0.713  -32.808 1.00 52.90 ? 391  GLU A CD  1 
ATOM   124  O  OE1 . GLU A 1 16  ? -27.318 -1.110  -33.592 1.00 57.93 ? 391  GLU A OE1 1 
ATOM   125  O  OE2 . GLU A 1 16  ? -28.390 0.525   -32.680 1.00 55.90 ? 391  GLU A OE2 1 
ATOM   126  N  N   . GLN A 1 17  ? -29.190 -6.074  -33.138 1.00 43.49 ? 392  GLN A N   1 
ATOM   127  C  CA  . GLN A 1 17  ? -29.692 -7.008  -34.134 1.00 46.80 ? 392  GLN A CA  1 
ATOM   128  C  C   . GLN A 1 17  ? -30.906 -7.779  -33.665 1.00 48.17 ? 392  GLN A C   1 
ATOM   129  O  O   . GLN A 1 17  ? -31.746 -8.090  -34.480 1.00 53.73 ? 392  GLN A O   1 
ATOM   130  C  CB  . GLN A 1 17  ? -28.658 -8.023  -34.563 1.00 49.90 ? 392  GLN A CB  1 
ATOM   131  C  CG  . GLN A 1 17  ? -27.431 -7.462  -35.208 1.00 58.64 ? 392  GLN A CG  1 
ATOM   132  C  CD  . GLN A 1 17  ? -26.393 -8.564  -35.413 1.00 63.54 ? 392  GLN A CD  1 
ATOM   133  O  OE1 . GLN A 1 17  ? -25.245 -8.475  -34.921 1.00 65.00 ? 392  GLN A OE1 1 
ATOM   134  N  NE2 . GLN A 1 17  ? -26.805 -9.635  -36.115 1.00 65.00 ? 392  GLN A NE2 1 
ATOM   135  N  N   . ILE A 1 18  ? -31.006 -8.133  -32.389 1.00 47.60 ? 393  ILE A N   1 
ATOM   136  C  CA  . ILE A 1 18  ? -32.148 -8.941  -31.977 1.00 47.65 ? 393  ILE A CA  1 
ATOM   137  C  C   . ILE A 1 18  ? -33.349 -8.029  -31.808 1.00 49.05 ? 393  ILE A C   1 
ATOM   138  O  O   . ILE A 1 18  ? -34.486 -8.421  -32.080 1.00 51.21 ? 393  ILE A O   1 
ATOM   139  C  CB  . ILE A 1 18  ? -31.905 -9.788  -30.696 1.00 46.42 ? 393  ILE A CB  1 
ATOM   140  C  CG1 . ILE A 1 18  ? -30.580 -10.548 -30.781 1.00 45.91 ? 393  ILE A CG1 1 
ATOM   141  C  CG2 . ILE A 1 18  ? -33.024 -10.783 -30.511 1.00 43.34 ? 393  ILE A CG2 1 
ATOM   142  C  CD1 . ILE A 1 18  ? -30.497 -11.847 -29.887 1.00 43.05 ? 393  ILE A CD1 1 
ATOM   143  N  N   . PHE A 1 19  ? -33.070 -6.808  -31.371 1.00 49.25 ? 394  PHE A N   1 
ATOM   144  C  CA  . PHE A 1 19  ? -34.058 -5.746  -31.257 1.00 48.28 ? 394  PHE A CA  1 
ATOM   145  C  C   . PHE A 1 19  ? -34.604 -5.290  -32.621 1.00 49.08 ? 394  PHE A C   1 
ATOM   146  O  O   . PHE A 1 19  ? -35.824 -5.225  -32.828 1.00 48.65 ? 394  PHE A O   1 
ATOM   147  C  CB  . PHE A 1 19  ? -33.412 -4.524  -30.618 1.00 45.87 ? 394  PHE A CB  1 
ATOM   148  C  CG  . PHE A 1 19  ? -33.177 -4.639  -29.169 1.00 42.74 ? 394  PHE A CG  1 
ATOM   149  C  CD1 . PHE A 1 19  ? -33.913 -5.503  -28.389 1.00 40.76 ? 394  PHE A CD1 1 
ATOM   150  C  CD2 . PHE A 1 19  ? -32.225 -3.825  -28.568 1.00 40.85 ? 394  PHE A CD2 1 
ATOM   151  C  CE1 . PHE A 1 19  ? -33.686 -5.540  -27.040 1.00 36.01 ? 394  PHE A CE1 1 
ATOM   152  C  CE2 . PHE A 1 19  ? -32.004 -3.858  -27.222 1.00 34.19 ? 394  PHE A CE2 1 
ATOM   153  C  CZ  . PHE A 1 19  ? -32.733 -4.709  -26.466 1.00 37.94 ? 394  PHE A CZ  1 
ATOM   154  N  N   . ASN A 1 20  ? -33.690 -4.911  -33.514 1.00 48.70 ? 395  ASN A N   1 
ATOM   155  C  CA  . ASN A 1 20  ? -34.048 -4.446  -34.840 1.00 50.94 ? 395  ASN A CA  1 
ATOM   156  C  C   . ASN A 1 20  ? -34.886 -5.522  -35.504 1.00 52.95 ? 395  ASN A C   1 
ATOM   157  O  O   . ASN A 1 20  ? -36.052 -5.294  -35.862 1.00 55.82 ? 395  ASN A O   1 
ATOM   158  C  CB  . ASN A 1 20  ? -32.810 -4.052  -35.644 1.00 48.67 ? 395  ASN A CB  1 
ATOM   159  C  CG  . ASN A 1 20  ? -32.250 -2.694  -35.197 1.00 45.36 ? 395  ASN A CG  1 
ATOM   160  O  OD1 . ASN A 1 20  ? -31.239 -2.234  -35.700 1.00 44.42 ? 395  ASN A OD1 1 
ATOM   161  N  ND2 . ASN A 1 20  ? -32.921 -2.045  -34.233 1.00 37.35 ? 395  ASN A ND2 1 
ATOM   162  N  N   . LYS A 1 21  ? -34.344 -6.728  -35.553 1.00 52.40 ? 396  LYS A N   1 
ATOM   163  C  CA  . LYS A 1 21  ? -35.078 -7.860  -36.036 1.00 51.98 ? 396  LYS A CA  1 
ATOM   164  C  C   . LYS A 1 21  ? -36.432 -7.998  -35.394 1.00 52.49 ? 396  LYS A C   1 
ATOM   165  O  O   . LYS A 1 21  ? -37.144 -8.954  -35.635 1.00 53.68 ? 396  LYS A O   1 
ATOM   166  C  CB  . LYS A 1 21  ? -34.275 -9.120  -35.742 1.00 53.54 ? 396  LYS A CB  1 
ATOM   167  C  CG  . LYS A 1 21  ? -34.993 -10.456 -35.957 1.00 58.25 ? 396  LYS A CG  1 
ATOM   168  C  CD  . LYS A 1 21  ? -34.411 -11.213 -37.148 1.00 59.51 ? 396  LYS A CD  1 
ATOM   169  C  CE  . LYS A 1 21  ? -32.916 -11.657 -36.899 1.00 65.00 ? 396  LYS A CE  1 
ATOM   170  N  NZ  . LYS A 1 21  ? -32.244 -12.582 -37.938 1.00 65.00 ? 396  LYS A NZ  1 
ATOM   171  N  N   . ASN A 1 22  ? -36.825 -7.076  -34.558 1.00 50.07 ? 397  ASN A N   1 
ATOM   172  C  CA  . ASN A 1 22  ? -38.079 -7.312  -33.914 1.00 49.57 ? 397  ASN A CA  1 
ATOM   173  C  C   . ASN A 1 22  ? -38.865 -6.082  -33.955 1.00 51.20 ? 397  ASN A C   1 
ATOM   174  O  O   . ASN A 1 22  ? -39.911 -5.964  -33.300 1.00 50.75 ? 397  ASN A O   1 
ATOM   175  C  CB  . ASN A 1 22  ? -37.849 -7.778  -32.495 1.00 46.63 ? 397  ASN A CB  1 
ATOM   176  C  CG  . ASN A 1 22  ? -37.485 -9.177  -32.463 1.00 43.87 ? 397  ASN A CG  1 
ATOM   177  O  OD1 . ASN A 1 22  ? -38.326 -10.018 -32.687 1.00 43.06 ? 397  ASN A OD1 1 
ATOM   178  N  ND2 . ASN A 1 22  ? -36.211 -9.461  -32.297 1.00 43.21 ? 397  ASN A ND2 1 
ATOM   179  N  N   . ASN A 1 23  ? -38.347 -5.150  -34.745 1.00 52.95 ? 398  ASN A N   1 
ATOM   180  C  CA  . ASN A 1 23  ? -38.982 -3.847  -34.890 1.00 55.96 ? 398  ASN A CA  1 
ATOM   181  C  C   . ASN A 1 23  ? -38.564 -2.815  -33.822 1.00 56.30 ? 398  ASN A C   1 
ATOM   182  O  O   . ASN A 1 23  ? -38.624 -1.595  -34.076 1.00 57.82 ? 398  ASN A O   1 
ATOM   183  C  CB  . ASN A 1 23  ? -40.518 -4.016  -34.978 1.00 55.30 ? 398  ASN A CB  1 
ATOM   184  C  CG  . ASN A 1 23  ? -40.913 -5.050  -36.039 1.00 54.42 ? 398  ASN A CG  1 
ATOM   185  O  OD1 . ASN A 1 23  ? -40.418 -4.991  -37.168 1.00 50.79 ? 398  ASN A OD1 1 
ATOM   186  N  ND2 . ASN A 1 23  ? -41.750 -6.028  -35.662 1.00 54.10 ? 398  ASN A ND2 1 
ATOM   187  N  N   . LEU A 1 24  ? -38.117 -3.304  -32.657 1.00 54.19 ? 399  LEU A N   1 
ATOM   188  C  CA  . LEU A 1 24  ? -37.651 -2.432  -31.578 1.00 50.14 ? 399  LEU A CA  1 
ATOM   189  C  C   . LEU A 1 24  ? -36.302 -1.863  -31.945 1.00 48.28 ? 399  LEU A C   1 
ATOM   190  O  O   . LEU A 1 24  ? -35.510 -2.496  -32.632 1.00 47.46 ? 399  LEU A O   1 
ATOM   191  C  CB  . LEU A 1 24  ? -37.587 -3.176  -30.246 1.00 48.45 ? 399  LEU A CB  1 
ATOM   192  C  CG  . LEU A 1 24  ? -38.896 -3.718  -29.670 1.00 44.57 ? 399  LEU A CG  1 
ATOM   193  C  CD1 . LEU A 1 24  ? -40.034 -2.821  -29.985 1.00 43.56 ? 399  LEU A CD1 1 
ATOM   194  C  CD2 . LEU A 1 24  ? -39.187 -5.032  -30.243 1.00 43.80 ? 399  LEU A CD2 1 
ATOM   195  N  N   . LYS A 1 25  ? -36.048 -0.641  -31.542 1.00 47.85 ? 400  LYS A N   1 
ATOM   196  C  CA  . LYS A 1 25  ? -34.690 -0.163  -31.673 1.00 48.69 ? 400  LYS A CA  1 
ATOM   197  C  C   . LYS A 1 25  ? -34.144 -0.005  -30.265 1.00 46.79 ? 400  LYS A C   1 
ATOM   198  O  O   . LYS A 1 25  ? -34.858 0.392   -29.337 1.00 44.48 ? 400  LYS A O   1 
ATOM   199  C  CB  . LYS A 1 25  ? -34.607 1.132   -32.502 1.00 52.81 ? 400  LYS A CB  1 
ATOM   200  C  CG  . LYS A 1 25  ? -35.907 2.025   -32.556 1.00 55.26 ? 400  LYS A CG  1 
ATOM   201  C  CD  . LYS A 1 25  ? -36.111 2.876   -31.266 1.00 61.11 ? 400  LYS A CD  1 
ATOM   202  C  CE  . LYS A 1 25  ? -34.838 3.724   -30.871 1.00 59.85 ? 400  LYS A CE  1 
ATOM   203  N  NZ  . LYS A 1 25  ? -34.807 4.339   -29.467 1.00 58.26 ? 400  LYS A NZ  1 
ATOM   204  N  N   . LEU A 1 26  ? -32.886 -0.355  -30.073 1.00 44.31 ? 401  LEU A N   1 
ATOM   205  C  CA  . LEU A 1 26  ? -32.336 -0.192  -28.756 1.00 43.81 ? 401  LEU A CA  1 
ATOM   206  C  C   . LEU A 1 26  ? -32.314 1.284   -28.586 1.00 43.01 ? 401  LEU A C   1 
ATOM   207  O  O   . LEU A 1 26  ? -32.429 2.008   -29.565 1.00 42.47 ? 401  LEU A O   1 
ATOM   208  C  CB  . LEU A 1 26  ? -30.901 -0.736  -28.680 1.00 44.23 ? 401  LEU A CB  1 
ATOM   209  C  CG  . LEU A 1 26  ? -29.743 0.209   -28.366 1.00 42.22 ? 401  LEU A CG  1 
ATOM   210  C  CD1 . LEU A 1 26  ? -28.525 -0.537  -27.911 1.00 36.45 ? 401  LEU A CD1 1 
ATOM   211  C  CD2 . LEU A 1 26  ? -29.445 1.033   -29.612 1.00 43.03 ? 401  LEU A CD2 1 
ATOM   212  N  N   . GLY A 1 27  ? -32.143 1.750   -27.366 1.00 42.37 ? 402  GLY A N   1 
ATOM   213  C  CA  . GLY A 1 27  ? -31.631 3.089   -27.225 1.00 43.23 ? 402  GLY A CA  1 
ATOM   214  C  C   . GLY A 1 27  ? -31.385 3.315   -25.777 1.00 42.79 ? 402  GLY A C   1 
ATOM   215  O  O   . GLY A 1 27  ? -32.262 3.013   -25.017 1.00 46.13 ? 402  GLY A O   1 
ATOM   216  N  N   . LYS A 1 28  ? -30.212 3.829   -25.398 1.00 44.00 ? 403  LYS A N   1 
ATOM   217  C  CA  . LYS A 1 28  ? -29.875 4.198   -23.980 1.00 44.61 ? 403  LYS A CA  1 
ATOM   218  C  C   . LYS A 1 28  ? -29.147 3.100   -23.192 1.00 43.90 ? 403  LYS A C   1 
ATOM   219  O  O   . LYS A 1 28  ? -29.751 2.174   -22.617 1.00 41.69 ? 403  LYS A O   1 
ATOM   220  C  CB  . LYS A 1 28  ? -31.043 4.749   -23.176 1.00 45.80 ? 403  LYS A CB  1 
ATOM   221  C  CG  . LYS A 1 28  ? -30.709 6.040   -22.462 1.00 54.03 ? 403  LYS A CG  1 
ATOM   222  C  CD  . LYS A 1 28  ? -29.601 5.897   -21.424 1.00 60.67 ? 403  LYS A CD  1 
ATOM   223  C  CE  . LYS A 1 28  ? -30.105 5.145   -20.178 1.00 65.00 ? 403  LYS A CE  1 
ATOM   224  N  NZ  . LYS A 1 28  ? -30.891 6.031   -19.276 1.00 65.00 ? 403  LYS A NZ  1 
ATOM   225  N  N   . ILE A 1 29  ? -27.831 3.296   -23.160 1.00 42.75 ? 404  ILE A N   1 
ATOM   226  C  CA  . ILE A 1 29  ? -26.836 2.335   -22.807 1.00 42.60 ? 404  ILE A CA  1 
ATOM   227  C  C   . ILE A 1 29  ? -26.191 2.860   -21.518 1.00 44.26 ? 404  ILE A C   1 
ATOM   228  O  O   . ILE A 1 29  ? -25.426 3.834   -21.531 1.00 46.63 ? 404  ILE A O   1 
ATOM   229  C  CB  . ILE A 1 29  ? -25.779 2.189   -23.973 1.00 43.57 ? 404  ILE A CB  1 
ATOM   230  C  CG1 . ILE A 1 29  ? -25.131 3.552   -24.399 1.00 48.90 ? 404  ILE A CG1 1 
ATOM   231  C  CG2 . ILE A 1 29  ? -26.363 1.527   -25.201 1.00 37.95 ? 404  ILE A CG2 1 
ATOM   232  C  CD1 . ILE A 1 29  ? -26.064 4.898   -24.718 1.00 52.95 ? 404  ILE A CD1 1 
ATOM   233  N  N   . SER A 1 30  ? -26.545 2.254   -20.390 1.00 41.97 ? 405  SER A N   1 
ATOM   234  C  CA  . SER A 1 30  ? -25.884 2.557   -19.136 1.00 40.27 ? 405  SER A CA  1 
ATOM   235  C  C   . SER A 1 30  ? -25.012 1.375   -18.714 1.00 39.84 ? 405  SER A C   1 
ATOM   236  O  O   . SER A 1 30  ? -24.959 0.383   -19.389 1.00 41.02 ? 405  SER A O   1 
ATOM   237  C  CB  . SER A 1 30  ? -26.921 2.864   -18.090 1.00 40.56 ? 405  SER A CB  1 
ATOM   238  O  OG  . SER A 1 30  ? -28.049 2.096   -18.358 1.00 44.36 ? 405  SER A OG  1 
ATOM   239  N  N   . ARG A 1 31  ? -24.306 1.483   -17.605 1.00 40.16 ? 406  ARG A N   1 
ATOM   240  C  CA  . ARG A 1 31  ? -23.284 0.502   -17.275 1.00 39.88 ? 406  ARG A CA  1 
ATOM   241  C  C   . ARG A 1 31  ? -23.298 0.129   -15.786 1.00 39.61 ? 406  ARG A C   1 
ATOM   242  O  O   . ARG A 1 31  ? -23.859 0.848   -14.960 1.00 42.58 ? 406  ARG A O   1 
ATOM   243  C  CB  . ARG A 1 31  ? -21.910 1.019   -17.693 1.00 40.16 ? 406  ARG A CB  1 
ATOM   244  C  CG  . ARG A 1 31  ? -21.924 2.020   -18.865 1.00 43.47 ? 406  ARG A CG  1 
ATOM   245  C  CD  . ARG A 1 31  ? -21.235 1.588   -20.169 1.00 47.35 ? 406  ARG A CD  1 
ATOM   246  N  NE  . ARG A 1 31  ? -19.985 0.877   -19.947 1.00 53.52 ? 406  ARG A NE  1 
ATOM   247  C  CZ  . ARG A 1 31  ? -18.855 1.414   -19.466 1.00 60.11 ? 406  ARG A CZ  1 
ATOM   248  N  NH1 . ARG A 1 31  ? -18.796 2.709   -19.145 1.00 63.03 ? 406  ARG A NH1 1 
ATOM   249  N  NH2 . ARG A 1 31  ? -17.765 0.651   -19.289 1.00 64.08 ? 406  ARG A NH2 1 
ATOM   250  N  N   . SER A 1 32  ? -22.728 -1.013  -15.439 1.00 40.18 ? 407  SER A N   1 
ATOM   251  C  CA  . SER A 1 32  ? -22.542 -1.338  -14.043 1.00 38.16 ? 407  SER A CA  1 
ATOM   252  C  C   . SER A 1 32  ? -21.478 -2.337  -13.719 1.00 40.58 ? 407  SER A C   1 
ATOM   253  O  O   . SER A 1 32  ? -20.852 -2.954  -14.613 1.00 38.47 ? 407  SER A O   1 
ATOM   254  C  CB  . SER A 1 32  ? -23.805 -1.809  -13.438 1.00 33.94 ? 407  SER A CB  1 
ATOM   255  O  OG  . SER A 1 32  ? -24.517 -0.655  -13.207 1.00 34.95 ? 407  SER A OG  1 
ATOM   256  N  N   . TYR A 1 33  ? -21.255 -2.462  -12.410 1.00 42.22 ? 408  TYR A N   1 
ATOM   257  C  CA  . TYR A 1 33  ? -20.360 -3.472  -11.907 1.00 42.26 ? 408  TYR A CA  1 
ATOM   258  C  C   . TYR A 1 33  ? -21.217 -4.724  -11.845 1.00 41.03 ? 408  TYR A C   1 
ATOM   259  O  O   . TYR A 1 33  ? -22.413 -4.630  -11.537 1.00 39.36 ? 408  TYR A O   1 
ATOM   260  C  CB  . TYR A 1 33  ? -19.728 -3.059  -10.558 1.00 42.68 ? 408  TYR A CB  1 
ATOM   261  C  CG  . TYR A 1 33  ? -18.674 -1.958  -10.716 1.00 43.89 ? 408  TYR A CG  1 
ATOM   262  C  CD1 . TYR A 1 33  ? -17.717 -2.036  -11.720 1.00 47.04 ? 408  TYR A CD1 1 
ATOM   263  C  CD2 . TYR A 1 33  ? -18.651 -0.836  -9.871  1.00 45.09 ? 408  TYR A CD2 1 
ATOM   264  C  CE1 . TYR A 1 33  ? -16.769 -1.046  -11.899 1.00 49.21 ? 408  TYR A CE1 1 
ATOM   265  C  CE2 . TYR A 1 33  ? -17.719 0.186   -10.037 1.00 44.91 ? 408  TYR A CE2 1 
ATOM   266  C  CZ  . TYR A 1 33  ? -16.777 0.068   -11.056 1.00 52.01 ? 408  TYR A CZ  1 
ATOM   267  O  OH  . TYR A 1 33  ? -15.831 1.054   -11.255 1.00 55.95 ? 408  TYR A OH  1 
ATOM   268  N  N   . SER A 1 34  ? -20.634 -5.858  -12.248 1.00 39.82 ? 409  SER A N   1 
ATOM   269  C  CA  . SER A 1 34  ? -21.224 -7.160  -11.979 1.00 41.35 ? 409  SER A CA  1 
ATOM   270  C  C   . SER A 1 34  ? -20.179 -8.160  -11.498 1.00 42.70 ? 409  SER A C   1 
ATOM   271  O  O   . SER A 1 34  ? -19.127 -8.392  -12.140 1.00 42.30 ? 409  SER A O   1 
ATOM   272  C  CB  . SER A 1 34  ? -22.001 -7.755  -13.198 1.00 43.71 ? 409  SER A CB  1 
ATOM   273  O  OG  . SER A 1 34  ? -23.043 -8.683  -12.786 1.00 38.83 ? 409  SER A OG  1 
ATOM   274  N  N   . ASP A 1 35  ? -20.496 -8.694  -10.323 1.00 43.88 ? 410  ASP A N   1 
ATOM   275  C  CA  . ASP A 1 35  ? -20.214 -10.059 -9.884  1.00 43.33 ? 410  ASP A CA  1 
ATOM   276  C  C   . ASP A 1 35  ? -20.373 -11.053 -11.086 1.00 40.50 ? 410  ASP A C   1 
ATOM   277  O  O   . ASP A 1 35  ? -19.386 -11.494 -11.670 1.00 37.65 ? 410  ASP A O   1 
ATOM   278  C  CB  . ASP A 1 35  ? -21.258 -10.356 -8.783  1.00 47.47 ? 410  ASP A CB  1 
ATOM   279  C  CG  . ASP A 1 35  ? -22.689 -9.637  -9.073  1.00 54.81 ? 410  ASP A CG  1 
ATOM   280  O  OD1 . ASP A 1 35  ? -23.392 -9.181  -8.111  1.00 55.42 ? 410  ASP A OD1 1 
ATOM   281  O  OD2 . ASP A 1 35  ? -23.098 -9.496  -10.269 1.00 55.00 ? 410  ASP A OD2 1 
ATOM   282  N  N   . LYS A 1 36  ? -21.633 -11.304 -11.468 1.00 37.53 ? 411  LYS A N   1 
ATOM   283  C  CA  . LYS A 1 36  ? -22.110 -12.301 -12.436 1.00 34.08 ? 411  LYS A CA  1 
ATOM   284  C  C   . LYS A 1 36  ? -21.692 -12.189 -13.896 1.00 36.03 ? 411  LYS A C   1 
ATOM   285  O  O   . LYS A 1 36  ? -21.376 -13.199 -14.504 1.00 40.08 ? 411  LYS A O   1 
ATOM   286  C  CB  . LYS A 1 36  ? -23.618 -12.271 -12.409 1.00 33.19 ? 411  LYS A CB  1 
ATOM   287  C  CG  . LYS A 1 36  ? -24.364 -13.403 -13.052 1.00 32.46 ? 411  LYS A CG  1 
ATOM   288  C  CD  . LYS A 1 36  ? -25.735 -13.580 -12.302 1.00 34.61 ? 411  LYS A CD  1 
ATOM   289  C  CE  . LYS A 1 36  ? -26.628 -14.598 -12.984 1.00 35.61 ? 411  LYS A CE  1 
ATOM   290  N  NZ  . LYS A 1 36  ? -26.147 -16.052 -12.755 1.00 36.76 ? 411  LYS A NZ  1 
ATOM   291  N  N   . TYR A 1 37  ? -21.712 -11.004 -14.503 1.00 34.67 ? 412  TYR A N   1 
ATOM   292  C  CA  . TYR A 1 37  ? -21.463 -10.962 -15.959 1.00 30.63 ? 412  TYR A CA  1 
ATOM   293  C  C   . TYR A 1 37  ? -20.161 -10.357 -16.289 1.00 30.19 ? 412  TYR A C   1 
ATOM   294  O  O   . TYR A 1 37  ? -19.720 -9.433  -15.650 1.00 33.04 ? 412  TYR A O   1 
ATOM   295  C  CB  . TYR A 1 37  ? -22.565 -10.215 -16.723 1.00 28.76 ? 412  TYR A CB  1 
ATOM   296  C  CG  . TYR A 1 37  ? -23.884 -10.889 -16.578 1.00 20.44 ? 412  TYR A CG  1 
ATOM   297  C  CD1 . TYR A 1 37  ? -24.766 -10.488 -15.603 1.00 18.73 ? 412  TYR A CD1 1 
ATOM   298  C  CD2 . TYR A 1 37  ? -24.230 -11.941 -17.406 1.00 21.51 ? 412  TYR A CD2 1 
ATOM   299  C  CE1 . TYR A 1 37  ? -25.968 -11.096 -15.446 1.00 22.83 ? 412  TYR A CE1 1 
ATOM   300  C  CE2 . TYR A 1 37  ? -25.433 -12.582 -17.261 1.00 24.09 ? 412  TYR A CE2 1 
ATOM   301  C  CZ  . TYR A 1 37  ? -26.294 -12.159 -16.270 1.00 25.89 ? 412  TYR A CZ  1 
ATOM   302  O  OH  . TYR A 1 37  ? -27.467 -12.804 -16.091 1.00 28.17 ? 412  TYR A OH  1 
ATOM   303  N  N   . PRO A 1 38  ? -19.504 -10.906 -17.282 1.00 32.70 ? 413  PRO A N   1 
ATOM   304  C  CA  . PRO A 1 38  ? -18.245 -10.275 -17.735 1.00 33.24 ? 413  PRO A CA  1 
ATOM   305  C  C   . PRO A 1 38  ? -18.473 -8.909  -18.348 1.00 34.78 ? 413  PRO A C   1 
ATOM   306  O  O   . PRO A 1 38  ? -19.541 -8.679  -18.932 1.00 35.32 ? 413  PRO A O   1 
ATOM   307  C  CB  . PRO A 1 38  ? -17.742 -11.226 -18.818 1.00 32.69 ? 413  PRO A CB  1 
ATOM   308  C  CG  . PRO A 1 38  ? -18.432 -12.608 -18.509 1.00 31.02 ? 413  PRO A CG  1 
ATOM   309  C  CD  . PRO A 1 38  ? -19.648 -12.329 -17.668 1.00 31.10 ? 413  PRO A CD  1 
ATOM   310  N  N   . GLU A 1 39  ? -17.472 -8.031  -18.200 1.00 35.22 ? 414  GLU A N   1 
ATOM   311  C  CA  . GLU A 1 39  ? -17.394 -6.714  -18.852 1.00 36.67 ? 414  GLU A CA  1 
ATOM   312  C  C   . GLU A 1 39  ? -17.936 -6.826  -20.257 1.00 35.30 ? 414  GLU A C   1 
ATOM   313  O  O   . GLU A 1 39  ? -17.443 -7.603  -21.027 1.00 34.64 ? 414  GLU A O   1 
ATOM   314  C  CB  . GLU A 1 39  ? -15.932 -6.239  -18.991 1.00 41.16 ? 414  GLU A CB  1 
ATOM   315  C  CG  . GLU A 1 39  ? -15.595 -4.869  -18.323 1.00 54.02 ? 414  GLU A CG  1 
ATOM   316  C  CD  . GLU A 1 39  ? -14.625 -3.964  -19.121 1.00 61.20 ? 414  GLU A CD  1 
ATOM   317  O  OE1 . GLU A 1 39  ? -14.283 -4.302  -20.277 1.00 64.78 ? 414  GLU A OE1 1 
ATOM   318  O  OE2 . GLU A 1 39  ? -14.211 -2.892  -18.590 1.00 64.43 ? 414  GLU A OE2 1 
ATOM   319  N  N   . ASN A 1 40  ? -18.964 -6.045  -20.561 1.00 35.51 ? 415  ASN A N   1 
ATOM   320  C  CA  . ASN A 1 40  ? -19.538 -5.915  -21.890 1.00 31.83 ? 415  ASN A CA  1 
ATOM   321  C  C   . ASN A 1 40  ? -20.730 -6.777  -22.133 1.00 30.38 ? 415  ASN A C   1 
ATOM   322  O  O   . ASN A 1 40  ? -21.450 -6.520  -23.069 1.00 33.30 ? 415  ASN A O   1 
ATOM   323  C  CB  . ASN A 1 40  ? -18.534 -6.153  -23.006 1.00 34.80 ? 415  ASN A CB  1 
ATOM   324  C  CG  . ASN A 1 40  ? -17.450 -5.115  -23.036 1.00 39.61 ? 415  ASN A CG  1 
ATOM   325  O  OD1 . ASN A 1 40  ? -17.621 -3.990  -22.518 1.00 39.88 ? 415  ASN A OD1 1 
ATOM   326  N  ND2 . ASN A 1 40  ? -16.316 -5.475  -23.649 1.00 39.11 ? 415  ASN A ND2 1 
ATOM   327  N  N   . GLU A 1 41  ? -20.960 -7.806  -21.339 1.00 25.52 ? 416  GLU A N   1 
ATOM   328  C  CA  . GLU A 1 41  ? -22.191 -8.535  -21.562 1.00 23.21 ? 416  GLU A CA  1 
ATOM   329  C  C   . GLU A 1 41  ? -23.279 -7.635  -21.016 1.00 20.86 ? 416  GLU A C   1 
ATOM   330  O  O   . GLU A 1 41  ? -22.985 -6.726  -20.311 1.00 19.89 ? 416  GLU A O   1 
ATOM   331  C  CB  . GLU A 1 41  ? -22.185 -9.954  -20.936 1.00 21.60 ? 416  GLU A CB  1 
ATOM   332  C  CG  . GLU A 1 41  ? -21.149 -10.836 -21.596 1.00 25.71 ? 416  GLU A CG  1 
ATOM   333  C  CD  . GLU A 1 41  ? -21.225 -12.291 -21.199 1.00 28.33 ? 416  GLU A CD  1 
ATOM   334  O  OE1 . GLU A 1 41  ? -21.965 -12.589 -20.257 1.00 32.78 ? 416  GLU A OE1 1 
ATOM   335  O  OE2 . GLU A 1 41  ? -20.558 -13.139 -21.832 1.00 25.37 ? 416  GLU A OE2 1 
ATOM   336  N  N   . ILE A 1 42  ? -24.528 -7.865  -21.355 1.00 23.04 ? 417  ILE A N   1 
ATOM   337  C  CA  . ILE A 1 42  ? -25.582 -7.066  -20.830 1.00 26.64 ? 417  ILE A CA  1 
ATOM   338  C  C   . ILE A 1 42  ? -26.077 -7.711  -19.566 1.00 28.81 ? 417  ILE A C   1 
ATOM   339  O  O   . ILE A 1 42  ? -26.181 -8.928  -19.503 1.00 28.50 ? 417  ILE A O   1 
ATOM   340  C  CB  . ILE A 1 42  ? -26.734 -6.983  -21.842 1.00 27.96 ? 417  ILE A CB  1 
ATOM   341  C  CG1 . ILE A 1 42  ? -26.388 -5.964  -22.916 1.00 26.69 ? 417  ILE A CG1 1 
ATOM   342  C  CG2 . ILE A 1 42  ? -28.064 -6.584  -21.161 1.00 27.88 ? 417  ILE A CG2 1 
ATOM   343  C  CD1 . ILE A 1 42  ? -27.556 -5.623  -23.704 1.00 22.30 ? 417  ILE A CD1 1 
ATOM   344  N  N   . ILE A 1 43  ? -26.435 -6.891  -18.585 1.00 31.27 ? 418  ILE A N   1 
ATOM   345  C  CA  . ILE A 1 43  ? -27.078 -7.355  -17.354 1.00 31.92 ? 418  ILE A CA  1 
ATOM   346  C  C   . ILE A 1 43  ? -28.581 -7.244  -17.241 1.00 33.11 ? 418  ILE A C   1 
ATOM   347  O  O   . ILE A 1 43  ? -29.213 -8.019  -16.506 1.00 34.68 ? 418  ILE A O   1 
ATOM   348  C  CB  . ILE A 1 43  ? -26.628 -6.534  -16.178 1.00 31.77 ? 418  ILE A CB  1 
ATOM   349  C  CG1 . ILE A 1 43  ? -25.102 -6.514  -16.120 1.00 34.24 ? 418  ILE A CG1 1 
ATOM   350  C  CG2 . ILE A 1 43  ? -27.338 -7.026  -14.881 1.00 26.68 ? 418  ILE A CG2 1 
ATOM   351  C  CD1 . ILE A 1 43  ? -24.576 -5.483  -15.088 1.00 34.71 ? 418  ILE A CD1 1 
ATOM   352  N  N   . LYS A 1 44  ? -29.164 -6.229  -17.853 1.00 32.71 ? 419  LYS A N   1 
ATOM   353  C  CA  . LYS A 1 44  ? -30.562 -5.936  -17.553 1.00 33.69 ? 419  LYS A CA  1 
ATOM   354  C  C   . LYS A 1 44  ? -31.121 -5.085  -18.635 1.00 32.51 ? 419  LYS A C   1 
ATOM   355  O  O   . LYS A 1 44  ? -30.416 -4.253  -19.171 1.00 34.33 ? 419  LYS A O   1 
ATOM   356  C  CB  . LYS A 1 44  ? -30.715 -5.227  -16.222 1.00 33.38 ? 419  LYS A CB  1 
ATOM   357  C  CG  . LYS A 1 44  ? -31.867 -4.286  -16.232 1.00 39.87 ? 419  LYS A CG  1 
ATOM   358  C  CD  . LYS A 1 44  ? -32.111 -3.650  -14.898 1.00 45.24 ? 419  LYS A CD  1 
ATOM   359  C  CE  . LYS A 1 44  ? -32.749 -4.683  -13.973 1.00 48.86 ? 419  LYS A CE  1 
ATOM   360  N  NZ  . LYS A 1 44  ? -33.365 -3.995  -12.787 1.00 55.18 ? 419  LYS A NZ  1 
ATOM   361  N  N   . THR A 1 45  ? -32.364 -5.331  -19.022 1.00 31.12 ? 420  THR A N   1 
ATOM   362  C  CA  . THR A 1 45  ? -32.953 -4.435  -19.961 1.00 31.49 ? 420  THR A CA  1 
ATOM   363  C  C   . THR A 1 45  ? -34.160 -3.906  -19.276 1.00 35.14 ? 420  THR A C   1 
ATOM   364  O  O   . THR A 1 45  ? -34.611 -4.430  -18.259 1.00 35.57 ? 420  THR A O   1 
ATOM   365  C  CB  . THR A 1 45  ? -33.427 -5.072  -21.218 1.00 29.02 ? 420  THR A CB  1 
ATOM   366  O  OG1 . THR A 1 45  ? -34.630 -5.765  -20.925 1.00 28.34 ? 420  THR A OG1 1 
ATOM   367  C  CG2 . THR A 1 45  ? -32.436 -5.999  -21.791 1.00 24.97 ? 420  THR A CG2 1 
ATOM   368  N  N   . THR A 1 46  ? -34.726 -2.879  -19.854 1.00 38.25 ? 421  THR A N   1 
ATOM   369  C  CA  . THR A 1 46  ? -35.748 -2.244  -19.110 1.00 38.85 ? 421  THR A CA  1 
ATOM   370  C  C   . THR A 1 46  ? -37.111 -2.146  -19.595 1.00 41.22 ? 421  THR A C   1 
ATOM   371  O  O   . THR A 1 46  ? -37.949 -1.634  -18.878 1.00 48.11 ? 421  THR A O   1 
ATOM   372  C  CB  . THR A 1 46  ? -35.321 -0.781  -18.816 1.00 38.23 ? 421  THR A CB  1 
ATOM   373  O  OG1 . THR A 1 46  ? -36.405 -0.066  -18.210 1.00 32.32 ? 421  THR A OG1 1 
ATOM   374  C  CG2 . THR A 1 46  ? -34.924 -0.092  -20.129 1.00 41.70 ? 421  THR A CG2 1 
ATOM   375  N  N   . PRO A 1 47  ? -37.468 -2.639  -20.759 1.00 38.98 ? 422  PRO A N   1 
ATOM   376  C  CA  . PRO A 1 47  ? -38.792 -3.174  -20.645 1.00 37.14 ? 422  PRO A CA  1 
ATOM   377  C  C   . PRO A 1 47  ? -38.539 -4.455  -19.817 1.00 38.57 ? 422  PRO A C   1 
ATOM   378  O  O   . PRO A 1 47  ? -39.410 -4.668  -18.974 1.00 43.20 ? 422  PRO A O   1 
ATOM   379  C  CB  . PRO A 1 47  ? -39.209 -3.311  -22.090 1.00 32.12 ? 422  PRO A CB  1 
ATOM   380  C  CG  . PRO A 1 47  ? -38.785 -1.953  -22.613 1.00 37.48 ? 422  PRO A CG  1 
ATOM   381  C  CD  . PRO A 1 47  ? -37.360 -1.802  -21.974 1.00 38.45 ? 422  PRO A CD  1 
ATOM   382  N  N   . ASN A 1 48  ? -37.504 -5.291  -19.990 1.00 37.27 ? 423  ASN A N   1 
ATOM   383  C  CA  . ASN A 1 48  ? -37.281 -6.556  -19.179 1.00 34.95 ? 423  ASN A CA  1 
ATOM   384  C  C   . ASN A 1 48  ? -37.708 -7.757  -19.919 1.00 36.47 ? 423  ASN A C   1 
ATOM   385  O  O   . ASN A 1 48  ? -38.712 -7.737  -20.608 1.00 40.61 ? 423  ASN A O   1 
ATOM   386  C  CB  . ASN A 1 48  ? -38.006 -6.639  -17.862 1.00 31.64 ? 423  ASN A CB  1 
ATOM   387  C  CG  . ASN A 1 48  ? -37.136 -6.332  -16.720 1.00 37.52 ? 423  ASN A CG  1 
ATOM   388  O  OD1 . ASN A 1 48  ? -37.563 -6.355  -15.554 1.00 36.03 ? 423  ASN A OD1 1 
ATOM   389  N  ND2 . ASN A 1 48  ? -35.883 -6.016  -17.025 1.00 40.37 ? 423  ASN A ND2 1 
ATOM   390  N  N   . THR A 1 49  ? -36.984 -8.840  -19.760 1.00 37.16 ? 424  THR A N   1 
ATOM   391  C  CA  . THR A 1 49  ? -37.225 -9.945  -20.664 1.00 38.63 ? 424  THR A CA  1 
ATOM   392  C  C   . THR A 1 49  ? -38.649 -10.452 -20.699 1.00 38.49 ? 424  THR A C   1 
ATOM   393  O  O   . THR A 1 49  ? -39.257 -10.792 -19.663 1.00 35.79 ? 424  THR A O   1 
ATOM   394  C  CB  . THR A 1 49  ? -36.270 -11.066 -20.443 1.00 39.25 ? 424  THR A CB  1 
ATOM   395  O  OG1 . THR A 1 49  ? -34.992 -10.495 -20.097 1.00 39.88 ? 424  THR A OG1 1 
ATOM   396  C  CG2 . THR A 1 49  ? -36.177 -11.840 -21.732 1.00 39.02 ? 424  THR A CG2 1 
ATOM   397  N  N   . GLY A 1 50  ? -39.164 -10.448 -21.928 1.00 39.93 ? 425  GLY A N   1 
ATOM   398  C  CA  . GLY A 1 50  ? -40.484 -10.946 -22.250 1.00 42.27 ? 425  GLY A CA  1 
ATOM   399  C  C   . GLY A 1 50  ? -41.586 -10.045 -21.726 1.00 45.47 ? 425  GLY A C   1 
ATOM   400  O  O   . GLY A 1 50  ? -42.776 -10.306 -21.982 1.00 50.54 ? 425  GLY A O   1 
ATOM   401  N  N   . GLU A 1 51  ? -41.220 -9.003  -20.970 1.00 42.93 ? 426  GLU A N   1 
ATOM   402  C  CA  . GLU A 1 51  ? -42.176 -7.990  -20.615 1.00 40.51 ? 426  GLU A CA  1 
ATOM   403  C  C   . GLU A 1 51  ? -42.665 -7.352  -21.884 1.00 40.15 ? 426  GLU A C   1 
ATOM   404  O  O   . GLU A 1 51  ? -41.977 -7.340  -22.927 1.00 40.33 ? 426  GLU A O   1 
ATOM   405  C  CB  . GLU A 1 51  ? -41.579 -6.945  -19.698 1.00 41.21 ? 426  GLU A CB  1 
ATOM   406  C  CG  . GLU A 1 51  ? -41.488 -7.375  -18.249 1.00 45.29 ? 426  GLU A CG  1 
ATOM   407  C  CD  . GLU A 1 51  ? -42.724 -8.142  -17.762 1.00 51.20 ? 426  GLU A CD  1 
ATOM   408  O  OE1 . GLU A 1 51  ? -42.542 -9.075  -16.931 1.00 52.43 ? 426  GLU A OE1 1 
ATOM   409  O  OE2 . GLU A 1 51  ? -43.871 -7.819  -18.196 1.00 53.49 ? 426  GLU A OE2 1 
ATOM   410  N  N   . ARG A 1 52  ? -43.884 -6.855  -21.812 1.00 38.52 ? 427  ARG A N   1 
ATOM   411  C  CA  . ARG A 1 52  ? -44.496 -6.339  -22.998 1.00 37.05 ? 427  ARG A CA  1 
ATOM   412  C  C   . ARG A 1 52  ? -43.832 -5.028  -23.412 1.00 34.95 ? 427  ARG A C   1 
ATOM   413  O  O   . ARG A 1 52  ? -43.509 -4.207  -22.569 1.00 36.91 ? 427  ARG A O   1 
ATOM   414  C  CB  . ARG A 1 52  ? -46.029 -6.257  -22.840 1.00 38.48 ? 427  ARG A CB  1 
ATOM   415  C  CG  . ARG A 1 52  ? -46.564 -5.193  -21.907 1.00 41.73 ? 427  ARG A CG  1 
ATOM   416  C  CD  . ARG A 1 52  ? -47.900 -4.595  -22.433 1.00 50.05 ? 427  ARG A CD  1 
ATOM   417  N  NE  . ARG A 1 52  ? -47.906 -4.114  -23.836 1.00 54.99 ? 427  ARG A NE  1 
ATOM   418  C  CZ  . ARG A 1 52  ? -49.026 -3.819  -24.510 1.00 57.64 ? 427  ARG A CZ  1 
ATOM   419  N  NH1 . ARG A 1 52  ? -50.208 -3.947  -23.910 1.00 60.32 ? 427  ARG A NH1 1 
ATOM   420  N  NH2 . ARG A 1 52  ? -48.975 -3.387  -25.766 1.00 56.87 ? 427  ARG A NH2 1 
ATOM   421  N  N   . VAL A 1 53  ? -43.559 -4.900  -24.701 1.00 36.05 ? 428  VAL A N   1 
ATOM   422  C  CA  . VAL A 1 53  ? -43.196 -3.625  -25.341 1.00 38.07 ? 428  VAL A CA  1 
ATOM   423  C  C   . VAL A 1 53  ? -44.014 -3.369  -26.676 1.00 40.36 ? 428  VAL A C   1 
ATOM   424  O  O   . VAL A 1 53  ? -44.455 -4.292  -27.385 1.00 39.88 ? 428  VAL A O   1 
ATOM   425  C  CB  . VAL A 1 53  ? -41.643 -3.565  -25.606 1.00 38.15 ? 428  VAL A CB  1 
ATOM   426  C  CG1 . VAL A 1 53  ? -41.182 -4.661  -26.590 1.00 36.51 ? 428  VAL A CG1 1 
ATOM   427  C  CG2 . VAL A 1 53  ? -41.210 -2.227  -26.139 1.00 35.27 ? 428  VAL A CG2 1 
ATOM   428  N  N   . GLU A 1 54  ? -44.223 -2.118  -27.030 1.00 40.25 ? 429  GLU A N   1 
ATOM   429  C  CA  . GLU A 1 54  ? -44.843 -1.846  -28.306 1.00 40.84 ? 429  GLU A CA  1 
ATOM   430  C  C   . GLU A 1 54  ? -43.801 -1.795  -29.419 1.00 42.37 ? 429  GLU A C   1 
ATOM   431  O  O   . GLU A 1 54  ? -42.702 -1.351  -29.200 1.00 42.75 ? 429  GLU A O   1 
ATOM   432  C  CB  . GLU A 1 54  ? -45.612 -0.536  -28.198 1.00 40.61 ? 429  GLU A CB  1 
ATOM   433  C  CG  . GLU A 1 54  ? -46.520 -0.520  -26.958 1.00 41.27 ? 429  GLU A CG  1 
ATOM   434  C  CD  . GLU A 1 54  ? -46.573 0.842   -26.304 1.00 42.49 ? 429  GLU A CD  1 
ATOM   435  O  OE1 . GLU A 1 54  ? -46.217 0.959   -25.099 1.00 45.67 ? 429  GLU A OE1 1 
ATOM   436  O  OE2 . GLU A 1 54  ? -46.905 1.812   -27.005 1.00 42.95 ? 429  GLU A OE2 1 
ATOM   437  N  N   . ARG A 1 55  ? -44.142 -2.254  -30.616 1.00 45.96 ? 430  ARG A N   1 
ATOM   438  C  CA  . ARG A 1 55  ? -43.275 -2.123  -31.799 1.00 48.36 ? 430  ARG A CA  1 
ATOM   439  C  C   . ARG A 1 55  ? -42.859 -0.673  -32.081 1.00 48.81 ? 430  ARG A C   1 
ATOM   440  O  O   . ARG A 1 55  ? -43.595 0.247   -31.752 1.00 52.39 ? 430  ARG A O   1 
ATOM   441  C  CB  . ARG A 1 55  ? -43.976 -2.704  -33.028 1.00 20.00 ? 430  ARG A CB  1 
ATOM   442  C  CG  . ARG A 1 55  ? -44.196 -4.207  -32.964 1.00 20.00 ? 430  ARG A CG  1 
ATOM   443  C  CD  . ARG A 1 55  ? -44.850 -4.792  -34.206 1.00 20.00 ? 430  ARG A CD  1 
ATOM   444  N  NE  . ARG A 1 55  ? -45.103 -6.223  -34.068 1.00 20.00 ? 430  ARG A NE  1 
ATOM   445  C  CZ  . ARG A 1 55  ? -45.764 -6.951  -34.956 1.00 20.00 ? 430  ARG A CZ  1 
ATOM   446  N  NH1 . ARG A 1 55  ? -46.242 -6.385  -36.058 1.00 20.00 ? 430  ARG A NH1 1 
ATOM   447  N  NH2 . ARG A 1 55  ? -45.949 -8.248  -34.750 1.00 20.00 ? 430  ARG A NH2 1 
ATOM   448  N  N   . GLY A 1 56  ? -41.694 -0.447  -32.687 1.00 47.82 ? 431  GLY A N   1 
ATOM   449  C  CA  . GLY A 1 56  ? -41.138 0.935   -32.763 1.00 42.92 ? 431  GLY A CA  1 
ATOM   450  C  C   . GLY A 1 56  ? -40.621 1.516   -31.428 1.00 41.61 ? 431  GLY A C   1 
ATOM   451  O  O   . GLY A 1 56  ? -39.834 2.498   -31.416 1.00 42.10 ? 431  GLY A O   1 
ATOM   452  N  N   . ASP A 1 57  ? -41.075 0.921   -30.304 1.00 38.71 ? 432  ASP A N   1 
ATOM   453  C  CA  . ASP A 1 57  ? -40.552 1.221   -28.963 1.00 35.31 ? 432  ASP A CA  1 
ATOM   454  C  C   . ASP A 1 57  ? -39.054 0.947   -28.919 1.00 36.83 ? 432  ASP A C   1 
ATOM   455  O  O   . ASP A 1 57  ? -38.493 0.029   -29.567 1.00 35.39 ? 432  ASP A O   1 
ATOM   456  C  CB  . ASP A 1 57  ? -41.206 0.385   -27.838 1.00 32.07 ? 432  ASP A CB  1 
ATOM   457  C  CG  . ASP A 1 57  ? -42.480 1.010   -27.230 1.00 28.88 ? 432  ASP A CG  1 
ATOM   458  O  OD1 . ASP A 1 57  ? -42.944 2.092   -27.609 1.00 33.94 ? 432  ASP A OD1 1 
ATOM   459  O  OD2 . ASP A 1 57  ? -43.056 0.408   -26.309 1.00 27.58 ? 432  ASP A OD2 1 
ATOM   460  N  N   . SER A 1 58  ? -38.407 1.775   -28.135 1.00 38.26 ? 433  SER A N   1 
ATOM   461  C  CA  . SER A 1 58  ? -37.047 1.548   -27.802 1.00 38.34 ? 433  SER A CA  1 
ATOM   462  C  C   . SER A 1 58  ? -36.965 0.715   -26.508 1.00 37.66 ? 433  SER A C   1 
ATOM   463  O  O   . SER A 1 58  ? -37.943 0.649   -25.755 1.00 37.29 ? 433  SER A O   1 
ATOM   464  C  CB  . SER A 1 58  ? -36.410 2.887   -27.610 1.00 37.14 ? 433  SER A CB  1 
ATOM   465  O  OG  . SER A 1 58  ? -35.274 2.694   -26.816 1.00 43.83 ? 433  SER A OG  1 
ATOM   466  N  N   . VAL A 1 59  ? -35.826 0.055   -26.267 1.00 37.22 ? 434  VAL A N   1 
ATOM   467  C  CA  . VAL A 1 59  ? -35.571 -0.599  -24.974 1.00 34.52 ? 434  VAL A CA  1 
ATOM   468  C  C   . VAL A 1 59  ? -34.176 -0.244  -24.480 1.00 33.30 ? 434  VAL A C   1 
ATOM   469  O  O   . VAL A 1 59  ? -33.226 -0.361  -25.242 1.00 30.17 ? 434  VAL A O   1 
ATOM   470  C  CB  . VAL A 1 59  ? -35.853 -2.178  -24.989 1.00 35.78 ? 434  VAL A CB  1 
ATOM   471  C  CG1 . VAL A 1 59  ? -36.068 -2.746  -26.392 1.00 32.29 ? 434  VAL A CG1 1 
ATOM   472  C  CG2 . VAL A 1 59  ? -34.797 -2.995  -24.191 1.00 35.02 ? 434  VAL A CG2 1 
ATOM   473  N  N   . ASP A 1 60  ? -34.073 0.222   -23.233 1.00 34.31 ? 435  ASP A N   1 
ATOM   474  C  CA  . ASP A 1 60  ? -32.770 0.497   -22.598 1.00 35.01 ? 435  ASP A CA  1 
ATOM   475  C  C   . ASP A 1 60  ? -32.031 -0.761  -22.061 1.00 35.86 ? 435  ASP A C   1 
ATOM   476  O  O   . ASP A 1 60  ? -32.615 -1.671  -21.434 1.00 34.57 ? 435  ASP A O   1 
ATOM   477  C  CB  . ASP A 1 60  ? -32.885 1.395   -21.357 1.00 37.33 ? 435  ASP A CB  1 
ATOM   478  C  CG  . ASP A 1 60  ? -33.791 2.611   -21.515 1.00 41.86 ? 435  ASP A CG  1 
ATOM   479  O  OD1 . ASP A 1 60  ? -34.439 2.956   -20.496 1.00 43.96 ? 435  ASP A OD1 1 
ATOM   480  O  OD2 . ASP A 1 60  ? -33.831 3.264   -22.574 1.00 43.57 ? 435  ASP A OD2 1 
ATOM   481  N  N   . VAL A 1 61  ? -30.717 -0.765  -22.214 1.00 33.27 ? 436  VAL A N   1 
ATOM   482  C  CA  . VAL A 1 61  ? -29.928 -1.795  -21.567 1.00 29.47 ? 436  VAL A CA  1 
ATOM   483  C  C   . VAL A 1 61  ? -28.925 -1.293  -20.513 1.00 28.02 ? 436  VAL A C   1 
ATOM   484  O  O   . VAL A 1 61  ? -28.457 -0.169  -20.602 1.00 32.90 ? 436  VAL A O   1 
ATOM   485  C  CB  . VAL A 1 61  ? -29.201 -2.551  -22.632 1.00 29.34 ? 436  VAL A CB  1 
ATOM   486  C  CG1 . VAL A 1 61  ? -30.214 -2.987  -23.721 1.00 29.54 ? 436  VAL A CG1 1 
ATOM   487  C  CG2 . VAL A 1 61  ? -28.096 -1.737  -23.208 1.00 25.18 ? 436  VAL A CG2 1 
ATOM   488  N  N   . VAL A 1 62  ? -28.611 -2.087  -19.492 1.00 24.21 ? 437  VAL A N   1 
ATOM   489  C  CA  . VAL A 1 62  ? -27.408 -1.800  -18.702 1.00 23.15 ? 437  VAL A CA  1 
ATOM   490  C  C   . VAL A 1 62  ? -26.311 -2.857  -18.868 1.00 26.22 ? 437  VAL A C   1 
ATOM   491  O  O   . VAL A 1 62  ? -26.532 -4.010  -18.607 1.00 28.07 ? 437  VAL A O   1 
ATOM   492  C  CB  . VAL A 1 62  ? -27.667 -1.471  -17.211 1.00 22.99 ? 437  VAL A CB  1 
ATOM   493  C  CG1 . VAL A 1 62  ? -29.003 -1.956  -16.731 1.00 22.27 ? 437  VAL A CG1 1 
ATOM   494  C  CG2 . VAL A 1 62  ? -26.539 -2.000  -16.313 1.00 18.13 ? 437  VAL A CG2 1 
ATOM   495  N  N   . ILE A 1 63  ? -25.128 -2.424  -19.320 1.00 28.16 ? 438  ILE A N   1 
ATOM   496  C  CA  . ILE A 1 63  ? -23.959 -3.256  -19.563 1.00 27.33 ? 438  ILE A CA  1 
ATOM   497  C  C   . ILE A 1 63  ? -23.040 -3.413  -18.350 1.00 31.63 ? 438  ILE A C   1 
ATOM   498  O  O   . ILE A 1 63  ? -22.867 -2.494  -17.592 1.00 34.16 ? 438  ILE A O   1 
ATOM   499  C  CB  . ILE A 1 63  ? -23.165 -2.625  -20.628 1.00 24.97 ? 438  ILE A CB  1 
ATOM   500  C  CG1 . ILE A 1 63  ? -23.837 -2.879  -21.952 1.00 27.80 ? 438  ILE A CG1 1 
ATOM   501  C  CG2 . ILE A 1 63  ? -21.918 -3.305  -20.785 1.00 26.70 ? 438  ILE A CG2 1 
ATOM   502  C  CD1 . ILE A 1 63  ? -23.542 -1.789  -22.892 1.00 27.33 ? 438  ILE A CD1 1 
ATOM   503  N  N   . SER A 1 64  ? -22.453 -4.589  -18.170 1.00 34.93 ? 439  SER A N   1 
ATOM   504  C  CA  . SER A 1 64  ? -21.430 -4.823  -17.153 1.00 34.35 ? 439  SER A CA  1 
ATOM   505  C  C   . SER A 1 64  ? -20.185 -3.993  -17.393 1.00 35.02 ? 439  SER A C   1 
ATOM   506  O  O   . SER A 1 64  ? -19.643 -3.999  -18.509 1.00 30.54 ? 439  SER A O   1 
ATOM   507  C  CB  . SER A 1 64  ? -21.025 -6.305  -17.150 1.00 35.43 ? 439  SER A CB  1 
ATOM   508  O  OG  . SER A 1 64  ? -19.795 -6.554  -16.504 1.00 32.49 ? 439  SER A OG  1 
ATOM   509  N  N   . LYS A 1 65  ? -19.734 -3.285  -16.354 1.00 36.15 ? 440  LYS A N   1 
ATOM   510  C  CA  . LYS A 1 65  ? -18.366 -2.791  -16.378 1.00 41.03 ? 440  LYS A CA  1 
ATOM   511  C  C   . LYS A 1 65  ? -17.506 -3.660  -15.461 1.00 42.83 ? 440  LYS A C   1 
ATOM   512  O  O   . LYS A 1 65  ? -16.998 -3.188  -14.460 1.00 47.34 ? 440  LYS A O   1 
ATOM   513  C  CB  . LYS A 1 65  ? -18.240 -1.261  -16.089 1.00 42.07 ? 440  LYS A CB  1 
ATOM   514  C  CG  . LYS A 1 65  ? -18.901 -0.669  -14.805 1.00 40.18 ? 440  LYS A CG  1 
ATOM   515  C  CD  . LYS A 1 65  ? -18.382 0.728   -14.609 1.00 42.33 ? 440  LYS A CD  1 
ATOM   516  C  CE  . LYS A 1 65  ? -19.397 1.721   -14.092 1.00 42.26 ? 440  LYS A CE  1 
ATOM   517  N  NZ  . LYS A 1 65  ? -19.531 1.705   -12.599 1.00 48.73 ? 440  LYS A NZ  1 
ATOM   518  N  N   . GLY A 1 66  ? -17.356 -4.940  -15.784 1.00 44.79 ? 441  GLY A N   1 
ATOM   519  C  CA  . GLY A 1 66  ? -16.550 -5.849  -14.970 1.00 42.01 ? 441  GLY A CA  1 
ATOM   520  C  C   . GLY A 1 66  ? -16.962 -5.867  -13.514 1.00 42.90 ? 441  GLY A C   1 
ATOM   521  O  O   . GLY A 1 66  ? -18.071 -5.439  -13.148 1.00 38.53 ? 441  GLY A O   1 
ATOM   522  N  N   . PRO A 1 67  ? -16.054 -6.351  -12.652 1.00 45.24 ? 442  PRO A N   1 
ATOM   523  C  CA  . PRO A 1 67  ? -16.417 -6.402  -11.222 1.00 45.25 ? 442  PRO A CA  1 
ATOM   524  C  C   . PRO A 1 67  ? -16.179 -5.111  -10.417 1.00 45.74 ? 442  PRO A C   1 
ATOM   525  O  O   . PRO A 1 67  ? -15.379 -4.232  -10.804 1.00 44.16 ? 442  PRO A O   1 
ATOM   526  C  CB  . PRO A 1 67  ? -15.538 -7.524  -10.690 1.00 41.83 ? 442  PRO A CB  1 
ATOM   527  C  CG  . PRO A 1 67  ? -14.314 -7.440  -11.598 1.00 42.61 ? 442  PRO A CG  1 
ATOM   528  C  CD  . PRO A 1 67  ? -14.752 -6.988  -12.935 1.00 42.08 ? 442  PRO A CD  1 
ATOM   529  N  N   . GLU A 1 68  ? -16.903 -5.064  -9.292  1.00 48.77 ? 443  GLU A N   1 
ATOM   530  C  CA  . GLU A 1 68  ? -16.841 -4.068  -8.202  1.00 48.25 ? 443  GLU A CA  1 
ATOM   531  C  C   . GLU A 1 68  ? -15.447 -3.552  -7.978  1.00 46.86 ? 443  GLU A C   1 
ATOM   532  O  O   . GLU A 1 68  ? -14.552 -4.289  -7.522  1.00 46.42 ? 443  GLU A O   1 
ATOM   533  C  CB  . GLU A 1 68  ? -17.343 -4.717  -6.887  1.00 51.70 ? 443  GLU A CB  1 
ATOM   534  C  CG  . GLU A 1 68  ? -18.438 -3.963  -6.075  1.00 55.15 ? 443  GLU A CG  1 
ATOM   535  C  CD  . GLU A 1 68  ? -18.023 -2.561  -5.588  1.00 59.36 ? 443  GLU A CD  1 
ATOM   536  O  OE1 . GLU A 1 68  ? -17.149 -1.907  -6.242  1.00 58.79 ? 443  GLU A OE1 1 
ATOM   537  O  OE2 . GLU A 1 68  ? -18.595 -2.108  -4.546  1.00 59.33 ? 443  GLU A OE2 1 
ATOM   538  N  N   . LYS A 1 69  ? -15.267 -2.270  -8.263  1.00 46.91 ? 444  LYS A N   1 
ATOM   539  C  CA  . LYS A 1 69  ? -13.928 -1.682  -8.227  1.00 45.87 ? 444  LYS A CA  1 
ATOM   540  C  C   . LYS A 1 69  ? -13.852 -0.284  -7.539  1.00 45.38 ? 444  LYS A C   1 
ATOM   541  O  O   . LYS A 1 69  ? -14.858 0.425   -7.510  1.00 43.18 ? 444  LYS A O   1 
ATOM   542  C  CB  . LYS A 1 69  ? -13.389 -1.712  -9.629  1.00 44.49 ? 444  LYS A CB  1 
ATOM   543  C  CG  . LYS A 1 69  ? -12.354 -0.741  -9.899  1.00 43.99 ? 444  LYS A CG  1 
ATOM   544  C  CD  . LYS A 1 69  ? -11.960 -0.893  -11.348 1.00 44.61 ? 444  LYS A CD  1 
ATOM   545  C  CE  . LYS A 1 69  ? -11.494 -2.303  -11.654 1.00 41.10 ? 444  LYS A CE  1 
ATOM   546  N  NZ  . LYS A 1 69  ? -10.547 -2.182  -12.799 1.00 45.48 ? 444  LYS A NZ  1 
ATOM   547  N  N   . VAL A 1 70  ? -12.693 0.035   -6.915  1.00 45.34 ? 445  VAL A N   1 
ATOM   548  C  CA  . VAL A 1 70  ? -12.487 1.218   -6.040  1.00 41.62 ? 445  VAL A CA  1 
ATOM   549  C  C   . VAL A 1 70  ? -11.071 1.845   -6.073  1.00 44.84 ? 445  VAL A C   1 
ATOM   550  O  O   . VAL A 1 70  ? -10.064 1.164   -6.351  1.00 42.69 ? 445  VAL A O   1 
ATOM   551  C  CB  . VAL A 1 70  ? -12.781 0.945   -4.580  1.00 37.68 ? 445  VAL A CB  1 
ATOM   552  C  CG1 . VAL A 1 70  ? -12.838 2.259   -3.858  1.00 41.45 ? 445  VAL A CG1 1 
ATOM   553  C  CG2 . VAL A 1 70  ? -14.096 0.293   -4.396  1.00 36.24 ? 445  VAL A CG2 1 
ATOM   554  N  N   . LYS A 1 71  ? -11.031 3.163   -5.786  1.00 47.03 ? 446  LYS A N   1 
ATOM   555  C  CA  . LYS A 1 71  ? -9.799  3.989   -5.755  1.00 45.89 ? 446  LYS A CA  1 
ATOM   556  C  C   . LYS A 1 71  ? -9.190  3.820   -4.401  1.00 42.04 ? 446  LYS A C   1 
ATOM   557  O  O   . LYS A 1 71  ? -9.809  4.141   -3.389  1.00 41.35 ? 446  LYS A O   1 
ATOM   558  C  CB  . LYS A 1 71  ? -10.099 5.493   -5.943  1.00 48.05 ? 446  LYS A CB  1 
ATOM   559  C  CG  . LYS A 1 71  ? -11.135 6.018   -4.893  1.00 52.38 ? 446  LYS A CG  1 
ATOM   560  C  CD  . LYS A 1 71  ? -11.182 7.569   -4.674  1.00 54.24 ? 446  LYS A CD  1 
ATOM   561  C  CE  . LYS A 1 71  ? -9.934  8.220   -3.965  1.00 54.89 ? 446  LYS A CE  1 
ATOM   562  N  NZ  . LYS A 1 71  ? -9.474  7.600   -2.681  1.00 50.26 ? 446  LYS A NZ  1 
ATOM   563  N  N   . MET A 1 72  ? -7.976  3.303   -4.397  1.00 38.91 ? 447  MET A N   1 
ATOM   564  C  CA  . MET A 1 72  ? -7.219  3.067   -3.175  1.00 38.33 ? 447  MET A CA  1 
ATOM   565  C  C   . MET A 1 72  ? -7.048  4.395   -2.399  1.00 38.24 ? 447  MET A C   1 
ATOM   566  O  O   . MET A 1 72  ? -6.627  5.417   -2.974  1.00 37.94 ? 447  MET A O   1 
ATOM   567  C  CB  . MET A 1 72  ? -5.871  2.420   -3.544  1.00 37.53 ? 447  MET A CB  1 
ATOM   568  C  CG  . MET A 1 72  ? -4.940  2.052   -2.404  1.00 38.98 ? 447  MET A CG  1 
ATOM   569  S  SD  . MET A 1 72  ? -5.548  0.839   -1.192  1.00 40.27 ? 447  MET A SD  1 
ATOM   570  C  CE  . MET A 1 72  ? -4.110  0.711   -0.118  1.00 30.05 ? 447  MET A CE  1 
ATOM   571  N  N   . PRO A 1 73  ? -7.440  4.401   -1.115  1.00 37.52 ? 448  PRO A N   1 
ATOM   572  C  CA  . PRO A 1 73  ? -7.205  5.536   -0.224  1.00 37.39 ? 448  PRO A CA  1 
ATOM   573  C  C   . PRO A 1 73  ? -5.732  5.654   0.049   1.00 38.23 ? 448  PRO A C   1 
ATOM   574  O  O   . PRO A 1 73  ? -4.959  4.728   -0.212  1.00 39.27 ? 448  PRO A O   1 
ATOM   575  C  CB  . PRO A 1 73  ? -7.862  5.107   1.074   1.00 36.30 ? 448  PRO A CB  1 
ATOM   576  C  CG  . PRO A 1 73  ? -8.835  4.109   0.663   1.00 40.24 ? 448  PRO A CG  1 
ATOM   577  C  CD  . PRO A 1 73  ? -8.251  3.364   -0.480  1.00 35.85 ? 448  PRO A CD  1 
ATOM   578  N  N   . ASN A 1 74  ? -5.314  6.784   0.567   1.00 36.87 ? 449  ASN A N   1 
ATOM   579  C  CA  . ASN A 1 74  ? -3.998  6.799   1.108   1.00 34.24 ? 449  ASN A CA  1 
ATOM   580  C  C   . ASN A 1 74  ? -4.134  6.573   2.590   1.00 32.64 ? 449  ASN A C   1 
ATOM   581  O  O   . ASN A 1 74  ? -4.950  7.207   3.235   1.00 30.25 ? 449  ASN A O   1 
ATOM   582  C  CB  . ASN A 1 74  ? -3.336  8.127   0.912   1.00 36.31 ? 449  ASN A CB  1 
ATOM   583  C  CG  . ASN A 1 74  ? -2.054  8.200   1.665   1.00 38.86 ? 449  ASN A CG  1 
ATOM   584  O  OD1 . ASN A 1 74  ? -1.005  7.705   1.209   1.00 43.34 ? 449  ASN A OD1 1 
ATOM   585  N  ND2 . ASN A 1 74  ? -2.125  8.736   2.864   1.00 41.29 ? 449  ASN A ND2 1 
ATOM   586  N  N   . VAL A 1 75  ? -3.344  5.684   3.153   1.00 31.70 ? 450  VAL A N   1 
ATOM   587  C  CA  . VAL A 1 75  ? -3.411  5.541   4.579   1.00 31.09 ? 450  VAL A CA  1 
ATOM   588  C  C   . VAL A 1 75  ? -2.044  5.747   5.232   1.00 33.31 ? 450  VAL A C   1 
ATOM   589  O  O   . VAL A 1 75  ? -1.878  5.474   6.424   1.00 32.27 ? 450  VAL A O   1 
ATOM   590  C  CB  . VAL A 1 75  ? -3.992  4.181   5.008   1.00 28.29 ? 450  VAL A CB  1 
ATOM   591  C  CG1 . VAL A 1 75  ? -5.408  4.028   4.585   1.00 22.00 ? 450  VAL A CG1 1 
ATOM   592  C  CG2 . VAL A 1 75  ? -3.118  3.064   4.499   1.00 26.22 ? 450  VAL A CG2 1 
ATOM   593  N  N   . ILE A 1 76  ? -1.070  6.219   4.461   1.00 33.47 ? 451  ILE A N   1 
ATOM   594  C  CA  . ILE A 1 76  ? 0.269   6.437   5.026   1.00 34.43 ? 451  ILE A CA  1 
ATOM   595  C  C   . ILE A 1 76  ? 0.284   7.584   6.055   1.00 34.84 ? 451  ILE A C   1 
ATOM   596  O  O   . ILE A 1 76  ? -0.241  8.658   5.775   1.00 32.71 ? 451  ILE A O   1 
ATOM   597  C  CB  . ILE A 1 76  ? 1.311   6.653   3.958   1.00 32.39 ? 451  ILE A CB  1 
ATOM   598  C  CG1 . ILE A 1 76  ? 1.660   5.297   3.350   1.00 32.70 ? 451  ILE A CG1 1 
ATOM   599  C  CG2 . ILE A 1 76  ? 2.533   7.214   4.578   1.00 33.07 ? 451  ILE A CG2 1 
ATOM   600  C  CD1 . ILE A 1 76  ? 2.144   5.336   1.939   1.00 30.92 ? 451  ILE A CD1 1 
ATOM   601  N  N   . GLY A 1 77  ? 0.812   7.304   7.258   1.00 32.06 ? 452  GLY A N   1 
ATOM   602  C  CA  . GLY A 1 77  ? 0.723   8.218   8.373   1.00 32.14 ? 452  GLY A CA  1 
ATOM   603  C  C   . GLY A 1 77  ? -0.542  8.188   9.230   1.00 34.68 ? 452  GLY A C   1 
ATOM   604  O  O   . GLY A 1 77  ? -0.650  8.908   10.241  1.00 37.04 ? 452  GLY A O   1 
ATOM   605  N  N   . LEU A 1 78  ? -1.513  7.371   8.873   1.00 33.97 ? 453  LEU A N   1 
ATOM   606  C  CA  . LEU A 1 78  ? -2.614  7.176   9.778   1.00 32.78 ? 453  LEU A CA  1 
ATOM   607  C  C   . LEU A 1 78  ? -2.186  6.193   10.830  1.00 34.35 ? 453  LEU A C   1 
ATOM   608  O  O   . LEU A 1 78  ? -1.297  5.395   10.600  1.00 32.12 ? 453  LEU A O   1 
ATOM   609  C  CB  . LEU A 1 78  ? -3.785  6.619   9.026   1.00 31.24 ? 453  LEU A CB  1 
ATOM   610  C  CG  . LEU A 1 78  ? -4.456  7.608   8.088   1.00 27.69 ? 453  LEU A CG  1 
ATOM   611  C  CD1 . LEU A 1 78  ? -5.471  6.847   7.310   1.00 27.40 ? 453  LEU A CD1 1 
ATOM   612  C  CD2 . LEU A 1 78  ? -5.159  8.739   8.877   1.00 24.25 ? 453  LEU A CD2 1 
ATOM   613  N  N   . PRO A 1 79  ? -2.789  6.268   12.018  1.00 37.54 ? 454  PRO A N   1 
ATOM   614  C  CA  . PRO A 1 79  ? -2.554  5.157   12.951  1.00 34.51 ? 454  PRO A CA  1 
ATOM   615  C  C   . PRO A 1 79  ? -3.237  3.871   12.437  1.00 36.01 ? 454  PRO A C   1 
ATOM   616  O  O   . PRO A 1 79  ? -4.338  3.924   11.884  1.00 38.09 ? 454  PRO A O   1 
ATOM   617  C  CB  . PRO A 1 79  ? -3.236  5.650   14.255  1.00 32.87 ? 454  PRO A CB  1 
ATOM   618  C  CG  . PRO A 1 79  ? -3.339  7.119   14.161  1.00 29.71 ? 454  PRO A CG  1 
ATOM   619  C  CD  . PRO A 1 79  ? -3.457  7.423   12.670  1.00 36.02 ? 454  PRO A CD  1 
ATOM   620  N  N   . LYS A 1 80  ? -2.594  2.729   12.635  1.00 36.27 ? 455  LYS A N   1 
ATOM   621  C  CA  . LYS A 1 80  ? -3.147  1.428   12.274  1.00 34.86 ? 455  LYS A CA  1 
ATOM   622  C  C   . LYS A 1 80  ? -4.680  1.248   12.392  1.00 35.14 ? 455  LYS A C   1 
ATOM   623  O  O   . LYS A 1 80  ? -5.305  0.942   11.380  1.00 34.57 ? 455  LYS A O   1 
ATOM   624  C  CB  . LYS A 1 80  ? -2.396  0.347   13.045  1.00 37.17 ? 455  LYS A CB  1 
ATOM   625  C  CG  . LYS A 1 80  ? -2.722  -1.128  12.735  1.00 38.53 ? 455  LYS A CG  1 
ATOM   626  C  CD  . LYS A 1 80  ? -2.872  -1.897  14.055  1.00 38.14 ? 455  LYS A CD  1 
ATOM   627  C  CE  . LYS A 1 80  ? -2.099  -3.219  14.071  1.00 44.38 ? 455  LYS A CE  1 
ATOM   628  N  NZ  . LYS A 1 80  ? -2.895  -4.320  14.760  1.00 49.11 ? 455  LYS A NZ  1 
ATOM   629  N  N   . GLU A 1 81  ? -5.309  1.400   13.565  1.00 37.08 ? 456  GLU A N   1 
ATOM   630  C  CA  . GLU A 1 81  ? -6.758  1.055   13.588  1.00 42.59 ? 456  GLU A CA  1 
ATOM   631  C  C   . GLU A 1 81  ? -7.577  2.009   12.775  1.00 43.07 ? 456  GLU A C   1 
ATOM   632  O  O   . GLU A 1 81  ? -8.646  1.640   12.324  1.00 48.56 ? 456  GLU A O   1 
ATOM   633  C  CB  . GLU A 1 81  ? -7.435  0.871   14.961  1.00 44.12 ? 456  GLU A CB  1 
ATOM   634  C  CG  . GLU A 1 81  ? -6.880  -0.264  15.854  1.00 54.55 ? 456  GLU A CG  1 
ATOM   635  C  CD  . GLU A 1 81  ? -7.320  -1.703  15.449  1.00 58.55 ? 456  GLU A CD  1 
ATOM   636  O  OE1 . GLU A 1 81  ? -8.208  -2.289  16.117  1.00 63.27 ? 456  GLU A OE1 1 
ATOM   637  O  OE2 . GLU A 1 81  ? -6.751  -2.275  14.486  1.00 62.58 ? 456  GLU A OE2 1 
ATOM   638  N  N   . GLU A 1 82  ? -7.084  3.219   12.559  1.00 39.63 ? 457  GLU A N   1 
ATOM   639  C  CA  . GLU A 1 82  ? -7.836  4.154   11.775  1.00 35.84 ? 457  GLU A CA  1 
ATOM   640  C  C   . GLU A 1 82  ? -7.697  3.778   10.362  1.00 35.73 ? 457  GLU A C   1 
ATOM   641  O  O   . GLU A 1 82  ? -8.660  3.770   9.629   1.00 39.59 ? 457  GLU A O   1 
ATOM   642  C  CB  . GLU A 1 82  ? -7.239  5.497   11.913  1.00 36.18 ? 457  GLU A CB  1 
ATOM   643  C  CG  . GLU A 1 82  ? -8.117  6.558   11.498  1.00 34.33 ? 457  GLU A CG  1 
ATOM   644  C  CD  . GLU A 1 82  ? -7.608  7.839   12.028  1.00 36.41 ? 457  GLU A CD  1 
ATOM   645  O  OE1 . GLU A 1 82  ? -8.270  8.406   12.895  1.00 38.53 ? 457  GLU A OE1 1 
ATOM   646  O  OE2 . GLU A 1 82  ? -6.515  8.261   11.624  1.00 42.51 ? 457  GLU A OE2 1 
ATOM   647  N  N   . ALA A 1 83  ? -6.476  3.478   9.972   1.00 36.09 ? 458  ALA A N   1 
ATOM   648  C  CA  . ALA A 1 83  ? -6.188  3.008   8.617   1.00 36.44 ? 458  ALA A CA  1 
ATOM   649  C  C   . ALA A 1 83  ? -7.012  1.792   8.203   1.00 35.98 ? 458  ALA A C   1 
ATOM   650  O  O   . ALA A 1 83  ? -7.420  1.692   7.060   1.00 36.97 ? 458  ALA A O   1 
ATOM   651  C  CB  . ALA A 1 83  ? -4.704  2.700   8.459   1.00 32.01 ? 458  ALA A CB  1 
ATOM   652  N  N   . LEU A 1 84  ? -7.239  0.868   9.125   1.00 33.83 ? 459  LEU A N   1 
ATOM   653  C  CA  . LEU A 1 84  ? -7.968  -0.303  8.785   1.00 34.21 ? 459  LEU A CA  1 
ATOM   654  C  C   . LEU A 1 84  ? -9.417  0.013   8.524   1.00 36.52 ? 459  LEU A C   1 
ATOM   655  O  O   . LEU A 1 84  ? -10.052 -0.581  7.651   1.00 38.33 ? 459  LEU A O   1 
ATOM   656  C  CB  . LEU A 1 84  ? -7.867  -1.296  9.903   1.00 33.47 ? 459  LEU A CB  1 
ATOM   657  C  CG  . LEU A 1 84  ? -6.601  -2.153  9.820   1.00 32.84 ? 459  LEU A CG  1 
ATOM   658  C  CD1 . LEU A 1 84  ? -6.763  -3.346  10.715  1.00 30.90 ? 459  LEU A CD1 1 
ATOM   659  C  CD2 . LEU A 1 84  ? -6.216  -2.567  8.387   1.00 27.76 ? 459  LEU A CD2 1 
ATOM   660  N  N   . GLN A 1 85  ? -9.942  0.955   9.286   1.00 38.16 ? 460  GLN A N   1 
ATOM   661  C  CA  . GLN A 1 85  ? -11.310 1.408   9.095   1.00 38.35 ? 460  GLN A CA  1 
ATOM   662  C  C   . GLN A 1 85  ? -11.511 2.253   7.877   1.00 36.64 ? 460  GLN A C   1 
ATOM   663  O  O   . GLN A 1 85  ? -12.507 2.080   7.192   1.00 39.12 ? 460  GLN A O   1 
ATOM   664  C  CB  . GLN A 1 85  ? -11.796 2.142   10.298  1.00 38.69 ? 460  GLN A CB  1 
ATOM   665  C  CG  . GLN A 1 85  ? -12.097 1.165   11.320  1.00 45.88 ? 460  GLN A CG  1 
ATOM   666  C  CD  . GLN A 1 85  ? -13.072 1.702   12.288  1.00 55.02 ? 460  GLN A CD  1 
ATOM   667  O  OE1 . GLN A 1 85  ? -12.872 2.826   12.806  1.00 59.36 ? 460  GLN A OE1 1 
ATOM   668  N  NE2 . GLN A 1 85  ? -14.157 0.928   12.560  1.00 55.14 ? 460  GLN A NE2 1 
ATOM   669  N  N   . LYS A 1 86  ? -10.586 3.145   7.563   1.00 33.06 ? 461  LYS A N   1 
ATOM   670  C  CA  . LYS A 1 86  ? -10.759 3.804   6.295   1.00 33.71 ? 461  LYS A CA  1 
ATOM   671  C  C   . LYS A 1 86  ? -11.045 2.770   5.235   1.00 33.38 ? 461  LYS A C   1 
ATOM   672  O  O   . LYS A 1 86  ? -11.881 3.011   4.395   1.00 35.61 ? 461  LYS A O   1 
ATOM   673  C  CB  . LYS A 1 86  ? -9.595  4.676   5.861   1.00 34.63 ? 461  LYS A CB  1 
ATOM   674  C  CG  . LYS A 1 86  ? -10.089 6.070   5.537   1.00 41.14 ? 461  LYS A CG  1 
ATOM   675  C  CD  . LYS A 1 86  ? -9.544  6.572   4.230   1.00 47.19 ? 461  LYS A CD  1 
ATOM   676  C  CE  . LYS A 1 86  ? -8.022  6.700   4.258   1.00 51.28 ? 461  LYS A CE  1 
ATOM   677  N  NZ  . LYS A 1 86  ? -7.496  7.986   4.833   1.00 51.52 ? 461  LYS A NZ  1 
ATOM   678  N  N   . LEU A 1 87  ? -10.411 1.603   5.277   1.00 33.49 ? 462  LEU A N   1 
ATOM   679  C  CA  . LEU A 1 87  ? -10.596 0.684   4.146   1.00 32.80 ? 462  LEU A CA  1 
ATOM   680  C  C   . LEU A 1 87  ? -11.735 -0.306  4.331   1.00 32.77 ? 462  LEU A C   1 
ATOM   681  O  O   . LEU A 1 87  ? -12.226 -0.885  3.354   1.00 31.87 ? 462  LEU A O   1 
ATOM   682  C  CB  . LEU A 1 87  ? -9.329  -0.071  3.785   1.00 30.14 ? 462  LEU A CB  1 
ATOM   683  C  CG  . LEU A 1 87  ? -8.004  0.598   3.556   1.00 26.87 ? 462  LEU A CG  1 
ATOM   684  C  CD1 . LEU A 1 87  ? -6.953  -0.316  4.036   1.00 26.53 ? 462  LEU A CD1 1 
ATOM   685  C  CD2 . LEU A 1 87  ? -7.769  0.875   2.108   1.00 27.51 ? 462  LEU A CD2 1 
ATOM   686  N  N   . LYS A 1 88  ? -12.103 -0.536  5.580   1.00 36.14 ? 463  LYS A N   1 
ATOM   687  C  CA  . LYS A 1 88  ? -13.230 -1.380  5.881   1.00 39.87 ? 463  LYS A CA  1 
ATOM   688  C  C   . LYS A 1 88  ? -14.375 -0.653  5.158   1.00 40.50 ? 463  LYS A C   1 
ATOM   689  O  O   . LYS A 1 88  ? -14.909 -1.158  4.160   1.00 42.76 ? 463  LYS A O   1 
ATOM   690  C  CB  . LYS A 1 88  ? -13.406 -1.456  7.404   1.00 41.94 ? 463  LYS A CB  1 
ATOM   691  C  CG  . LYS A 1 88  ? -14.305 -2.562  7.991   1.00 46.48 ? 463  LYS A CG  1 
ATOM   692  C  CD  . LYS A 1 88  ? -14.804 -2.134  9.441   1.00 50.06 ? 463  LYS A CD  1 
ATOM   693  C  CE  . LYS A 1 88  ? -15.872 -3.072  10.120  1.00 51.19 ? 463  LYS A CE  1 
ATOM   694  N  NZ  . LYS A 1 88  ? -17.313 -2.912  9.706   1.00 48.78 ? 463  LYS A NZ  1 
ATOM   695  N  N   . SER A 1 89  ? -14.690 0.563   5.597   1.00 40.79 ? 464  SER A N   1 
ATOM   696  C  CA  . SER A 1 89  ? -15.647 1.417   4.876   1.00 42.21 ? 464  SER A CA  1 
ATOM   697  C  C   . SER A 1 89  ? -15.097 1.794   3.505   1.00 40.91 ? 464  SER A C   1 
ATOM   698  O  O   . SER A 1 89  ? -14.500 2.858   3.370   1.00 42.58 ? 464  SER A O   1 
ATOM   699  C  CB  . SER A 1 89  ? -15.956 2.708   5.670   1.00 43.62 ? 464  SER A CB  1 
ATOM   700  O  OG  . SER A 1 89  ? -14.965 3.714   5.463   1.00 44.24 ? 464  SER A OG  1 
ATOM   701  N  N   . LEU A 1 90  ? -15.286 0.928   2.513   1.00 35.81 ? 465  LEU A N   1 
ATOM   702  C  CA  . LEU A 1 90  ? -14.761 1.138   1.192   1.00 37.10 ? 465  LEU A CA  1 
ATOM   703  C  C   . LEU A 1 90  ? -14.783 -0.199  0.595   1.00 40.56 ? 465  LEU A C   1 
ATOM   704  O  O   . LEU A 1 90  ? -14.655 -0.337  -0.629  1.00 43.43 ? 465  LEU A O   1 
ATOM   705  C  CB  . LEU A 1 90  ? -13.306 1.580   1.187   1.00 37.33 ? 465  LEU A CB  1 
ATOM   706  C  CG  . LEU A 1 90  ? -13.112 2.980   0.650   1.00 41.22 ? 465  LEU A CG  1 
ATOM   707  C  CD1 . LEU A 1 90  ? -12.004 3.060   -0.353  1.00 36.63 ? 465  LEU A CD1 1 
ATOM   708  C  CD2 . LEU A 1 90  ? -14.458 3.424   0.035   1.00 41.82 ? 465  LEU A CD2 1 
ATOM   709  N  N   . GLY A 1 91  ? -14.879 -1.195  1.477   1.00 43.34 ? 466  GLY A N   1 
ATOM   710  C  CA  . GLY A 1 91  ? -14.917 -2.591  1.066   1.00 45.53 ? 466  GLY A CA  1 
ATOM   711  C  C   . GLY A 1 91  ? -13.591 -3.329  1.145   1.00 46.60 ? 466  GLY A C   1 
ATOM   712  O  O   . GLY A 1 91  ? -13.556 -4.582  1.104   1.00 49.60 ? 466  GLY A O   1 
ATOM   713  N  N   . LEU A 1 92  ? -12.500 -2.577  1.253   1.00 43.24 ? 467  LEU A N   1 
ATOM   714  C  CA  . LEU A 1 92  ? -11.211 -3.194  1.462   1.00 41.63 ? 467  LEU A CA  1 
ATOM   715  C  C   . LEU A 1 92  ? -11.121 -3.850  2.868   1.00 41.27 ? 467  LEU A C   1 
ATOM   716  O  O   . LEU A 1 92  ? -10.978 -3.170  3.859   1.00 44.85 ? 467  LEU A O   1 
ATOM   717  C  CB  . LEU A 1 92  ? -10.159 -2.148  1.198   1.00 39.25 ? 467  LEU A CB  1 
ATOM   718  C  CG  . LEU A 1 92  ? -10.437 -1.721  -0.237  1.00 37.80 ? 467  LEU A CG  1 
ATOM   719  C  CD1 . LEU A 1 92  ? -9.419  -0.779  -0.790  1.00 32.08 ? 467  LEU A CD1 1 
ATOM   720  C  CD2 . LEU A 1 92  ? -10.419 -2.921  -1.138  1.00 36.26 ? 467  LEU A CD2 1 
ATOM   721  N  N   . LYS A 1 93  ? -11.283 -5.170  2.951   1.00 41.23 ? 468  LYS A N   1 
ATOM   722  C  CA  . LYS A 1 93  ? -11.210 -5.881  4.233   1.00 41.16 ? 468  LYS A CA  1 
ATOM   723  C  C   . LYS A 1 93  ? -10.188 -7.026  4.285   1.00 41.28 ? 468  LYS A C   1 
ATOM   724  O  O   . LYS A 1 93  ? -9.953  -7.602  5.346   1.00 40.41 ? 468  LYS A O   1 
ATOM   725  C  CB  . LYS A 1 93  ? -12.567 -6.363  4.673   1.00 40.70 ? 468  LYS A CB  1 
ATOM   726  C  CG  . LYS A 1 93  ? -13.488 -5.183  5.030   1.00 51.86 ? 468  LYS A CG  1 
ATOM   727  C  CD  . LYS A 1 93  ? -14.974 -5.618  5.392   1.00 58.43 ? 468  LYS A CD  1 
ATOM   728  C  CE  . LYS A 1 93  ? -16.064 -4.600  4.942   1.00 58.87 ? 468  LYS A CE  1 
ATOM   729  N  NZ  . LYS A 1 93  ? -17.457 -5.125  5.106   1.00 61.83 ? 468  LYS A NZ  1 
ATOM   730  N  N   . ASP A 1 94  ? -9.554  -7.342  3.163   1.00 40.26 ? 469  ASP A N   1 
ATOM   731  C  CA  . ASP A 1 94  ? -8.537  -8.358  3.199   1.00 41.67 ? 469  ASP A CA  1 
ATOM   732  C  C   . ASP A 1 94  ? -7.224  -7.677  3.409   1.00 42.57 ? 469  ASP A C   1 
ATOM   733  O  O   . ASP A 1 94  ? -6.487  -7.382  2.458   1.00 42.82 ? 469  ASP A O   1 
ATOM   734  C  CB  . ASP A 1 94  ? -8.519  -9.172  1.911   1.00 41.89 ? 469  ASP A CB  1 
ATOM   735  C  CG  . ASP A 1 94  ? -9.752  -10.000 1.765   1.00 39.67 ? 469  ASP A CG  1 
ATOM   736  O  OD1 . ASP A 1 94  ? -10.526 -9.999  2.766   1.00 31.03 ? 469  ASP A OD1 1 
ATOM   737  O  OD2 . ASP A 1 94  ? -9.940  -10.614 0.665   1.00 41.14 ? 469  ASP A OD2 1 
ATOM   738  N  N   . VAL A 1 95  ? -6.924  -7.413  4.670   1.00 42.86 ? 470  VAL A N   1 
ATOM   739  C  CA  . VAL A 1 95  ? -5.734  -6.632  4.956   1.00 43.95 ? 470  VAL A CA  1 
ATOM   740  C  C   . VAL A 1 95  ? -4.715  -7.367  5.845   1.00 40.03 ? 470  VAL A C   1 
ATOM   741  O  O   . VAL A 1 95  ? -5.065  -7.842  6.923   1.00 35.95 ? 470  VAL A O   1 
ATOM   742  C  CB  . VAL A 1 95  ? -6.157  -5.253  5.518   1.00 45.62 ? 470  VAL A CB  1 
ATOM   743  C  CG1 . VAL A 1 95  ? -4.947  -4.446  5.979   1.00 42.61 ? 470  VAL A CG1 1 
ATOM   744  C  CG2 . VAL A 1 95  ? -6.947  -4.509  4.444   1.00 44.71 ? 470  VAL A CG2 1 
ATOM   745  N  N   . THR A 1 96  ? -3.473  -7.494  5.370   1.00 38.72 ? 471  THR A N   1 
ATOM   746  C  CA  . THR A 1 96  ? -2.387  -8.027  6.230   1.00 40.82 ? 471  THR A CA  1 
ATOM   747  C  C   . THR A 1 96  ? -1.470  -6.876  6.720   1.00 41.11 ? 471  THR A C   1 
ATOM   748  O  O   . THR A 1 96  ? -0.897  -6.139  5.907   1.00 42.06 ? 471  THR A O   1 
ATOM   749  C  CB  . THR A 1 96  ? -1.533  -9.246  5.585   1.00 39.87 ? 471  THR A CB  1 
ATOM   750  O  OG1 . THR A 1 96  ? -0.491  -8.748  4.745   1.00 41.75 ? 471  THR A OG1 1 
ATOM   751  C  CG2 . THR A 1 96  ? -2.385  -10.224 4.774   1.00 35.94 ? 471  THR A CG2 1 
ATOM   752  N  N   . ILE A 1 97  ? -1.367  -6.719  8.041   1.00 42.29 ? 472  ILE A N   1 
ATOM   753  C  CA  . ILE A 1 97  ? -0.435  -5.757  8.683   1.00 44.15 ? 472  ILE A CA  1 
ATOM   754  C  C   . ILE A 1 97  ? 0.951   -6.343  8.988   1.00 44.02 ? 472  ILE A C   1 
ATOM   755  O  O   . ILE A 1 97  ? 1.081   -7.246  9.835   1.00 46.93 ? 472  ILE A O   1 
ATOM   756  C  CB  . ILE A 1 97  ? -0.941  -5.341  10.073  1.00 45.03 ? 472  ILE A CB  1 
ATOM   757  C  CG1 . ILE A 1 97  ? -2.355  -4.758  10.011  1.00 43.09 ? 472  ILE A CG1 1 
ATOM   758  C  CG2 . ILE A 1 97  ? 0.097   -4.420  10.727  1.00 46.99 ? 472  ILE A CG2 1 
ATOM   759  C  CD1 . ILE A 1 97  ? -2.459  -3.462  9.271   1.00 45.12 ? 472  ILE A CD1 1 
ATOM   760  N  N   . GLU A 1 98  ? 1.981   -5.820  8.345   1.00 43.19 ? 473  GLU A N   1 
ATOM   761  C  CA  . GLU A 1 98  ? 3.348   -6.286  8.597   1.00 42.81 ? 473  GLU A CA  1 
ATOM   762  C  C   . GLU A 1 98  ? 4.215   -5.230  9.321   1.00 42.27 ? 473  GLU A C   1 
ATOM   763  O  O   . GLU A 1 98  ? 4.558   -4.179  8.722   1.00 43.33 ? 473  GLU A O   1 
ATOM   764  C  CB  . GLU A 1 98  ? 3.985   -6.700  7.276   1.00 43.16 ? 473  GLU A CB  1 
ATOM   765  C  CG  . GLU A 1 98  ? 5.489   -6.789  7.335   1.00 46.59 ? 473  GLU A CG  1 
ATOM   766  C  CD  . GLU A 1 98  ? 6.088   -7.653  6.227   1.00 50.38 ? 473  GLU A CD  1 
ATOM   767  O  OE1 . GLU A 1 98  ? 7.334   -7.656  6.111   1.00 51.45 ? 473  GLU A OE1 1 
ATOM   768  O  OE2 . GLU A 1 98  ? 5.341   -8.342  5.481   1.00 53.51 ? 473  GLU A OE2 1 
ATOM   769  N  N   . LYS A 1 99  ? 4.545   -5.491  10.595  1.00 39.09 ? 474  LYS A N   1 
ATOM   770  C  CA  . LYS A 1 99  ? 5.365   -4.533  11.421  1.00 37.85 ? 474  LYS A CA  1 
ATOM   771  C  C   . LYS A 1 99  ? 6.865   -4.423  10.963  1.00 36.31 ? 474  LYS A C   1 
ATOM   772  O  O   . LYS A 1 99  ? 7.509   -5.431  10.745  1.00 36.25 ? 474  LYS A O   1 
ATOM   773  C  CB  . LYS A 1 99  ? 5.256   -4.807  12.944  1.00 34.37 ? 474  LYS A CB  1 
ATOM   774  C  CG  . LYS A 1 99  ? 3.936   -5.472  13.385  1.00 34.75 ? 474  LYS A CG  1 
ATOM   775  C  CD  . LYS A 1 99  ? 3.650   -5.435  14.892  1.00 34.00 ? 474  LYS A CD  1 
ATOM   776  C  CE  . LYS A 1 99  ? 2.134   -5.255  15.158  1.00 36.69 ? 474  LYS A CE  1 
ATOM   777  N  NZ  . LYS A 1 99  ? 1.653   -5.510  16.575  1.00 41.15 ? 474  LYS A NZ  1 
ATOM   778  N  N   . VAL A 1 100 ? 7.376   -3.199  10.775  1.00 35.56 ? 475  VAL A N   1 
ATOM   779  C  CA  . VAL A 1 100 ? 8.761   -2.927  10.318  1.00 35.67 ? 475  VAL A CA  1 
ATOM   780  C  C   . VAL A 1 100 ? 9.473   -1.649  10.937  1.00 38.38 ? 475  VAL A C   1 
ATOM   781  O  O   . VAL A 1 100 ? 8.836   -0.815  11.607  1.00 39.65 ? 475  VAL A O   1 
ATOM   782  C  CB  . VAL A 1 100 ? 8.768   -2.803  8.817   1.00 32.92 ? 475  VAL A CB  1 
ATOM   783  C  CG1 . VAL A 1 100 ? 8.307   -4.087  8.233   1.00 29.13 ? 475  VAL A CG1 1 
ATOM   784  C  CG2 . VAL A 1 100 ? 7.873   -1.650  8.414   1.00 31.50 ? 475  VAL A CG2 1 
ATOM   785  N  N   . TYR A 1 101 ? 10.770  -1.457  10.723  1.00 36.72 ? 476  TYR A N   1 
ATOM   786  C  CA  . TYR A 1 101 ? 11.382  -0.320  11.418  1.00 38.31 ? 476  TYR A CA  1 
ATOM   787  C  C   . TYR A 1 101 ? 11.237  0.954   10.667  1.00 39.13 ? 476  TYR A C   1 
ATOM   788  O  O   . TYR A 1 101 ? 11.113  0.899   9.464   1.00 43.63 ? 476  TYR A O   1 
ATOM   789  C  CB  . TYR A 1 101 ? 12.827  -0.592  11.746  1.00 39.17 ? 476  TYR A CB  1 
ATOM   790  C  CG  . TYR A 1 101 ? 12.913  -1.487  12.937  1.00 37.93 ? 476  TYR A CG  1 
ATOM   791  C  CD1 . TYR A 1 101 ? 13.546  -2.741  12.861  1.00 38.09 ? 476  TYR A CD1 1 
ATOM   792  C  CD2 . TYR A 1 101 ? 12.325  -1.104  14.127  1.00 37.04 ? 476  TYR A CD2 1 
ATOM   793  C  CE1 . TYR A 1 101 ? 13.582  -3.604  13.974  1.00 39.44 ? 476  TYR A CE1 1 
ATOM   794  C  CE2 . TYR A 1 101 ? 12.363  -1.954  15.244  1.00 42.74 ? 476  TYR A CE2 1 
ATOM   795  C  CZ  . TYR A 1 101 ? 12.980  -3.202  15.158  1.00 39.72 ? 476  TYR A CZ  1 
ATOM   796  O  OH  . TYR A 1 101 ? 12.990  -4.005  16.256  1.00 37.27 ? 476  TYR A OH  1 
ATOM   797  N  N   . ASN A 1 102 ? 11.239  2.101   11.340  1.00 38.44 ? 477  ASN A N   1 
ATOM   798  C  CA  . ASN A 1 102 ? 10.981  3.336   10.602  1.00 39.50 ? 477  ASN A CA  1 
ATOM   799  C  C   . ASN A 1 102 ? 11.211  4.687   11.265  1.00 42.19 ? 477  ASN A C   1 
ATOM   800  O  O   . ASN A 1 102 ? 10.780  4.978   12.415  1.00 39.80 ? 477  ASN A O   1 
ATOM   801  C  CB  . ASN A 1 102 ? 9.594   3.301   9.985   1.00 39.11 ? 477  ASN A CB  1 
ATOM   802  C  CG  . ASN A 1 102 ? 9.456   4.243   8.842   1.00 42.04 ? 477  ASN A CG  1 
ATOM   803  O  OD1 . ASN A 1 102 ? 9.100   5.407   9.052   1.00 45.16 ? 477  ASN A OD1 1 
ATOM   804  N  ND2 . ASN A 1 102 ? 9.704   3.761   7.611   1.00 40.67 ? 477  ASN A ND2 1 
ATOM   805  N  N   . ASN A 1 103 ? 11.844  5.517   10.436  1.00 46.97 ? 478  ASN A N   1 
ATOM   806  C  CA  . ASN A 1 103 ? 12.490  6.790   10.776  1.00 52.12 ? 478  ASN A CA  1 
ATOM   807  C  C   . ASN A 1 103 ? 11.702  7.999   10.298  1.00 53.95 ? 478  ASN A C   1 
ATOM   808  O  O   . ASN A 1 103 ? 12.252  8.906   9.690   1.00 57.69 ? 478  ASN A O   1 
ATOM   809  C  CB  . ASN A 1 103 ? 13.826  6.803   10.057  1.00 52.37 ? 478  ASN A CB  1 
ATOM   810  C  CG  . ASN A 1 103 ? 14.030  5.558   9.235   1.00 56.62 ? 478  ASN A CG  1 
ATOM   811  O  OD1 . ASN A 1 103 ? 14.955  4.793   9.510   1.00 60.03 ? 478  ASN A OD1 1 
ATOM   812  N  ND2 . ASN A 1 103 ? 13.129  5.300   8.259   1.00 57.94 ? 478  ASN A ND2 1 
ATOM   813  N  N   . GLN A 1 104 ? 10.402  7.998   10.535  1.00 53.25 ? 479  GLN A N   1 
ATOM   814  C  CA  . GLN A 1 104 ? 9.508   8.959   9.930   1.00 50.78 ? 479  GLN A CA  1 
ATOM   815  C  C   . GLN A 1 104 ? 8.221   8.664   10.632  1.00 48.85 ? 479  GLN A C   1 
ATOM   816  O  O   . GLN A 1 104 ? 7.687   9.506   11.323  1.00 50.42 ? 479  GLN A O   1 
ATOM   817  C  CB  . GLN A 1 104 ? 9.257   8.673   8.451   1.00 51.70 ? 479  GLN A CB  1 
ATOM   818  C  CG  . GLN A 1 104 ? 10.275  7.786   7.742   1.00 55.94 ? 479  GLN A CG  1 
ATOM   819  C  CD  . GLN A 1 104 ? 11.167  8.567   6.801   1.00 60.46 ? 479  GLN A CD  1 
ATOM   820  O  OE1 . GLN A 1 104 ? 10.938  9.767   6.557   1.00 64.34 ? 479  GLN A OE1 1 
ATOM   821  N  NE2 . GLN A 1 104 ? 12.181  7.893   6.245   1.00 60.78 ? 479  GLN A NE2 1 
ATOM   822  N  N   . ALA A 1 105 ? 7.735   7.441   10.470  1.00 43.18 ? 480  ALA A N   1 
ATOM   823  C  CA  . ALA A 1 105 ? 6.434   7.109   10.984  1.00 39.45 ? 480  ALA A CA  1 
ATOM   824  C  C   . ALA A 1 105 ? 6.492   6.742   12.443  1.00 35.17 ? 480  ALA A C   1 
ATOM   825  O  O   . ALA A 1 105 ? 7.279   5.906   12.848  1.00 36.41 ? 480  ALA A O   1 
ATOM   826  C  CB  . ALA A 1 105 ? 5.825   5.996   10.171  1.00 39.45 ? 480  ALA A CB  1 
ATOM   827  N  N   . PRO A 1 106 ? 5.697   7.412   13.257  1.00 31.84 ? 481  PRO A N   1 
ATOM   828  C  CA  . PRO A 1 106 ? 5.481   6.954   14.635  1.00 32.16 ? 481  PRO A CA  1 
ATOM   829  C  C   . PRO A 1 106 ? 5.277   5.446   14.826  1.00 32.62 ? 481  PRO A C   1 
ATOM   830  O  O   . PRO A 1 106 ? 4.688   4.778   13.988  1.00 33.42 ? 481  PRO A O   1 
ATOM   831  C  CB  . PRO A 1 106 ? 4.198   7.701   15.049  1.00 29.95 ? 481  PRO A CB  1 
ATOM   832  C  CG  . PRO A 1 106 ? 4.125   8.957   14.084  1.00 27.91 ? 481  PRO A CG  1 
ATOM   833  C  CD  . PRO A 1 106 ? 5.276   8.813   13.084  1.00 28.07 ? 481  PRO A CD  1 
ATOM   834  N  N   . LYS A 1 107 ? 5.783   4.915   15.928  1.00 33.70 ? 482  LYS A N   1 
ATOM   835  C  CA  . LYS A 1 107 ? 5.439   3.578   16.323  1.00 35.57 ? 482  LYS A CA  1 
ATOM   836  C  C   . LYS A 1 107 ? 3.912   3.522   16.229  1.00 34.39 ? 482  LYS A C   1 
ATOM   837  O  O   . LYS A 1 107 ? 3.233   4.410   16.727  1.00 34.88 ? 482  LYS A O   1 
ATOM   838  C  CB  . LYS A 1 107 ? 5.938   3.323   17.746  1.00 38.57 ? 482  LYS A CB  1 
ATOM   839  C  CG  . LYS A 1 107 ? 5.445   2.045   18.462  1.00 43.38 ? 482  LYS A CG  1 
ATOM   840  C  CD  . LYS A 1 107 ? 6.608   1.064   18.711  1.00 52.00 ? 482  LYS A CD  1 
ATOM   841  C  CE  . LYS A 1 107 ? 6.176   -0.268  19.409  1.00 52.53 ? 482  LYS A CE  1 
ATOM   842  N  NZ  . LYS A 1 107 ? 5.703   0.024   20.797  1.00 54.85 ? 482  LYS A NZ  1 
ATOM   843  N  N   . GLY A 1 108 ? 3.385   2.523   15.522  1.00 32.50 ? 483  GLY A N   1 
ATOM   844  C  CA  . GLY A 1 108 ? 1.948   2.343   15.435  1.00 29.85 ? 483  GLY A CA  1 
ATOM   845  C  C   . GLY A 1 108 ? 1.328   2.966   14.207  1.00 26.67 ? 483  GLY A C   1 
ATOM   846  O  O   . GLY A 1 108 ? 0.139   2.831   13.940  1.00 25.07 ? 483  GLY A O   1 
ATOM   847  N  N   . TYR A 1 109 ? 2.122   3.660   13.439  1.00 26.13 ? 484  TYR A N   1 
ATOM   848  C  CA  . TYR A 1 109 ? 1.523   4.374   12.354  1.00 28.75 ? 484  TYR A CA  1 
ATOM   849  C  C   . TYR A 1 109 ? 1.840   3.649   11.060  1.00 28.46 ? 484  TYR A C   1 
ATOM   850  O  O   . TYR A 1 109 ? 2.764   2.885   11.000  1.00 32.36 ? 484  TYR A O   1 
ATOM   851  C  CB  . TYR A 1 109 ? 2.007   5.824   12.334  1.00 28.30 ? 484  TYR A CB  1 
ATOM   852  C  CG  . TYR A 1 109 ? 1.297   6.755   13.273  1.00 32.81 ? 484  TYR A CG  1 
ATOM   853  C  CD1 . TYR A 1 109 ? 1.045   6.418   14.616  1.00 32.02 ? 484  TYR A CD1 1 
ATOM   854  C  CD2 . TYR A 1 109 ? 0.879   8.003   12.825  1.00 38.55 ? 484  TYR A CD2 1 
ATOM   855  C  CE1 . TYR A 1 109 ? 0.357   7.303   15.460  1.00 34.55 ? 484  TYR A CE1 1 
ATOM   856  C  CE2 . TYR A 1 109 ? 0.211   8.889   13.669  1.00 39.60 ? 484  TYR A CE2 1 
ATOM   857  C  CZ  . TYR A 1 109 ? -0.036  8.540   14.968  1.00 38.57 ? 484  TYR A CZ  1 
ATOM   858  O  OH  . TYR A 1 109 ? -0.665  9.472   15.741  1.00 42.75 ? 484  TYR A OH  1 
ATOM   859  N  N   . ILE A 1 110 ? 1.068   3.873   10.016  1.00 29.13 ? 485  ILE A N   1 
ATOM   860  C  CA  . ILE A 1 110 ? 1.318   3.140   8.814   1.00 28.21 ? 485  ILE A CA  1 
ATOM   861  C  C   . ILE A 1 110 ? 2.416   3.899   8.104   1.00 30.55 ? 485  ILE A C   1 
ATOM   862  O  O   . ILE A 1 110 ? 2.319   5.123   7.937   1.00 30.40 ? 485  ILE A O   1 
ATOM   863  C  CB  . ILE A 1 110 ? 0.035   3.008   7.970   1.00 24.01 ? 485  ILE A CB  1 
ATOM   864  C  CG1 . ILE A 1 110 ? -0.970  2.121   8.709   1.00 20.85 ? 485  ILE A CG1 1 
ATOM   865  C  CG2 . ILE A 1 110 ? 0.358   2.446   6.615   1.00 19.20 ? 485  ILE A CG2 1 
ATOM   866  C  CD1 . ILE A 1 110 ? -0.499  0.718   8.930   1.00 21.80 ? 485  ILE A CD1 1 
ATOM   867  N  N   . ALA A 1 111 ? 3.460   3.175   7.709   1.00 31.97 ? 486  ALA A N   1 
ATOM   868  C  CA  . ALA A 1 111 ? 4.616   3.785   7.058   1.00 35.55 ? 486  ALA A CA  1 
ATOM   869  C  C   . ALA A 1 111 ? 4.434   3.756   5.560   1.00 39.17 ? 486  ALA A C   1 
ATOM   870  O  O   . ALA A 1 111 ? 4.822   4.700   4.831   1.00 39.51 ? 486  ALA A O   1 
ATOM   871  C  CB  . ALA A 1 111 ? 5.904   3.058   7.438   1.00 32.87 ? 486  ALA A CB  1 
ATOM   872  N  N   . ASN A 1 112 ? 3.800   2.672   5.117   1.00 43.56 ? 487  ASN A N   1 
ATOM   873  C  CA  . ASN A 1 112 ? 3.810   2.319   3.722   1.00 46.00 ? 487  ASN A CA  1 
ATOM   874  C  C   . ASN A 1 112 ? 2.727   1.296   3.290   1.00 46.40 ? 487  ASN A C   1 
ATOM   875  O  O   . ASN A 1 112 ? 2.612   0.244   3.919   1.00 50.03 ? 487  ASN A O   1 
ATOM   876  C  CB  . ASN A 1 112 ? 5.190   1.782   3.411   1.00 45.66 ? 487  ASN A CB  1 
ATOM   877  C  CG  . ASN A 1 112 ? 5.276   1.323   2.017   1.00 51.96 ? 487  ASN A CG  1 
ATOM   878  O  OD1 . ASN A 1 112 ? 5.535   0.121   1.750   1.00 51.52 ? 487  ASN A OD1 1 
ATOM   879  N  ND2 . ASN A 1 112 ? 4.972   2.258   1.074   1.00 50.56 ? 487  ASN A ND2 1 
ATOM   880  N  N   . GLN A 1 113 ? 1.975   1.571   2.209   1.00 46.09 ? 488  GLN A N   1 
ATOM   881  C  CA  . GLN A 1 113 ? 0.868   0.668   1.705   1.00 42.84 ? 488  GLN A CA  1 
ATOM   882  C  C   . GLN A 1 113 ? 1.140   -0.182  0.393   1.00 42.38 ? 488  GLN A C   1 
ATOM   883  O  O   . GLN A 1 113 ? 1.823   0.311   -0.509  1.00 37.83 ? 488  GLN A O   1 
ATOM   884  C  CB  . GLN A 1 113 ? -0.371  1.514   1.534   1.00 40.02 ? 488  GLN A CB  1 
ATOM   885  C  CG  . GLN A 1 113 ? -0.097  2.728   0.707   1.00 36.87 ? 488  GLN A CG  1 
ATOM   886  C  CD  . GLN A 1 113 ? -1.294  3.629   0.592   1.00 38.59 ? 488  GLN A CD  1 
ATOM   887  O  OE1 . GLN A 1 113 ? -2.251  3.300   -0.087  1.00 41.39 ? 488  GLN A OE1 1 
ATOM   888  N  NE2 . GLN A 1 113 ? -1.242  4.787   1.236   1.00 39.58 ? 488  GLN A NE2 1 
ATOM   889  N  N   . SER A 1 114 ? 0.601   -1.420  0.280   1.00 43.01 ? 489  SER A N   1 
ATOM   890  C  CA  . SER A 1 114 ? 1.022   -2.370  -0.807  1.00 47.48 ? 489  SER A CA  1 
ATOM   891  C  C   . SER A 1 114 ? 0.779   -1.762  -2.132  1.00 49.54 ? 489  SER A C   1 
ATOM   892  O  O   . SER A 1 114 ? 1.661   -1.202  -2.800  1.00 53.50 ? 489  SER A O   1 
ATOM   893  C  CB  . SER A 1 114 ? 0.187   -3.640  -0.876  1.00 48.28 ? 489  SER A CB  1 
ATOM   894  O  OG  . SER A 1 114 ? -0.523  -3.911  0.305   1.00 56.01 ? 489  SER A OG  1 
ATOM   895  N  N   . VAL A 1 115 ? -0.483  -1.895  -2.485  1.00 48.63 ? 490  VAL A N   1 
ATOM   896  C  CA  . VAL A 1 115 ? -1.110  -1.150  -3.550  1.00 47.88 ? 490  VAL A CA  1 
ATOM   897  C  C   . VAL A 1 115 ? -1.180  0.411   -3.426  1.00 48.42 ? 490  VAL A C   1 
ATOM   898  O  O   . VAL A 1 115 ? -1.942  0.982   -2.624  1.00 47.22 ? 490  VAL A O   1 
ATOM   899  C  CB  . VAL A 1 115 ? -2.489  -1.732  -3.721  1.00 46.06 ? 490  VAL A CB  1 
ATOM   900  C  CG1 . VAL A 1 115 ? -3.451  -0.662  -4.182  1.00 45.87 ? 490  VAL A CG1 1 
ATOM   901  C  CG2 . VAL A 1 115 ? -2.394  -2.966  -4.665  1.00 48.46 ? 490  VAL A CG2 1 
ATOM   902  N  N   . THR A 1 116 ? -0.396  1.062   -4.284  1.00 50.32 ? 491  THR A N   1 
ATOM   903  C  CA  . THR A 1 116 ? -0.240  2.555   -4.406  1.00 51.78 ? 491  THR A CA  1 
ATOM   904  C  C   . THR A 1 116 ? -1.457  3.482   -4.366  1.00 48.68 ? 491  THR A C   1 
ATOM   905  O  O   . THR A 1 116 ? -2.453  3.233   -4.996  1.00 44.52 ? 491  THR A O   1 
ATOM   906  C  CB  . THR A 1 116 ? 0.550   2.897   -5.675  1.00 52.68 ? 491  THR A CB  1 
ATOM   907  O  OG1 . THR A 1 116 ? 0.177   1.947   -6.717  1.00 54.54 ? 491  THR A OG1 1 
ATOM   908  C  CG2 . THR A 1 116 ? 2.121   2.895   -5.361  1.00 46.96 ? 491  THR A CG2 1 
ATOM   909  N  N   . ALA A 1 117 ? -1.325  4.576   -3.628  1.00 50.37 ? 492  ALA A N   1 
ATOM   910  C  CA  . ALA A 1 117 ? -2.479  5.394   -3.260  1.00 51.34 ? 492  ALA A CA  1 
ATOM   911  C  C   . ALA A 1 117 ? -3.183  5.923   -4.464  1.00 51.89 ? 492  ALA A C   1 
ATOM   912  O  O   . ALA A 1 117 ? -2.537  6.346   -5.437  1.00 52.95 ? 492  ALA A O   1 
ATOM   913  C  CB  . ALA A 1 117 ? -2.073  6.554   -2.387  1.00 49.74 ? 492  ALA A CB  1 
ATOM   914  N  N   . ASN A 1 118 ? -4.514  5.897   -4.369  1.00 51.81 ? 493  ASN A N   1 
ATOM   915  C  CA  . ASN A 1 118 ? -5.430  6.462   -5.356  1.00 50.85 ? 493  ASN A CA  1 
ATOM   916  C  C   . ASN A 1 118 ? -5.441  5.805   -6.759  1.00 51.24 ? 493  ASN A C   1 
ATOM   917  O  O   . ASN A 1 118 ? -5.924  6.365   -7.736  1.00 50.44 ? 493  ASN A O   1 
ATOM   918  C  CB  . ASN A 1 118 ? -5.345  7.980   -5.392  1.00 52.32 ? 493  ASN A CB  1 
ATOM   919  C  CG  . ASN A 1 118 ? -6.709  8.598   -5.488  1.00 58.90 ? 493  ASN A CG  1 
ATOM   920  O  OD1 . ASN A 1 118 ? -7.685  7.915   -5.854  1.00 63.21 ? 493  ASN A OD1 1 
ATOM   921  N  ND2 . ASN A 1 118 ? -6.807  9.874   -5.174  1.00 57.68 ? 493  ASN A ND2 1 
ATOM   922  N  N   . THR A 1 119 ? -4.933  4.571   -6.817  1.00 51.43 ? 494  THR A N   1 
ATOM   923  C  CA  . THR A 1 119 ? -5.115  3.683   -7.942  1.00 48.02 ? 494  THR A CA  1 
ATOM   924  C  C   . THR A 1 119 ? -6.496  3.139   -7.827  1.00 50.54 ? 494  THR A C   1 
ATOM   925  O  O   . THR A 1 119 ? -7.079  3.133   -6.749  1.00 52.40 ? 494  THR A O   1 
ATOM   926  C  CB  . THR A 1 119 ? -4.191  2.528   -7.832  1.00 45.55 ? 494  THR A CB  1 
ATOM   927  O  OG1 . THR A 1 119 ? -2.895  2.955   -8.242  1.00 43.92 ? 494  THR A OG1 1 
ATOM   928  C  CG2 . THR A 1 119 ? -4.594  1.471   -8.751  1.00 45.98 ? 494  THR A CG2 1 
ATOM   929  N  N   . GLU A 1 120 ? -7.072  2.707   -8.933  1.00 52.44 ? 495  GLU A N   1 
ATOM   930  C  CA  . GLU A 1 120 ? -8.327  2.004   -8.775  1.00 53.72 ? 495  GLU A CA  1 
ATOM   931  C  C   . GLU A 1 120 ? -7.989  0.485   -8.577  1.00 52.75 ? 495  GLU A C   1 
ATOM   932  O  O   . GLU A 1 120 ? -7.093  -0.084  -9.269  1.00 50.93 ? 495  GLU A O   1 
ATOM   933  C  CB  . GLU A 1 120 ? -9.347  2.371   -9.885  1.00 54.88 ? 495  GLU A CB  1 
ATOM   934  C  CG  . GLU A 1 120 ? -10.833 2.247   -9.416  1.00 60.48 ? 495  GLU A CG  1 
ATOM   935  C  CD  . GLU A 1 120 ? -11.707 3.518   -9.626  1.00 65.00 ? 495  GLU A CD  1 
ATOM   936  O  OE1 . GLU A 1 120 ? -12.847 3.564   -9.066  1.00 65.00 ? 495  GLU A OE1 1 
ATOM   937  O  OE2 . GLU A 1 120 ? -11.259 4.469   -10.324 1.00 65.00 ? 495  GLU A OE2 1 
ATOM   938  N  N   . ILE A 1 121 ? -8.649  -0.123  -7.579  1.00 48.21 ? 496  ILE A N   1 
ATOM   939  C  CA  . ILE A 1 121 ? -8.341  -1.483  -7.165  1.00 44.62 ? 496  ILE A CA  1 
ATOM   940  C  C   . ILE A 1 121 ? -9.635  -2.235  -6.902  1.00 44.21 ? 496  ILE A C   1 
ATOM   941  O  O   . ILE A 1 121 ? -10.624 -1.629  -6.447  1.00 41.73 ? 496  ILE A O   1 
ATOM   942  C  CB  . ILE A 1 121 ? -7.346  -1.494  -5.950  1.00 42.62 ? 496  ILE A CB  1 
ATOM   943  C  CG1 . ILE A 1 121 ? -5.968  -1.008  -6.429  1.00 40.44 ? 496  ILE A CG1 1 
ATOM   944  C  CG2 . ILE A 1 121 ? -7.239  -2.880  -5.228  1.00 41.08 ? 496  ILE A CG2 1 
ATOM   945  C  CD1 . ILE A 1 121 ? -5.243  -1.913  -7.445  1.00 34.79 ? 496  ILE A CD1 1 
ATOM   946  N  N   . ALA A 1 122 ? -9.610  -3.546  -7.204  1.00 41.61 ? 497  ALA A N   1 
ATOM   947  C  CA  . ALA A 1 122 ? -10.803 -4.396  -7.251  1.00 39.26 ? 497  ALA A CA  1 
ATOM   948  C  C   . ALA A 1 122 ? -11.038 -5.143  -5.990  1.00 40.53 ? 497  ALA A C   1 
ATOM   949  O  O   . ALA A 1 122 ? -10.305 -6.058  -5.648  1.00 45.60 ? 497  ALA A O   1 
ATOM   950  C  CB  . ALA A 1 122 ? -10.714 -5.369  -8.385  1.00 36.46 ? 497  ALA A CB  1 
ATOM   951  N  N   . ILE A 1 123 ? -12.093 -4.773  -5.301  1.00 41.43 ? 498  ILE A N   1 
ATOM   952  C  CA  . ILE A 1 123 ? -12.541 -5.508  -4.150  1.00 39.29 ? 498  ILE A CA  1 
ATOM   953  C  C   . ILE A 1 123 ? -12.479 -7.029  -4.354  1.00 42.27 ? 498  ILE A C   1 
ATOM   954  O  O   . ILE A 1 123 ? -12.813 -7.794  -3.457  1.00 47.61 ? 498  ILE A O   1 
ATOM   955  C  CB  . ILE A 1 123 ? -13.955 -5.081  -3.888  1.00 37.27 ? 498  ILE A CB  1 
ATOM   956  C  CG1 . ILE A 1 123 ? -13.993 -3.547  -3.924  1.00 33.48 ? 498  ILE A CG1 1 
ATOM   957  C  CG2 . ILE A 1 123 ? -14.538 -5.731  -2.594  1.00 34.24 ? 498  ILE A CG2 1 
ATOM   958  C  CD1 . ILE A 1 123 ? -14.879 -2.969  -2.871  1.00 36.99 ? 498  ILE A CD1 1 
ATOM   959  N  N   . HIS A 1 124 ? -12.064 -7.495  -5.529  1.00 41.04 ? 499  HIS A N   1 
ATOM   960  C  CA  . HIS A 1 124 ? -11.849 -8.923  -5.674  1.00 38.01 ? 499  HIS A CA  1 
ATOM   961  C  C   . HIS A 1 124 ? -10.368 -9.267  -5.669  1.00 39.37 ? 499  HIS A C   1 
ATOM   962  O  O   . HIS A 1 124 ? -9.640  -9.012  -6.671  1.00 37.62 ? 499  HIS A O   1 
ATOM   963  C  CB  . HIS A 1 124 ? -12.519 -9.545  -6.911  1.00 35.85 ? 499  HIS A CB  1 
ATOM   964  C  CG  . HIS A 1 124 ? -12.447 -11.041 -6.905  1.00 30.97 ? 499  HIS A CG  1 
ATOM   965  N  ND1 . HIS A 1 124 ? -13.306 -11.826 -6.158  1.00 30.45 ? 499  HIS A ND1 1 
ATOM   966  C  CD2 . HIS A 1 124 ? -11.558 -11.890 -7.470  1.00 27.35 ? 499  HIS A CD2 1 
ATOM   967  C  CE1 . HIS A 1 124 ? -12.965 -13.093 -6.299  1.00 26.04 ? 499  HIS A CE1 1 
ATOM   968  N  NE2 . HIS A 1 124 ? -11.910 -13.161 -7.089  1.00 23.44 ? 499  HIS A NE2 1 
ATOM   969  N  N   . ASP A 1 125 ? -9.962  -9.897  -4.553  1.00 38.16 ? 500  ASP A N   1 
ATOM   970  C  CA  . ASP A 1 125 ? -8.626  -10.503 -4.407  1.00 37.52 ? 500  ASP A CA  1 
ATOM   971  C  C   . ASP A 1 125 ? -7.528  -9.446  -4.248  1.00 37.75 ? 500  ASP A C   1 
ATOM   972  O  O   . ASP A 1 125 ? -6.408  -9.601  -4.779  1.00 32.17 ? 500  ASP A O   1 
ATOM   973  C  CB  . ASP A 1 125 ? -8.290  -11.454 -5.584  1.00 36.87 ? 500  ASP A CB  1 
ATOM   974  C  CG  . ASP A 1 125 ? -8.645  -12.927 -5.294  1.00 39.31 ? 500  ASP A CG  1 
ATOM   975  O  OD1 . ASP A 1 125 ? -9.314  -13.263 -4.262  1.00 39.77 ? 500  ASP A OD1 1 
ATOM   976  O  OD2 . ASP A 1 125 ? -8.244  -13.752 -6.140  1.00 38.90 ? 500  ASP A OD2 1 
ATOM   977  N  N   . SER A 1 126 ? -7.895  -8.379  -3.536  1.00 39.45 ? 501  SER A N   1 
ATOM   978  C  CA  . SER A 1 126 ? -6.997  -7.325  -3.124  1.00 41.67 ? 501  SER A CA  1 
ATOM   979  C  C   . SER A 1 126 ? -6.238  -7.938  -1.988  1.00 46.16 ? 501  SER A C   1 
ATOM   980  O  O   . SER A 1 126 ? -6.795  -8.250  -0.924  1.00 49.78 ? 501  SER A O   1 
ATOM   981  C  CB  . SER A 1 126 ? -7.824  -6.136  -2.602  1.00 40.61 ? 501  SER A CB  1 
ATOM   982  O  OG  . SER A 1 126 ? -8.544  -6.444  -1.400  1.00 36.52 ? 501  SER A OG  1 
ATOM   983  N  N   . ASN A 1 127 ? -4.971  -8.194  -2.173  1.00 49.00 ? 502  ASN A N   1 
ATOM   984  C  CA  . ASN A 1 127 ? -4.276  -8.734  -1.029  1.00 49.81 ? 502  ASN A CA  1 
ATOM   985  C  C   . ASN A 1 127 ? -3.612  -7.473  -0.523  1.00 50.52 ? 502  ASN A C   1 
ATOM   986  O  O   . ASN A 1 127 ? -2.578  -7.042  -1.090  1.00 53.42 ? 502  ASN A O   1 
ATOM   987  C  CB  . ASN A 1 127 ? -3.293  -9.837  -1.474  1.00 50.17 ? 502  ASN A CB  1 
ATOM   988  C  CG  . ASN A 1 127 ? -3.047  -10.949 -0.395  1.00 50.20 ? 502  ASN A CG  1 
ATOM   989  O  OD1 . ASN A 1 127 ? -2.066  -11.698 -0.514  1.00 50.91 ? 502  ASN A OD1 1 
ATOM   990  N  ND2 . ASN A 1 127 ? -3.898  -11.041 0.640   1.00 49.02 ? 502  ASN A ND2 1 
ATOM   991  N  N   . ILE A 1 128 ? -4.258  -6.801  0.440   1.00 46.83 ? 503  ILE A N   1 
ATOM   992  C  CA  . ILE A 1 128 ? -3.634  -5.572  1.002   1.00 43.99 ? 503  ILE A CA  1 
ATOM   993  C  C   . ILE A 1 128 ? -2.736  -5.911  2.178   1.00 42.76 ? 503  ILE A C   1 
ATOM   994  O  O   . ILE A 1 128 ? -3.172  -6.473  3.218   1.00 38.16 ? 503  ILE A O   1 
ATOM   995  C  CB  . ILE A 1 128 ? -4.587  -4.379  1.407   1.00 43.18 ? 503  ILE A CB  1 
ATOM   996  C  CG1 . ILE A 1 128 ? -5.771  -4.204  0.432   1.00 37.92 ? 503  ILE A CG1 1 
ATOM   997  C  CG2 . ILE A 1 128 ? -3.754  -3.058  1.520   1.00 41.61 ? 503  ILE A CG2 1 
ATOM   998  C  CD1 . ILE A 1 128 ? -5.510  -3.348  -0.783  1.00 27.47 ? 503  ILE A CD1 1 
ATOM   999  N  N   . LYS A 1 129 ? -1.470  -5.571  1.946   1.00 41.02 ? 504  LYS A N   1 
ATOM   1000 C  CA  . LYS A 1 129 ? -0.379  -5.697  2.876   1.00 40.06 ? 504  LYS A CA  1 
ATOM   1001 C  C   . LYS A 1 129 ? -0.078  -4.246  3.334   1.00 35.83 ? 504  LYS A C   1 
ATOM   1002 O  O   . LYS A 1 129 ? 0.198   -3.378  2.508   1.00 34.74 ? 504  LYS A O   1 
ATOM   1003 C  CB  . LYS A 1 129 ? 0.771   -6.334  2.093   1.00 44.94 ? 504  LYS A CB  1 
ATOM   1004 C  CG  . LYS A 1 129 ? 2.220   -5.910  2.445   1.00 53.00 ? 504  LYS A CG  1 
ATOM   1005 C  CD  . LYS A 1 129 ? 3.102   -7.095  2.950   1.00 59.20 ? 504  LYS A CD  1 
ATOM   1006 C  CE  . LYS A 1 129 ? 2.507   -7.751  4.227   1.00 64.84 ? 504  LYS A CE  1 
ATOM   1007 N  NZ  . LYS A 1 129 ? 3.192   -9.019  4.676   1.00 65.00 ? 504  LYS A NZ  1 
ATOM   1008 N  N   . LEU A 1 130 ? -0.202  -3.966  4.625   1.00 29.71 ? 505  LEU A N   1 
ATOM   1009 C  CA  . LEU A 1 130 ? 0.243   -2.688  5.178   1.00 30.05 ? 505  LEU A CA  1 
ATOM   1010 C  C   . LEU A 1 130 ? 1.477   -2.774  6.118   1.00 33.17 ? 505  LEU A C   1 
ATOM   1011 O  O   . LEU A 1 130 ? 1.495   -3.607  7.058   1.00 34.72 ? 505  LEU A O   1 
ATOM   1012 C  CB  . LEU A 1 130 ? -0.870  -2.110  5.996   1.00 27.83 ? 505  LEU A CB  1 
ATOM   1013 C  CG  . LEU A 1 130 ? -2.058  -1.641  5.212   1.00 24.21 ? 505  LEU A CG  1 
ATOM   1014 C  CD1 . LEU A 1 130 ? -2.988  -0.963  6.221   1.00 6.94  ? 505  LEU A CD1 1 
ATOM   1015 C  CD2 . LEU A 1 130 ? -1.480  -0.731  4.077   1.00 23.21 ? 505  LEU A CD2 1 
ATOM   1016 N  N   . TYR A 1 131 ? 2.452   -1.879  5.907   1.00 32.81 ? 506  TYR A N   1 
ATOM   1017 C  CA  . TYR A 1 131 ? 3.631   -1.712  6.793   1.00 34.58 ? 506  TYR A CA  1 
ATOM   1018 C  C   . TYR A 1 131 ? 3.489   -0.709  7.961   1.00 33.54 ? 506  TYR A C   1 
ATOM   1019 O  O   . TYR A 1 131 ? 3.515   0.510   7.773   1.00 31.12 ? 506  TYR A O   1 
ATOM   1020 C  CB  . TYR A 1 131 ? 4.823   -1.349  5.936   1.00 39.07 ? 506  TYR A CB  1 
ATOM   1021 C  CG  . TYR A 1 131 ? 5.014   -2.399  4.883   1.00 45.31 ? 506  TYR A CG  1 
ATOM   1022 C  CD1 . TYR A 1 131 ? 5.732   -3.563  5.172   1.00 45.30 ? 506  TYR A CD1 1 
ATOM   1023 C  CD2 . TYR A 1 131 ? 4.426   -2.266  3.617   1.00 45.54 ? 506  TYR A CD2 1 
ATOM   1024 C  CE1 . TYR A 1 131 ? 5.901   -4.543  4.228   1.00 48.66 ? 506  TYR A CE1 1 
ATOM   1025 C  CE2 . TYR A 1 131 ? 4.579   -3.242  2.662   1.00 47.48 ? 506  TYR A CE2 1 
ATOM   1026 C  CZ  . TYR A 1 131 ? 5.320   -4.382  2.975   1.00 50.00 ? 506  TYR A CZ  1 
ATOM   1027 O  OH  . TYR A 1 131 ? 5.474   -5.381  2.049   1.00 54.52 ? 506  TYR A OH  1 
ATOM   1028 N  N   . GLU A 1 132 ? 3.313   -1.257  9.162   1.00 34.72 ? 507  GLU A N   1 
ATOM   1029 C  CA  . GLU A 1 132 ? 3.208   -0.519  10.422  1.00 32.52 ? 507  GLU A CA  1 
ATOM   1030 C  C   . GLU A 1 132 ? 4.591   -0.181  11.003  1.00 31.70 ? 507  GLU A C   1 
ATOM   1031 O  O   . GLU A 1 132 ? 5.569   -0.852  10.773  1.00 31.19 ? 507  GLU A O   1 
ATOM   1032 C  CB  . GLU A 1 132 ? 2.514   -1.393  11.420  1.00 30.57 ? 507  GLU A CB  1 
ATOM   1033 C  CG  . GLU A 1 132 ? 2.179   -0.682  12.630  1.00 33.42 ? 507  GLU A CG  1 
ATOM   1034 C  CD  . GLU A 1 132 ? 1.501   -1.566  13.608  1.00 39.88 ? 507  GLU A CD  1 
ATOM   1035 O  OE1 . GLU A 1 132 ? 1.154   -2.689  13.208  1.00 47.93 ? 507  GLU A OE1 1 
ATOM   1036 O  OE2 . GLU A 1 132 ? 1.308   -1.170  14.780  1.00 43.90 ? 507  GLU A OE2 1 
ATOM   1037 N  N   . SER A 1 133 ? 4.678   0.858   11.785  1.00 33.41 ? 508  SER A N   1 
ATOM   1038 C  CA  . SER A 1 133 ? 5.969   1.330   12.190  1.00 34.89 ? 508  SER A CA  1 
ATOM   1039 C  C   . SER A 1 133 ? 6.373   0.795   13.546  1.00 33.17 ? 508  SER A C   1 
ATOM   1040 O  O   . SER A 1 133 ? 5.582   0.766   14.482  1.00 32.75 ? 508  SER A O   1 
ATOM   1041 C  CB  . SER A 1 133 ? 5.960   2.840   12.203  1.00 35.25 ? 508  SER A CB  1 
ATOM   1042 O  OG  . SER A 1 133 ? 7.268   3.302   12.388  1.00 41.99 ? 508  SER A OG  1 
ATOM   1043 N  N   . LEU A 1 134 ? 7.614   0.370   13.674  1.00 33.51 ? 509  LEU A N   1 
ATOM   1044 C  CA  . LEU A 1 134 ? 8.041   -0.075  15.000  1.00 34.33 ? 509  LEU A CA  1 
ATOM   1045 C  C   . LEU A 1 134 ? 8.859   0.947   15.784  1.00 35.97 ? 509  LEU A C   1 
ATOM   1046 O  O   . LEU A 1 134 ? 8.956   0.817   16.981  1.00 38.94 ? 509  LEU A O   1 
ATOM   1047 C  CB  . LEU A 1 134 ? 8.821   -1.358  14.943  1.00 28.58 ? 509  LEU A CB  1 
ATOM   1048 C  CG  . LEU A 1 134 ? 8.196   -2.623  14.441  1.00 24.09 ? 509  LEU A CG  1 
ATOM   1049 C  CD1 . LEU A 1 134 ? 9.296   -3.264  13.609  1.00 23.04 ? 509  LEU A CD1 1 
ATOM   1050 C  CD2 . LEU A 1 134 ? 7.755   -3.516  15.584  1.00 16.30 ? 509  LEU A CD2 1 
ATOM   1051 N  N   . GLY A 1 135 ? 9.406   1.958   15.122  1.00 33.76 ? 510  GLY A N   1 
ATOM   1052 C  CA  . GLY A 1 135 ? 10.251  2.914   15.766  1.00 36.06 ? 510  GLY A CA  1 
ATOM   1053 C  C   . GLY A 1 135 ? 11.412  2.934   14.832  1.00 41.45 ? 510  GLY A C   1 
ATOM   1054 O  O   . GLY A 1 135 ? 11.294  2.403   13.718  1.00 42.69 ? 510  GLY A O   1 
ATOM   1055 N  N   . ILE A 1 136 ? 12.531  3.539   15.244  1.00 43.37 ? 511  ILE A N   1 
ATOM   1056 C  CA  . ILE A 1 136 ? 13.812  3.216   14.575  1.00 43.14 ? 511  ILE A CA  1 
ATOM   1057 C  C   . ILE A 1 136 ? 14.347  1.981   15.281  1.00 42.71 ? 511  ILE A C   1 
ATOM   1058 O  O   . ILE A 1 136 ? 13.960  1.695   16.424  1.00 40.67 ? 511  ILE A O   1 
ATOM   1059 C  CB  . ILE A 1 136 ? 14.871  4.401   14.502  1.00 42.90 ? 511  ILE A CB  1 
ATOM   1060 C  CG1 . ILE A 1 136 ? 14.587  5.502   15.557  1.00 44.03 ? 511  ILE A CG1 1 
ATOM   1061 C  CG2 . ILE A 1 136 ? 14.964  4.975   13.049  1.00 42.47 ? 511  ILE A CG2 1 
ATOM   1062 C  CD1 . ILE A 1 136 ? 13.629  6.678   15.188  1.00 39.76 ? 511  ILE A CD1 1 
ATOM   1063 N  N   . LYS A 1 137 ? 15.187  1.214   14.597  1.00 45.15 ? 512  LYS A N   1 
ATOM   1064 C  CA  . LYS A 1 137 ? 15.856  0.127   15.276  1.00 45.63 ? 512  LYS A CA  1 
ATOM   1065 C  C   . LYS A 1 137 ? 16.866  0.657   16.325  1.00 47.12 ? 512  LYS A C   1 
ATOM   1066 O  O   . LYS A 1 137 ? 17.581  1.665   16.074  1.00 47.31 ? 512  LYS A O   1 
ATOM   1067 C  CB  . LYS A 1 137 ? 16.570  -0.796  14.302  1.00 43.27 ? 512  LYS A CB  1 
ATOM   1068 C  CG  . LYS A 1 137 ? 16.627  -2.246  14.885  1.00 43.95 ? 512  LYS A CG  1 
ATOM   1069 C  CD  . LYS A 1 137 ? 17.947  -3.036  14.661  1.00 40.58 ? 512  LYS A CD  1 
ATOM   1070 C  CE  . LYS A 1 137 ? 18.291  -3.280  13.160  1.00 41.98 ? 512  LYS A CE  1 
ATOM   1071 N  NZ  . LYS A 1 137 ? 18.057  -2.100  12.238  1.00 39.91 ? 512  LYS A NZ  1 
ATOM   1072 N  N   . GLN A 1 138 ? 16.847  0.007   17.499  1.00 45.37 ? 513  GLN A N   1 
ATOM   1073 C  CA  . GLN A 1 138 ? 17.939  -0.009  18.458  1.00 45.22 ? 513  GLN A CA  1 
ATOM   1074 C  C   . GLN A 1 138 ? 19.055  -0.921  17.978  1.00 47.49 ? 513  GLN A C   1 
ATOM   1075 O  O   . GLN A 1 138 ? 18.838  -2.121  17.840  1.00 49.52 ? 513  GLN A O   1 
ATOM   1076 C  CB  . GLN A 1 138 ? 17.454  -0.557  19.792  1.00 44.70 ? 513  GLN A CB  1 
ATOM   1077 C  CG  . GLN A 1 138 ? 16.430  0.319   20.493  1.00 46.38 ? 513  GLN A CG  1 
ATOM   1078 C  CD  . GLN A 1 138 ? 16.614  1.786   20.165  1.00 46.78 ? 513  GLN A CD  1 
ATOM   1079 O  OE1 . GLN A 1 138 ? 16.483  2.185   18.996  1.00 49.19 ? 513  GLN A OE1 1 
ATOM   1080 N  NE2 . GLN A 1 138 ? 16.907  2.608   21.193  1.00 43.28 ? 513  GLN A NE2 1 
ATOM   1081 N  N   . VAL A 1 139 ? 20.245  -0.376  17.729  1.00 48.24 ? 514  VAL A N   1 
ATOM   1082 C  CA  . VAL A 1 139 ? 21.430  -1.209  17.558  1.00 48.74 ? 514  VAL A CA  1 
ATOM   1083 C  C   . VAL A 1 139 ? 22.272  -1.080  18.835  1.00 52.73 ? 514  VAL A C   1 
ATOM   1084 O  O   . VAL A 1 139 ? 22.086  -0.148  19.629  1.00 54.56 ? 514  VAL A O   1 
ATOM   1085 C  CB  . VAL A 1 139 ? 22.295  -0.780  16.349  1.00 46.57 ? 514  VAL A CB  1 
ATOM   1086 C  CG1 . VAL A 1 139 ? 21.831  -1.403  15.028  1.00 42.07 ? 514  VAL A CG1 1 
ATOM   1087 C  CG2 . VAL A 1 139 ? 22.278  0.675   16.242  1.00 48.35 ? 514  VAL A CG2 1 
ATOM   1088 N  N   . TYR A 1 140 ? 23.205  -2.011  19.018  1.00 55.49 ? 515  TYR A N   1 
ATOM   1089 C  CA  . TYR A 1 140 ? 24.080  -2.026  20.191  1.00 56.15 ? 515  TYR A CA  1 
ATOM   1090 C  C   . TYR A 1 140 ? 25.392  -1.321  19.938  1.00 56.80 ? 515  TYR A C   1 
ATOM   1091 O  O   . TYR A 1 140 ? 25.986  -1.460  18.863  1.00 52.67 ? 515  TYR A O   1 
ATOM   1092 C  CB  . TYR A 1 140 ? 24.383  -3.459  20.537  1.00 56.05 ? 515  TYR A CB  1 
ATOM   1093 C  CG  . TYR A 1 140 ? 25.209  -3.670  21.777  1.00 56.47 ? 515  TYR A CG  1 
ATOM   1094 C  CD1 . TYR A 1 140 ? 26.530  -4.195  21.677  1.00 57.60 ? 515  TYR A CD1 1 
ATOM   1095 C  CD2 . TYR A 1 140 ? 24.682  -3.409  23.043  1.00 53.63 ? 515  TYR A CD2 1 
ATOM   1096 C  CE1 . TYR A 1 140 ? 27.288  -4.441  22.798  1.00 53.05 ? 515  TYR A CE1 1 
ATOM   1097 C  CE2 . TYR A 1 140 ? 25.428  -3.671  24.175  1.00 52.21 ? 515  TYR A CE2 1 
ATOM   1098 C  CZ  . TYR A 1 140 ? 26.728  -4.175  24.044  1.00 53.85 ? 515  TYR A CZ  1 
ATOM   1099 O  OH  . TYR A 1 140 ? 27.485  -4.408  25.161  1.00 54.67 ? 515  TYR A OH  1 
ATOM   1100 N  N   . VAL A 1 141 ? 25.850  -0.572  20.944  1.00 59.10 ? 516  VAL A N   1 
ATOM   1101 C  CA  . VAL A 1 141 ? 27.130  0.137   20.825  1.00 58.09 ? 516  VAL A CA  1 
ATOM   1102 C  C   . VAL A 1 141 ? 28.190  -0.607  21.612  1.00 57.98 ? 516  VAL A C   1 
ATOM   1103 O  O   . VAL A 1 141 ? 28.231  -0.487  22.825  1.00 57.09 ? 516  VAL A O   1 
ATOM   1104 C  CB  . VAL A 1 141 ? 27.043  1.590   21.357  1.00 56.15 ? 516  VAL A CB  1 
ATOM   1105 C  CG1 . VAL A 1 141 ? 28.153  2.421   20.764  1.00 56.23 ? 516  VAL A CG1 1 
ATOM   1106 C  CG2 . VAL A 1 141 ? 25.732  2.212   21.009  1.00 53.51 ? 516  VAL A CG2 1 
ATOM   1107 N  N   . GLU A 1 142 ? 29.017  -1.401  20.938  1.00 59.01 ? 517  GLU A N   1 
ATOM   1108 C  CA  . GLU A 1 142 ? 30.100  -2.103  21.638  1.00 59.33 ? 517  GLU A CA  1 
ATOM   1109 C  C   . GLU A 1 142 ? 31.122  -1.077  22.138  1.00 56.78 ? 517  GLU A C   1 
ATOM   1110 O  O   . GLU A 1 142 ? 31.507  -0.167  21.394  1.00 54.67 ? 517  GLU A O   1 
ATOM   1111 C  CB  . GLU A 1 142 ? 30.773  -3.141  20.733  1.00 61.50 ? 517  GLU A CB  1 
ATOM   1112 C  CG  . GLU A 1 142 ? 31.828  -3.994  21.467  1.00 64.38 ? 517  GLU A CG  1 
ATOM   1113 C  CD  . GLU A 1 142 ? 32.888  -4.595  20.525  1.00 65.00 ? 517  GLU A CD  1 
ATOM   1114 O  OE1 . GLU A 1 142 ? 33.914  -5.132  21.016  1.00 65.00 ? 517  GLU A OE1 1 
ATOM   1115 O  OE2 . GLU A 1 142 ? 32.699  -4.538  19.288  1.00 64.80 ? 517  GLU A OE2 1 
ATOM   1116 N  N   . ASP A 1 143 ? 31.529  -1.215  23.398  1.00 53.47 ? 518  ASP A N   1 
ATOM   1117 C  CA  . ASP A 1 143 ? 32.463  -0.274  24.037  1.00 53.13 ? 518  ASP A CA  1 
ATOM   1118 C  C   . ASP A 1 143 ? 33.893  -0.387  23.498  1.00 52.03 ? 518  ASP A C   1 
ATOM   1119 O  O   . ASP A 1 143 ? 34.391  -1.466  23.200  1.00 51.09 ? 518  ASP A O   1 
ATOM   1120 C  CB  . ASP A 1 143 ? 32.444  -0.440  25.565  1.00 51.72 ? 518  ASP A CB  1 
ATOM   1121 C  CG  . ASP A 1 143 ? 33.376  0.541   26.290  1.00 51.29 ? 518  ASP A CG  1 
ATOM   1122 O  OD1 . ASP A 1 143 ? 33.084  0.899   27.462  1.00 49.98 ? 518  ASP A OD1 1 
ATOM   1123 O  OD2 . ASP A 1 143 ? 34.406  0.950   25.708  1.00 48.57 ? 518  ASP A OD2 1 
ATOM   1124 N  N   . PHE A 1 144 ? 34.563  0.739   23.361  1.00 51.65 ? 519  PHE A N   1 
ATOM   1125 C  CA  . PHE A 1 144 ? 35.913  0.687   22.826  1.00 53.56 ? 519  PHE A CA  1 
ATOM   1126 C  C   . PHE A 1 144 ? 36.953  1.466   23.644  1.00 51.97 ? 519  PHE A C   1 
ATOM   1127 O  O   . PHE A 1 144 ? 38.089  1.657   23.194  1.00 52.29 ? 519  PHE A O   1 
ATOM   1128 C  CB  . PHE A 1 144 ? 35.923  1.034   21.323  1.00 55.94 ? 519  PHE A CB  1 
ATOM   1129 C  CG  . PHE A 1 144 ? 35.187  0.027   20.470  1.00 60.42 ? 519  PHE A CG  1 
ATOM   1130 C  CD1 . PHE A 1 144 ? 33.798  0.111   20.295  1.00 62.48 ? 519  PHE A CD1 1 
ATOM   1131 C  CD2 . PHE A 1 144 ? 35.860  -1.023  19.871  1.00 58.80 ? 519  PHE A CD2 1 
ATOM   1132 C  CE1 . PHE A 1 144 ? 33.106  -0.830  19.530  1.00 59.20 ? 519  PHE A CE1 1 
ATOM   1133 C  CE2 . PHE A 1 144 ? 35.171  -1.953  19.099  1.00 57.55 ? 519  PHE A CE2 1 
ATOM   1134 C  CZ  . PHE A 1 144 ? 33.804  -1.852  18.931  1.00 59.53 ? 519  PHE A CZ  1 
ATOM   1135 N  N   . GLU A 1 145 ? 36.569  1.863   24.854  1.00 49.32 ? 520  GLU A N   1 
ATOM   1136 C  CA  . GLU A 1 145 ? 37.435  2.614   25.738  1.00 47.05 ? 520  GLU A CA  1 
ATOM   1137 C  C   . GLU A 1 145 ? 38.715  1.816   26.024  1.00 47.17 ? 520  GLU A C   1 
ATOM   1138 O  O   . GLU A 1 145 ? 38.714  0.936   26.852  1.00 52.35 ? 520  GLU A O   1 
ATOM   1139 C  CB  . GLU A 1 145 ? 36.653  3.042   27.000  1.00 44.72 ? 520  GLU A CB  1 
ATOM   1140 C  CG  . GLU A 1 145 ? 35.675  4.173   26.687  1.00 40.43 ? 520  GLU A CG  1 
ATOM   1141 C  CD  . GLU A 1 145 ? 35.116  4.885   27.885  1.00 40.23 ? 520  GLU A CD  1 
ATOM   1142 O  OE1 . GLU A 1 145 ? 34.896  6.116   27.851  1.00 42.99 ? 520  GLU A OE1 1 
ATOM   1143 O  OE2 . GLU A 1 145 ? 34.869  4.208   28.877  1.00 44.97 ? 520  GLU A OE2 1 
ATOM   1144 N  N   . HIS A 1 146 ? 39.788  2.127   25.306  1.00 47.50 ? 521  HIS A N   1 
ATOM   1145 C  CA  . HIS A 1 146 ? 41.009  1.293   25.144  1.00 45.83 ? 521  HIS A CA  1 
ATOM   1146 C  C   . HIS A 1 146 ? 40.916  0.387   23.946  1.00 45.38 ? 521  HIS A C   1 
ATOM   1147 O  O   . HIS A 1 146 ? 40.173  -0.588  23.974  1.00 47.46 ? 521  HIS A O   1 
ATOM   1148 C  CB  . HIS A 1 146 ? 41.290  0.395   26.320  1.00 45.52 ? 521  HIS A CB  1 
ATOM   1149 C  CG  . HIS A 1 146 ? 41.794  1.109   27.515  1.00 49.28 ? 521  HIS A CG  1 
ATOM   1150 N  ND1 . HIS A 1 146 ? 43.109  1.026   27.931  1.00 53.30 ? 521  HIS A ND1 1 
ATOM   1151 C  CD2 . HIS A 1 146 ? 41.159  1.905   28.408  1.00 50.51 ? 521  HIS A CD2 1 
ATOM   1152 C  CE1 . HIS A 1 146 ? 43.261  1.750   29.028  1.00 55.10 ? 521  HIS A CE1 1 
ATOM   1153 N  NE2 . HIS A 1 146 ? 42.088  2.282   29.347  1.00 52.59 ? 521  HIS A NE2 1 
ATOM   1154 N  N   . LYS A 1 147 ? 41.671  0.667   22.906  1.00 44.82 ? 522  LYS A N   1 
ATOM   1155 C  CA  . LYS A 1 147 ? 41.705  -0.258  21.800  1.00 47.65 ? 522  LYS A CA  1 
ATOM   1156 C  C   . LYS A 1 147 ? 41.692  0.575   20.559  1.00 49.05 ? 522  LYS A C   1 
ATOM   1157 O  O   . LYS A 1 147 ? 41.092  1.643   20.539  1.00 50.38 ? 522  LYS A O   1 
ATOM   1158 C  CB  . LYS A 1 147 ? 40.507  -1.240  21.847  1.00 45.65 ? 522  LYS A CB  1 
ATOM   1159 C  CG  . LYS A 1 147 ? 40.770  -2.780  21.466  1.00 46.48 ? 522  LYS A CG  1 
ATOM   1160 C  CD  . LYS A 1 147 ? 42.283  -3.256  21.293  1.00 44.73 ? 522  LYS A CD  1 
ATOM   1161 C  CE  . LYS A 1 147 ? 42.523  -4.144  20.054  1.00 37.19 ? 522  LYS A CE  1 
ATOM   1162 N  NZ  . LYS A 1 147 ? 43.683  -3.575  19.348  1.00 27.43 ? 522  LYS A NZ  1 
ATOM   1163 N  N   . SER A 1 148 ? 42.395  0.099   19.539  1.00 51.00 ? 523  SER A N   1 
ATOM   1164 C  CA  . SER A 1 148 ? 42.643  0.916   18.374  1.00 53.74 ? 523  SER A CA  1 
ATOM   1165 C  C   . SER A 1 148 ? 41.358  1.597   18.057  1.00 54.04 ? 523  SER A C   1 
ATOM   1166 O  O   . SER A 1 148 ? 40.388  0.951   17.686  1.00 55.97 ? 523  SER A O   1 
ATOM   1167 C  CB  . SER A 1 148 ? 43.138  0.116   17.146  1.00 54.42 ? 523  SER A CB  1 
ATOM   1168 O  OG  . SER A 1 148 ? 42.727  -1.245  17.172  1.00 60.98 ? 523  SER A OG  1 
ATOM   1169 N  N   . PHE A 1 149 ? 41.319  2.904   18.240  1.00 52.08 ? 524  PHE A N   1 
ATOM   1170 C  CA  . PHE A 1 149 ? 40.223  3.622   17.656  1.00 50.84 ? 524  PHE A CA  1 
ATOM   1171 C  C   . PHE A 1 149 ? 40.151  3.252   16.182  1.00 50.60 ? 524  PHE A C   1 
ATOM   1172 O  O   . PHE A 1 149 ? 39.080  3.226   15.607  1.00 49.01 ? 524  PHE A O   1 
ATOM   1173 C  CB  . PHE A 1 149 ? 40.394  5.124   17.782  1.00 49.49 ? 524  PHE A CB  1 
ATOM   1174 C  CG  . PHE A 1 149 ? 39.447  5.882   16.930  1.00 49.20 ? 524  PHE A CG  1 
ATOM   1175 C  CD1 . PHE A 1 149 ? 38.107  6.015   17.316  1.00 50.27 ? 524  PHE A CD1 1 
ATOM   1176 C  CD2 . PHE A 1 149 ? 39.871  6.416   15.701  1.00 48.30 ? 524  PHE A CD2 1 
ATOM   1177 C  CE1 . PHE A 1 149 ? 37.220  6.675   16.480  1.00 52.57 ? 524  PHE A CE1 1 
ATOM   1178 C  CE2 . PHE A 1 149 ? 38.990  7.084   14.865  1.00 48.56 ? 524  PHE A CE2 1 
ATOM   1179 C  CZ  . PHE A 1 149 ? 37.671  7.219   15.245  1.00 49.56 ? 524  PHE A CZ  1 
ATOM   1180 N  N   . SER A 1 150 ? 41.302  2.948   15.592  1.00 52.93 ? 525  SER A N   1 
ATOM   1181 C  CA  . SER A 1 150 ? 41.407  2.652   14.169  1.00 55.94 ? 525  SER A CA  1 
ATOM   1182 C  C   . SER A 1 150 ? 40.492  1.504   13.815  1.00 57.09 ? 525  SER A C   1 
ATOM   1183 O  O   . SER A 1 150 ? 39.695  1.580   12.844  1.00 57.93 ? 525  SER A O   1 
ATOM   1184 C  CB  . SER A 1 150 ? 42.844  2.290   13.803  1.00 57.91 ? 525  SER A CB  1 
ATOM   1185 O  OG  . SER A 1 150 ? 42.970  2.013   12.422  1.00 57.50 ? 525  SER A OG  1 
ATOM   1186 N  N   . LYS A 1 151 ? 40.572  0.436   14.594  1.00 56.12 ? 526  LYS A N   1 
ATOM   1187 C  CA  . LYS A 1 151 ? 39.606  -0.585  14.303  1.00 57.21 ? 526  LYS A CA  1 
ATOM   1188 C  C   . LYS A 1 151 ? 38.220  -0.012  14.586  1.00 52.87 ? 526  LYS A C   1 
ATOM   1189 O  O   . LYS A 1 151 ? 37.408  0.019   13.700  1.00 50.60 ? 526  LYS A O   1 
ATOM   1190 C  CB  . LYS A 1 151 ? 39.933  -2.014  14.874  1.00 60.21 ? 526  LYS A CB  1 
ATOM   1191 C  CG  . LYS A 1 151 ? 39.950  -2.295  16.395  1.00 65.00 ? 526  LYS A CG  1 
ATOM   1192 C  CD  . LYS A 1 151 ? 38.776  -1.680  17.198  1.00 65.00 ? 526  LYS A CD  1 
ATOM   1193 C  CE  . LYS A 1 151 ? 37.399  -2.422  17.121  1.00 65.00 ? 526  LYS A CE  1 
ATOM   1194 N  NZ  . LYS A 1 151 ? 36.616  -2.314  15.843  1.00 65.00 ? 526  LYS A NZ  1 
ATOM   1195 N  N   . ALA A 1 152 ? 38.014  0.547   15.773  1.00 51.81 ? 527  ALA A N   1 
ATOM   1196 C  CA  . ALA A 1 152 ? 36.676  0.881   16.266  1.00 48.95 ? 527  ALA A CA  1 
ATOM   1197 C  C   . ALA A 1 152 ? 35.843  1.661   15.267  1.00 46.65 ? 527  ALA A C   1 
ATOM   1198 O  O   . ALA A 1 152 ? 34.698  1.308   15.031  1.00 49.06 ? 527  ALA A O   1 
ATOM   1199 C  CB  . ALA A 1 152 ? 36.734  1.579   17.619  1.00 47.69 ? 527  ALA A CB  1 
ATOM   1200 N  N   . LYS A 1 153 ? 36.402  2.689   14.659  1.00 43.78 ? 528  LYS A N   1 
ATOM   1201 C  CA  . LYS A 1 153 ? 35.741  3.274   13.521  1.00 45.22 ? 528  LYS A CA  1 
ATOM   1202 C  C   . LYS A 1 153 ? 35.120  2.122   12.735  1.00 47.43 ? 528  LYS A C   1 
ATOM   1203 O  O   . LYS A 1 153 ? 33.889  1.988   12.755  1.00 49.69 ? 528  LYS A O   1 
ATOM   1204 C  CB  . LYS A 1 153 ? 36.730  4.058   12.657  1.00 44.17 ? 528  LYS A CB  1 
ATOM   1205 C  CG  . LYS A 1 153 ? 36.104  5.018   11.719  1.00 45.09 ? 528  LYS A CG  1 
ATOM   1206 C  CD  . LYS A 1 153 ? 36.852  4.953   10.394  1.00 50.53 ? 528  LYS A CD  1 
ATOM   1207 C  CE  . LYS A 1 153 ? 37.746  6.127   10.274  1.00 51.22 ? 528  LYS A CE  1 
ATOM   1208 N  NZ  . LYS A 1 153 ? 37.121  7.148   11.129  1.00 50.01 ? 528  LYS A NZ  1 
ATOM   1209 N  N   . LYS A 1 154 ? 35.950  1.258   12.116  1.00 48.11 ? 529  LYS A N   1 
ATOM   1210 C  CA  . LYS A 1 154 ? 35.456  0.110   11.280  1.00 45.48 ? 529  LYS A CA  1 
ATOM   1211 C  C   . LYS A 1 154 ? 34.333  -0.727  11.868  1.00 41.57 ? 529  LYS A C   1 
ATOM   1212 O  O   . LYS A 1 154 ? 33.483  -1.176  11.114  1.00 39.96 ? 529  LYS A O   1 
ATOM   1213 C  CB  . LYS A 1 154 ? 36.568  -0.843  10.801  1.00 46.77 ? 529  LYS A CB  1 
ATOM   1214 C  CG  . LYS A 1 154 ? 36.926  -0.719  9.324   1.00 52.17 ? 529  LYS A CG  1 
ATOM   1215 C  CD  . LYS A 1 154 ? 37.017  -2.100  8.621   1.00 55.41 ? 529  LYS A CD  1 
ATOM   1216 C  CE  . LYS A 1 154 ? 37.587  -2.000  7.190   1.00 54.40 ? 529  LYS A CE  1 
ATOM   1217 N  NZ  . LYS A 1 154 ? 38.389  -3.226  6.888   1.00 56.25 ? 529  LYS A NZ  1 
ATOM   1218 N  N   . ALA A 1 155 ? 34.313  -0.954  13.177  1.00 38.80 ? 530  ALA A N   1 
ATOM   1219 C  CA  . ALA A 1 155 ? 33.184  -1.685  13.742  1.00 40.86 ? 530  ALA A CA  1 
ATOM   1220 C  C   . ALA A 1 155 ? 32.019  -0.809  13.503  1.00 43.21 ? 530  ALA A C   1 
ATOM   1221 O  O   . ALA A 1 155 ? 31.346  -0.902  12.493  1.00 45.86 ? 530  ALA A O   1 
ATOM   1222 C  CB  . ALA A 1 155 ? 33.325  -1.911  15.241  1.00 40.42 ? 530  ALA A CB  1 
ATOM   1223 N  N   . LEU A 1 156 ? 31.833  0.099   14.433  1.00 43.72 ? 531  LEU A N   1 
ATOM   1224 C  CA  . LEU A 1 156 ? 30.757  1.031   14.402  1.00 43.29 ? 531  LEU A CA  1 
ATOM   1225 C  C   . LEU A 1 156 ? 30.183  1.446   13.006  1.00 43.72 ? 531  LEU A C   1 
ATOM   1226 O  O   . LEU A 1 156 ? 28.960  1.421   12.793  1.00 42.32 ? 531  LEU A O   1 
ATOM   1227 C  CB  . LEU A 1 156 ? 31.199  2.206   15.248  1.00 43.78 ? 531  LEU A CB  1 
ATOM   1228 C  CG  . LEU A 1 156 ? 31.380  1.618   16.642  1.00 44.04 ? 531  LEU A CG  1 
ATOM   1229 C  CD1 . LEU A 1 156 ? 31.897  2.657   17.558  1.00 45.14 ? 531  LEU A CD1 1 
ATOM   1230 C  CD2 . LEU A 1 156 ? 30.066  1.111   17.179  1.00 41.74 ? 531  LEU A CD2 1 
ATOM   1231 N  N   . GLU A 1 157 ? 31.038  1.815   12.065  1.00 43.27 ? 532  GLU A N   1 
ATOM   1232 C  CA  . GLU A 1 157 ? 30.513  2.255   10.797  1.00 47.56 ? 532  GLU A CA  1 
ATOM   1233 C  C   . GLU A 1 157 ? 29.871  1.090   10.121  1.00 49.57 ? 532  GLU A C   1 
ATOM   1234 O  O   . GLU A 1 157 ? 28.697  1.011   10.166  1.00 52.32 ? 532  GLU A O   1 
ATOM   1235 C  CB  . GLU A 1 157 ? 31.568  2.832   9.907   1.00 48.79 ? 532  GLU A CB  1 
ATOM   1236 C  CG  . GLU A 1 157 ? 31.956  4.239   10.238  1.00 53.86 ? 532  GLU A CG  1 
ATOM   1237 C  CD  . GLU A 1 157 ? 33.284  4.498   9.621   1.00 55.37 ? 532  GLU A CD  1 
ATOM   1238 O  OE1 . GLU A 1 157 ? 34.174  3.718   10.017  1.00 59.53 ? 532  GLU A OE1 1 
ATOM   1239 O  OE2 . GLU A 1 157 ? 33.420  5.368   8.710   1.00 52.66 ? 532  GLU A OE2 1 
ATOM   1240 N  N   . GLU A 1 158 ? 30.623  0.198   9.481   1.00 52.27 ? 533  GLU A N   1 
ATOM   1241 C  CA  . GLU A 1 158 ? 30.073  -1.076  9.082   1.00 51.90 ? 533  GLU A CA  1 
ATOM   1242 C  C   . GLU A 1 158 ? 29.087  -1.458  10.205  1.00 51.35 ? 533  GLU A C   1 
ATOM   1243 O  O   . GLU A 1 158 ? 29.490  -1.751  11.335  1.00 52.51 ? 533  GLU A O   1 
ATOM   1244 C  CB  . GLU A 1 158 ? 31.234  -2.081  8.918   1.00 54.57 ? 533  GLU A CB  1 
ATOM   1245 C  CG  . GLU A 1 158 ? 30.874  -3.610  8.707   1.00 58.19 ? 533  GLU A CG  1 
ATOM   1246 C  CD  . GLU A 1 158 ? 30.543  -4.344  10.037  1.00 59.48 ? 533  GLU A CD  1 
ATOM   1247 O  OE1 . GLU A 1 158 ? 29.393  -4.834  10.192  1.00 61.20 ? 533  GLU A OE1 1 
ATOM   1248 O  OE2 . GLU A 1 158 ? 31.411  -4.378  10.953  1.00 59.55 ? 533  GLU A OE2 1 
ATOM   1249 N  N   . LYS A 1 159 ? 27.785  -1.416  9.926   1.00 48.24 ? 534  LYS A N   1 
ATOM   1250 C  CA  . LYS A 1 159 ? 26.796  -1.397  11.034  1.00 45.10 ? 534  LYS A CA  1 
ATOM   1251 C  C   . LYS A 1 159 ? 26.222  0.055   11.154  1.00 44.79 ? 534  LYS A C   1 
ATOM   1252 O  O   . LYS A 1 159 ? 26.583  0.933   10.347  1.00 47.49 ? 534  LYS A O   1 
ATOM   1253 C  CB  . LYS A 1 159 ? 27.472  -1.827  12.320  1.00 39.67 ? 534  LYS A CB  1 
ATOM   1254 C  CG  . LYS A 1 159 ? 26.634  -1.649  13.502  1.00 40.53 ? 534  LYS A CG  1 
ATOM   1255 C  CD  . LYS A 1 159 ? 26.014  -2.958  13.890  1.00 42.47 ? 534  LYS A CD  1 
ATOM   1256 C  CE  . LYS A 1 159 ? 27.069  -3.972  14.304  1.00 43.22 ? 534  LYS A CE  1 
ATOM   1257 N  NZ  . LYS A 1 159 ? 26.558  -4.693  15.489  1.00 39.38 ? 534  LYS A NZ  1 
ATOM   1258 N  N   . GLY A 1 160 ? 25.332  0.357   12.091  1.00 41.15 ? 535  GLY A N   1 
ATOM   1259 C  CA  . GLY A 1 160 ? 24.763  1.727   12.072  1.00 40.42 ? 535  GLY A CA  1 
ATOM   1260 C  C   . GLY A 1 160 ? 25.652  2.941   11.685  1.00 39.94 ? 535  GLY A C   1 
ATOM   1261 O  O   . GLY A 1 160 ? 25.778  3.378   10.530  1.00 33.84 ? 535  GLY A O   1 
ATOM   1262 N  N   . PHE A 1 161 ? 26.374  3.373   12.695  1.00 40.58 ? 536  PHE A N   1 
ATOM   1263 C  CA  . PHE A 1 161 ? 26.594  4.738   12.995  1.00 38.16 ? 536  PHE A CA  1 
ATOM   1264 C  C   . PHE A 1 161 ? 27.672  5.376   12.171  1.00 39.62 ? 536  PHE A C   1 
ATOM   1265 O  O   . PHE A 1 161 ? 28.416  4.711   11.456  1.00 40.91 ? 536  PHE A O   1 
ATOM   1266 C  CB  . PHE A 1 161 ? 26.987  4.785   14.457  1.00 37.20 ? 536  PHE A CB  1 
ATOM   1267 C  CG  . PHE A 1 161 ? 26.547  3.569   15.250  1.00 36.37 ? 536  PHE A CG  1 
ATOM   1268 C  CD1 . PHE A 1 161 ? 27.173  2.338   15.074  1.00 31.66 ? 536  PHE A CD1 1 
ATOM   1269 C  CD2 . PHE A 1 161 ? 25.505  3.664   16.186  1.00 33.53 ? 536  PHE A CD2 1 
ATOM   1270 C  CE1 . PHE A 1 161 ? 26.749  1.217   15.798  1.00 29.80 ? 536  PHE A CE1 1 
ATOM   1271 C  CE2 . PHE A 1 161 ? 25.113  2.550   16.942  1.00 30.06 ? 536  PHE A CE2 1 
ATOM   1272 C  CZ  . PHE A 1 161 ? 25.737  1.323   16.745  1.00 26.69 ? 536  PHE A CZ  1 
ATOM   1273 N  N   . LYS A 1 162 ? 27.720  6.696   12.280  1.00 41.01 ? 537  LYS A N   1 
ATOM   1274 C  CA  . LYS A 1 162 ? 28.858  7.492   11.876  1.00 42.09 ? 537  LYS A CA  1 
ATOM   1275 C  C   . LYS A 1 162 ? 29.653  7.872   13.120  1.00 41.05 ? 537  LYS A C   1 
ATOM   1276 O  O   . LYS A 1 162 ? 29.144  7.914   14.263  1.00 39.76 ? 537  LYS A O   1 
ATOM   1277 C  CB  . LYS A 1 162 ? 28.447  8.738   11.064  1.00 45.59 ? 537  LYS A CB  1 
ATOM   1278 C  CG  . LYS A 1 162 ? 27.363  9.636   11.673  1.00 46.25 ? 537  LYS A CG  1 
ATOM   1279 C  CD  . LYS A 1 162 ? 25.919  9.091   11.515  1.00 50.89 ? 537  LYS A CD  1 
ATOM   1280 C  CE  . LYS A 1 162 ? 25.634  8.292   10.200  1.00 55.08 ? 537  LYS A CE  1 
ATOM   1281 N  NZ  . LYS A 1 162 ? 26.312  8.763   8.945   1.00 55.96 ? 537  LYS A NZ  1 
ATOM   1282 N  N   . VAL A 1 163 ? 30.925  8.130   12.898  1.00 38.61 ? 538  VAL A N   1 
ATOM   1283 C  CA  . VAL A 1 163 ? 31.820  8.208   14.006  1.00 37.41 ? 538  VAL A CA  1 
ATOM   1284 C  C   . VAL A 1 163 ? 32.538  9.517   13.887  1.00 34.34 ? 538  VAL A C   1 
ATOM   1285 O  O   . VAL A 1 163 ? 33.011  9.822   12.815  1.00 35.72 ? 538  VAL A O   1 
ATOM   1286 C  CB  . VAL A 1 163 ? 32.781  7.064   13.862  1.00 39.05 ? 538  VAL A CB  1 
ATOM   1287 C  CG1 . VAL A 1 163 ? 33.972  7.262   14.759  1.00 39.93 ? 538  VAL A CG1 1 
ATOM   1288 C  CG2 . VAL A 1 163 ? 32.041  5.763   14.153  1.00 39.25 ? 538  VAL A CG2 1 
ATOM   1289 N  N   . GLU A 1 164 ? 32.594  10.300  14.958  1.00 32.88 ? 539  GLU A N   1 
ATOM   1290 C  CA  . GLU A 1 164 ? 33.362  11.551  14.996  1.00 32.15 ? 539  GLU A CA  1 
ATOM   1291 C  C   . GLU A 1 164 ? 34.467  11.470  16.050  1.00 33.30 ? 539  GLU A C   1 
ATOM   1292 O  O   . GLU A 1 164 ? 34.258  10.903  17.124  1.00 34.41 ? 539  GLU A O   1 
ATOM   1293 C  CB  . GLU A 1 164 ? 32.450  12.736  15.340  1.00 32.87 ? 539  GLU A CB  1 
ATOM   1294 C  CG  . GLU A 1 164 ? 31.508  13.293  14.230  1.00 34.16 ? 539  GLU A CG  1 
ATOM   1295 C  CD  . GLU A 1 164 ? 30.603  14.423  14.746  1.00 38.84 ? 539  GLU A CD  1 
ATOM   1296 O  OE1 . GLU A 1 164 ? 29.700  14.842  13.989  1.00 41.60 ? 539  GLU A OE1 1 
ATOM   1297 O  OE2 . GLU A 1 164 ? 30.776  14.888  15.917  1.00 42.21 ? 539  GLU A OE2 1 
ATOM   1298 N  N   . SER A 1 165 ? 35.645  12.024  15.763  1.00 35.31 ? 540  SER A N   1 
ATOM   1299 C  CA  . SER A 1 165 ? 36.724  11.992  16.751  1.00 37.58 ? 540  SER A CA  1 
ATOM   1300 C  C   . SER A 1 165 ? 37.690  13.184  16.732  1.00 39.63 ? 540  SER A C   1 
ATOM   1301 O  O   . SER A 1 165 ? 37.969  13.774  15.680  1.00 40.71 ? 540  SER A O   1 
ATOM   1302 C  CB  . SER A 1 165 ? 37.543  10.709  16.593  1.00 38.50 ? 540  SER A CB  1 
ATOM   1303 O  OG  . SER A 1 165 ? 38.405  10.776  15.461  1.00 40.55 ? 540  SER A OG  1 
ATOM   1304 N  N   . LYS A 1 166 ? 38.242  13.485  17.905  1.00 40.25 ? 541  LYS A N   1 
ATOM   1305 C  CA  . LYS A 1 166 ? 39.375  14.412  18.039  1.00 38.47 ? 541  LYS A CA  1 
ATOM   1306 C  C   . LYS A 1 166 ? 40.510  13.838  18.934  1.00 39.23 ? 541  LYS A C   1 
ATOM   1307 O  O   . LYS A 1 166 ? 40.299  12.880  19.686  1.00 39.47 ? 541  LYS A O   1 
ATOM   1308 C  CB  . LYS A 1 166 ? 38.890  15.766  18.568  1.00 33.82 ? 541  LYS A CB  1 
ATOM   1309 C  CG  . LYS A 1 166 ? 38.645  15.776  19.999  1.00 29.85 ? 541  LYS A CG  1 
ATOM   1310 C  CD  . LYS A 1 166 ? 37.532  16.710  20.309  1.00 32.00 ? 541  LYS A CD  1 
ATOM   1311 C  CE  . LYS A 1 166 ? 37.026  16.409  21.711  1.00 37.32 ? 541  LYS A CE  1 
ATOM   1312 N  NZ  . LYS A 1 166 ? 35.772  17.170  22.021  1.00 43.60 ? 541  LYS A NZ  1 
ATOM   1313 N  N   . GLU A 1 167 ? 41.675  14.486  18.875  1.00 38.93 ? 542  GLU A N   1 
ATOM   1314 C  CA  . GLU A 1 167 ? 42.924  13.981  19.444  1.00 38.90 ? 542  GLU A CA  1 
ATOM   1315 C  C   . GLU A 1 167 ? 43.427  14.705  20.697  1.00 38.80 ? 542  GLU A C   1 
ATOM   1316 O  O   . GLU A 1 167 ? 43.474  15.931  20.702  1.00 41.26 ? 542  GLU A O   1 
ATOM   1317 C  CB  . GLU A 1 167 ? 43.988  14.093  18.367  1.00 37.66 ? 542  GLU A CB  1 
ATOM   1318 C  CG  . GLU A 1 167 ? 43.525  13.517  17.065  1.00 38.35 ? 542  GLU A CG  1 
ATOM   1319 C  CD  . GLU A 1 167 ? 44.592  12.715  16.352  1.00 37.66 ? 542  GLU A CD  1 
ATOM   1320 O  OE1 . GLU A 1 167 ? 45.753  13.184  16.313  1.00 40.47 ? 542  GLU A OE1 1 
ATOM   1321 O  OE2 . GLU A 1 167 ? 44.277  11.624  15.807  1.00 39.73 ? 542  GLU A OE2 1 
ATOM   1322 N  N   . GLU A 1 168 ? 43.802  13.966  21.748  1.00 36.68 ? 543  GLU A N   1 
ATOM   1323 C  CA  . GLU A 1 168 ? 44.491  14.566  22.922  1.00 36.97 ? 543  GLU A CA  1 
ATOM   1324 C  C   . GLU A 1 168 ? 45.857  13.888  23.162  1.00 38.12 ? 543  GLU A C   1 
ATOM   1325 O  O   . GLU A 1 168 ? 46.069  12.728  22.786  1.00 38.57 ? 543  GLU A O   1 
ATOM   1326 C  CB  . GLU A 1 168 ? 43.671  14.470  24.224  1.00 35.73 ? 543  GLU A CB  1 
ATOM   1327 C  CG  . GLU A 1 168 ? 42.327  15.191  24.275  1.00 36.27 ? 543  GLU A CG  1 
ATOM   1328 C  CD  . GLU A 1 168 ? 41.713  15.279  25.699  1.00 37.28 ? 543  GLU A CD  1 
ATOM   1329 O  OE1 . GLU A 1 168 ? 42.079  14.483  26.596  1.00 43.54 ? 543  GLU A OE1 1 
ATOM   1330 O  OE2 . GLU A 1 168 ? 40.855  16.154  25.954  1.00 36.07 ? 543  GLU A OE2 1 
ATOM   1331 N  N   . TYR A 1 169 ? 46.797  14.578  23.796  1.00 38.21 ? 544  TYR A N   1 
ATOM   1332 C  CA  . TYR A 1 169 ? 47.992  13.860  24.232  1.00 37.95 ? 544  TYR A CA  1 
ATOM   1333 C  C   . TYR A 1 169 ? 47.713  13.046  25.508  1.00 39.25 ? 544  TYR A C   1 
ATOM   1334 O  O   . TYR A 1 169 ? 47.007  13.509  26.418  1.00 39.37 ? 544  TYR A O   1 
ATOM   1335 C  CB  . TYR A 1 169 ? 49.175  14.802  24.436  1.00 32.61 ? 544  TYR A CB  1 
ATOM   1336 C  CG  . TYR A 1 169 ? 49.832  15.204  23.143  1.00 26.69 ? 544  TYR A CG  1 
ATOM   1337 C  CD1 . TYR A 1 169 ? 49.864  16.529  22.729  1.00 29.63 ? 544  TYR A CD1 1 
ATOM   1338 C  CD2 . TYR A 1 169 ? 50.424  14.289  22.339  1.00 25.96 ? 544  TYR A CD2 1 
ATOM   1339 C  CE1 . TYR A 1 169 ? 50.451  16.912  21.528  1.00 21.00 ? 544  TYR A CE1 1 
ATOM   1340 C  CE2 . TYR A 1 169 ? 51.035  14.678  21.138  1.00 22.84 ? 544  TYR A CE2 1 
ATOM   1341 C  CZ  . TYR A 1 169 ? 51.023  15.986  20.754  1.00 19.37 ? 544  TYR A CZ  1 
ATOM   1342 O  OH  . TYR A 1 169 ? 51.602  16.363  19.578  1.00 25.98 ? 544  TYR A OH  1 
ATOM   1343 N  N   . SER A 1 170 ? 48.264  11.832  25.564  1.00 40.52 ? 545  SER A N   1 
ATOM   1344 C  CA  . SER A 1 170 ? 48.214  11.001  26.788  1.00 42.64 ? 545  SER A CA  1 
ATOM   1345 C  C   . SER A 1 170 ? 49.481  10.175  26.975  1.00 39.09 ? 545  SER A C   1 
ATOM   1346 O  O   . SER A 1 170 ? 49.950  9.487   26.045  1.00 37.22 ? 545  SER A O   1 
ATOM   1347 C  CB  . SER A 1 170 ? 47.011  10.053  26.730  1.00 46.58 ? 545  SER A CB  1 
ATOM   1348 O  OG  . SER A 1 170 ? 47.011  9.106   27.789  1.00 52.04 ? 545  SER A OG  1 
ATOM   1349 N  N   . ASP A 1 171 ? 50.045  10.220  28.171  1.00 37.74 ? 546  ASP A N   1 
ATOM   1350 C  CA  . ASP A 1 171 ? 51.101  9.252   28.424  1.00 39.93 ? 546  ASP A CA  1 
ATOM   1351 C  C   . ASP A 1 171 ? 50.560  8.218   29.437  1.00 40.97 ? 546  ASP A C   1 
ATOM   1352 O  O   . ASP A 1 171 ? 51.143  7.927   30.484  1.00 42.95 ? 546  ASP A O   1 
ATOM   1353 C  CB  . ASP A 1 171 ? 52.447  9.881   28.829  1.00 40.34 ? 546  ASP A CB  1 
ATOM   1354 C  CG  . ASP A 1 171 ? 52.784  11.159  28.075  1.00 38.96 ? 546  ASP A CG  1 
ATOM   1355 O  OD1 . ASP A 1 171 ? 52.904  11.130  26.839  1.00 36.02 ? 546  ASP A OD1 1 
ATOM   1356 O  OD2 . ASP A 1 171 ? 52.978  12.203  28.753  1.00 44.41 ? 546  ASP A OD2 1 
ATOM   1357 N  N   . ASP A 1 172 ? 49.395  7.695   29.090  1.00 39.26 ? 547  ASP A N   1 
ATOM   1358 C  CA  . ASP A 1 172 ? 48.671  6.749   29.872  1.00 37.24 ? 547  ASP A CA  1 
ATOM   1359 C  C   . ASP A 1 172 ? 47.694  6.063   28.959  1.00 39.34 ? 547  ASP A C   1 
ATOM   1360 O  O   . ASP A 1 172 ? 46.852  5.379   29.454  1.00 46.37 ? 547  ASP A O   1 
ATOM   1361 C  CB  . ASP A 1 172 ? 47.899  7.445   30.971  1.00 36.07 ? 547  ASP A CB  1 
ATOM   1362 C  CG  . ASP A 1 172 ? 48.784  8.283   31.841  1.00 39.13 ? 547  ASP A CG  1 
ATOM   1363 O  OD1 . ASP A 1 172 ? 49.119  9.419   31.440  1.00 44.61 ? 547  ASP A OD1 1 
ATOM   1364 O  OD2 . ASP A 1 172 ? 49.180  7.818   32.931  1.00 45.64 ? 547  ASP A OD2 1 
ATOM   1365 N  N   . ILE A 1 173 ? 47.775  6.243   27.639  1.00 39.35 ? 548  ILE A N   1 
ATOM   1366 C  CA  . ILE A 1 173 ? 46.916  5.502   26.691  1.00 36.60 ? 548  ILE A CA  1 
ATOM   1367 C  C   . ILE A 1 173 ? 47.540  5.463   25.286  1.00 38.77 ? 548  ILE A C   1 
ATOM   1368 O  O   . ILE A 1 173 ? 47.593  6.437   24.587  1.00 39.35 ? 548  ILE A O   1 
ATOM   1369 C  CB  . ILE A 1 173 ? 45.425  6.004   26.690  1.00 34.67 ? 548  ILE A CB  1 
ATOM   1370 C  CG1 . ILE A 1 173 ? 44.684  5.545   27.958  1.00 29.28 ? 548  ILE A CG1 1 
ATOM   1371 C  CG2 . ILE A 1 173 ? 44.672  5.358   25.510  1.00 35.83 ? 548  ILE A CG2 1 
ATOM   1372 C  CD1 . ILE A 1 173 ? 43.890  6.536   28.739  1.00 18.43 ? 548  ILE A CD1 1 
ATOM   1373 N  N   . ASP A 1 174 ? 48.024  4.313   24.888  1.00 44.71 ? 549  ASP A N   1 
ATOM   1374 C  CA  . ASP A 1 174 ? 48.919  4.187   23.725  1.00 51.44 ? 549  ASP A CA  1 
ATOM   1375 C  C   . ASP A 1 174 ? 48.559  5.004   22.483  1.00 51.87 ? 549  ASP A C   1 
ATOM   1376 O  O   . ASP A 1 174 ? 47.420  4.964   22.066  1.00 55.88 ? 549  ASP A O   1 
ATOM   1377 C  CB  . ASP A 1 174 ? 49.044  2.696   23.360  1.00 55.17 ? 549  ASP A CB  1 
ATOM   1378 C  CG  . ASP A 1 174 ? 49.584  1.856   24.530  1.00 59.54 ? 549  ASP A CG  1 
ATOM   1379 O  OD1 . ASP A 1 174 ? 48.799  1.075   25.121  1.00 61.81 ? 549  ASP A OD1 1 
ATOM   1380 O  OD2 . ASP A 1 174 ? 50.784  2.006   24.869  1.00 59.72 ? 549  ASP A OD2 1 
ATOM   1381 N  N   . GLU A 1 175 ? 49.503  5.730   21.884  1.00 50.93 ? 550  GLU A N   1 
ATOM   1382 C  CA  . GLU A 1 175 ? 49.131  6.589   20.736  1.00 52.43 ? 550  GLU A CA  1 
ATOM   1383 C  C   . GLU A 1 175 ? 48.115  5.905   19.827  1.00 49.92 ? 550  GLU A C   1 
ATOM   1384 O  O   . GLU A 1 175 ? 48.491  5.236   18.889  1.00 53.84 ? 550  GLU A O   1 
ATOM   1385 C  CB  . GLU A 1 175 ? 50.329  7.069   19.862  1.00 53.85 ? 550  GLU A CB  1 
ATOM   1386 C  CG  . GLU A 1 175 ? 49.864  8.159   18.816  1.00 61.43 ? 550  GLU A CG  1 
ATOM   1387 C  CD  . GLU A 1 175 ? 50.801  8.484   17.597  1.00 65.00 ? 550  GLU A CD  1 
ATOM   1388 O  OE1 . GLU A 1 175 ? 50.349  8.202   16.445  1.00 65.00 ? 550  GLU A OE1 1 
ATOM   1389 O  OE2 . GLU A 1 175 ? 51.930  9.065   17.759  1.00 65.00 ? 550  GLU A OE2 1 
ATOM   1390 N  N   . GLY A 1 176 ? 46.829  6.052   20.061  1.00 45.65 ? 551  GLY A N   1 
ATOM   1391 C  CA  . GLY A 1 176 ? 45.946  5.486   19.060  1.00 43.42 ? 551  GLY A CA  1 
ATOM   1392 C  C   . GLY A 1 176 ? 44.795  4.687   19.591  1.00 43.78 ? 551  GLY A C   1 
ATOM   1393 O  O   . GLY A 1 176 ? 43.887  4.342   18.846  1.00 45.58 ? 551  GLY A O   1 
ATOM   1394 N  N   . ASP A 1 177 ? 44.818  4.391   20.875  1.00 43.14 ? 552  ASP A N   1 
ATOM   1395 C  CA  . ASP A 1 177 ? 43.733  3.661   21.473  1.00 44.75 ? 552  ASP A CA  1 
ATOM   1396 C  C   . ASP A 1 177 ? 42.676  4.734   21.754  1.00 44.06 ? 552  ASP A C   1 
ATOM   1397 O  O   . ASP A 1 177 ? 42.649  5.766   21.103  1.00 41.75 ? 552  ASP A O   1 
ATOM   1398 C  CB  . ASP A 1 177 ? 44.179  2.923   22.765  1.00 48.37 ? 552  ASP A CB  1 
ATOM   1399 C  CG  . ASP A 1 177 ? 45.120  1.692   22.507  1.00 50.96 ? 552  ASP A CG  1 
ATOM   1400 O  OD1 . ASP A 1 177 ? 45.173  1.160   21.351  1.00 49.62 ? 552  ASP A OD1 1 
ATOM   1401 O  OD2 . ASP A 1 177 ? 45.806  1.259   23.503  1.00 52.55 ? 552  ASP A OD2 1 
ATOM   1402 N  N   . VAL A 1 178 ? 41.815  4.523   22.733  1.00 40.29 ? 553  VAL A N   1 
ATOM   1403 C  CA  . VAL A 1 178 ? 40.714  5.412   22.845  1.00 35.65 ? 553  VAL A CA  1 
ATOM   1404 C  C   . VAL A 1 178 ? 40.656  5.911   24.218  1.00 36.07 ? 553  VAL A C   1 
ATOM   1405 O  O   . VAL A 1 178 ? 40.586  5.140   25.149  1.00 35.09 ? 553  VAL A O   1 
ATOM   1406 C  CB  . VAL A 1 178 ? 39.373  4.694   22.506  1.00 33.75 ? 553  VAL A CB  1 
ATOM   1407 C  CG1 . VAL A 1 178 ? 38.147  5.272   23.348  1.00 27.53 ? 553  VAL A CG1 1 
ATOM   1408 C  CG2 . VAL A 1 178 ? 39.121  4.702   20.996  1.00 21.42 ? 553  VAL A CG2 1 
ATOM   1409 N  N   . ILE A 1 179 ? 40.647  7.223   24.353  1.00 35.94 ? 554  ILE A N   1 
ATOM   1410 C  CA  . ILE A 1 179 ? 40.572  7.798   25.683  1.00 33.15 ? 554  ILE A CA  1 
ATOM   1411 C  C   . ILE A 1 179 ? 39.151  7.729   26.185  1.00 32.99 ? 554  ILE A C   1 
ATOM   1412 O  O   . ILE A 1 179 ? 38.895  7.304   27.327  1.00 30.29 ? 554  ILE A O   1 
ATOM   1413 C  CB  . ILE A 1 179 ? 41.104  9.237   25.700  1.00 32.29 ? 554  ILE A CB  1 
ATOM   1414 C  CG1 . ILE A 1 179 ? 42.553  9.283   25.197  1.00 31.12 ? 554  ILE A CG1 1 
ATOM   1415 C  CG2 . ILE A 1 179 ? 40.946  9.851   27.067  1.00 28.85 ? 554  ILE A CG2 1 
ATOM   1416 C  CD1 . ILE A 1 179 ? 42.956  10.676  24.835  1.00 27.95 ? 554  ILE A CD1 1 
ATOM   1417 N  N   . SER A 1 180 ? 38.217  8.154   25.343  1.00 33.62 ? 555  SER A N   1 
ATOM   1418 C  CA  . SER A 1 180 ? 36.823  8.044   25.762  1.00 36.38 ? 555  SER A CA  1 
ATOM   1419 C  C   . SER A 1 180 ? 35.825  7.821   24.655  1.00 33.95 ? 555  SER A C   1 
ATOM   1420 O  O   . SER A 1 180 ? 36.147  7.965   23.468  1.00 33.35 ? 555  SER A O   1 
ATOM   1421 C  CB  . SER A 1 180 ? 36.415  9.218   26.640  1.00 36.25 ? 555  SER A CB  1 
ATOM   1422 O  OG  . SER A 1 180 ? 36.871  10.404  26.061  1.00 41.79 ? 555  SER A OG  1 
ATOM   1423 N  N   . GLN A 1 181 ? 34.628  7.393   25.046  1.00 33.67 ? 556  GLN A N   1 
ATOM   1424 C  CA  . GLN A 1 181 ? 33.601  7.177   24.053  1.00 37.07 ? 556  GLN A CA  1 
ATOM   1425 C  C   . GLN A 1 181 ? 32.237  7.588   24.482  1.00 39.26 ? 556  GLN A C   1 
ATOM   1426 O  O   . GLN A 1 181 ? 31.792  7.373   25.624  1.00 37.05 ? 556  GLN A O   1 
ATOM   1427 C  CB  . GLN A 1 181 ? 33.659  5.824   23.334  1.00 37.75 ? 556  GLN A CB  1 
ATOM   1428 C  CG  . GLN A 1 181 ? 32.668  4.783   23.717  1.00 37.56 ? 556  GLN A CG  1 
ATOM   1429 C  CD  . GLN A 1 181 ? 32.316  3.905   22.527  1.00 40.13 ? 556  GLN A CD  1 
ATOM   1430 O  OE1 . GLN A 1 181 ? 33.170  3.636   21.654  1.00 33.25 ? 556  GLN A OE1 1 
ATOM   1431 N  NE2 . GLN A 1 181 ? 31.027  3.483   22.461  1.00 43.66 ? 556  GLN A NE2 1 
ATOM   1432 N  N   . SER A 1 182 ? 31.601  8.197   23.481  1.00 45.56 ? 557  SER A N   1 
ATOM   1433 C  CA  . SER A 1 182 ? 30.512  9.141   23.623  1.00 51.21 ? 557  SER A CA  1 
ATOM   1434 C  C   . SER A 1 182 ? 29.236  8.572   24.122  1.00 48.71 ? 557  SER A C   1 
ATOM   1435 O  O   . SER A 1 182 ? 28.899  8.889   25.254  1.00 53.21 ? 557  SER A O   1 
ATOM   1436 C  CB  . SER A 1 182 ? 30.244  9.801   22.288  1.00 57.18 ? 557  SER A CB  1 
ATOM   1437 O  OG  . SER A 1 182 ? 29.259  10.816  22.418  1.00 65.00 ? 557  SER A OG  1 
ATOM   1438 N  N   . PRO A 1 183 ? 28.471  7.830   23.254  1.00 46.07 ? 558  PRO A N   1 
ATOM   1439 C  CA  . PRO A 1 183 ? 27.361  7.038   23.763  1.00 43.63 ? 558  PRO A CA  1 
ATOM   1440 C  C   . PRO A 1 183 ? 28.031  5.887   24.359  1.00 44.80 ? 558  PRO A C   1 
ATOM   1441 O  O   . PRO A 1 183 ? 28.684  5.040   23.676  1.00 37.72 ? 558  PRO A O   1 
ATOM   1442 C  CB  . PRO A 1 183 ? 26.558  6.639   22.529  1.00 39.22 ? 558  PRO A CB  1 
ATOM   1443 C  CG  . PRO A 1 183 ? 26.919  7.646   21.560  1.00 44.82 ? 558  PRO A CG  1 
ATOM   1444 C  CD  . PRO A 1 183 ? 28.397  7.896   21.787  1.00 44.85 ? 558  PRO A CD  1 
ATOM   1445 N  N   . LYS A 1 184 ? 27.937  5.989   25.681  1.00 51.43 ? 559  LYS A N   1 
ATOM   1446 C  CA  . LYS A 1 184 ? 28.483  5.042   26.647  1.00 59.03 ? 559  LYS A CA  1 
ATOM   1447 C  C   . LYS A 1 184 ? 28.103  3.699   26.096  1.00 56.79 ? 559  LYS A C   1 
ATOM   1448 O  O   . LYS A 1 184 ? 26.954  3.268   26.277  1.00 55.39 ? 559  LYS A O   1 
ATOM   1449 C  CB  . LYS A 1 184 ? 27.871  5.259   28.076  1.00 62.34 ? 559  LYS A CB  1 
ATOM   1450 C  CG  . LYS A 1 184 ? 28.541  6.398   28.898  1.00 65.00 ? 559  LYS A CG  1 
ATOM   1451 C  CD  . LYS A 1 184 ? 27.638  7.001   29.993  1.00 65.00 ? 559  LYS A CD  1 
ATOM   1452 C  CE  . LYS A 1 184 ? 28.004  8.493   30.217  1.00 65.00 ? 559  LYS A CE  1 
ATOM   1453 N  NZ  . LYS A 1 184 ? 27.855  8.912   31.646  1.00 65.00 ? 559  LYS A NZ  1 
ATOM   1454 N  N   . GLY A 1 185 ? 29.036  3.071   25.384  1.00 57.03 ? 560  GLY A N   1 
ATOM   1455 C  CA  . GLY A 1 185 ? 28.784  1.726   24.874  1.00 59.42 ? 560  GLY A CA  1 
ATOM   1456 C  C   . GLY A 1 185 ? 27.744  0.876   25.629  1.00 59.05 ? 560  GLY A C   1 
ATOM   1457 O  O   . GLY A 1 185 ? 27.291  1.174   26.750  1.00 54.98 ? 560  GLY A O   1 
ATOM   1458 N  N   . LYS A 1 186 ? 27.329  -0.202  25.015  1.00 62.49 ? 561  LYS A N   1 
ATOM   1459 C  CA  . LYS A 1 186 ? 26.384  -1.048  25.706  1.00 65.00 ? 561  LYS A CA  1 
ATOM   1460 C  C   . LYS A 1 186 ? 25.143  -0.286  26.187  1.00 65.00 ? 561  LYS A C   1 
ATOM   1461 O  O   . LYS A 1 186 ? 24.540  -0.669  27.179  1.00 65.00 ? 561  LYS A O   1 
ATOM   1462 C  CB  . LYS A 1 186 ? 27.040  -1.962  26.816  1.00 65.00 ? 561  LYS A CB  1 
ATOM   1463 C  CG  . LYS A 1 186 ? 26.947  -1.556  28.343  1.00 65.00 ? 561  LYS A CG  1 
ATOM   1464 C  CD  . LYS A 1 186 ? 27.101  -2.757  29.311  1.00 65.00 ? 561  LYS A CD  1 
ATOM   1465 C  CE  . LYS A 1 186 ? 27.789  -2.300  30.589  1.00 65.00 ? 561  LYS A CE  1 
ATOM   1466 N  NZ  . LYS A 1 186 ? 28.198  -3.418  31.481  1.00 65.00 ? 561  LYS A NZ  1 
ATOM   1467 N  N   . SER A 1 187 ? 24.765  0.802   25.520  1.00 64.58 ? 562  SER A N   1 
ATOM   1468 C  CA  . SER A 1 187 ? 23.337  0.935   25.281  1.00 61.80 ? 562  SER A CA  1 
ATOM   1469 C  C   . SER A 1 187 ? 23.123  0.661   23.813  1.00 61.52 ? 562  SER A C   1 
ATOM   1470 O  O   . SER A 1 187 ? 24.051  0.196   23.089  1.00 62.12 ? 562  SER A O   1 
ATOM   1471 C  CB  . SER A 1 187 ? 22.627  2.204   25.820  1.00 59.97 ? 562  SER A CB  1 
ATOM   1472 O  OG  . SER A 1 187 ? 23.489  3.231   26.244  1.00 62.29 ? 562  SER A OG  1 
ATOM   1473 N  N   . VAL A 1 188 ? 21.881  0.872   23.398  1.00 60.56 ? 563  VAL A N   1 
ATOM   1474 C  CA  . VAL A 1 188 ? 21.452  0.618   22.038  1.00 57.40 ? 563  VAL A CA  1 
ATOM   1475 C  C   . VAL A 1 188 ? 20.667  1.868   21.658  1.00 57.78 ? 563  VAL A C   1 
ATOM   1476 O  O   . VAL A 1 188 ? 20.061  2.480   22.535  1.00 55.79 ? 563  VAL A O   1 
ATOM   1477 C  CB  . VAL A 1 188 ? 20.608  -0.725  21.936  1.00 56.72 ? 563  VAL A CB  1 
ATOM   1478 C  CG1 . VAL A 1 188 ? 21.483  -1.954  22.150  1.00 55.03 ? 563  VAL A CG1 1 
ATOM   1479 C  CG2 . VAL A 1 188 ? 19.433  -0.760  22.923  1.00 53.40 ? 563  VAL A CG2 1 
ATOM   1480 N  N   . ASP A 1 189 ? 20.738  2.292   20.387  1.00 59.69 ? 564  ASP A N   1 
ATOM   1481 C  CA  . ASP A 1 189 ? 19.978  3.485   19.834  1.00 58.94 ? 564  ASP A CA  1 
ATOM   1482 C  C   . ASP A 1 189 ? 19.817  3.392   18.328  1.00 57.84 ? 564  ASP A C   1 
ATOM   1483 O  O   . ASP A 1 189 ? 19.695  2.304   17.810  1.00 59.20 ? 564  ASP A O   1 
ATOM   1484 C  CB  . ASP A 1 189 ? 20.692  4.764   20.164  1.00 58.56 ? 564  ASP A CB  1 
ATOM   1485 C  CG  . ASP A 1 189 ? 22.125  4.496   20.546  1.00 60.20 ? 564  ASP A CG  1 
ATOM   1486 O  OD1 . ASP A 1 189 ? 22.378  4.434   21.769  1.00 61.16 ? 564  ASP A OD1 1 
ATOM   1487 O  OD2 . ASP A 1 189 ? 22.969  4.245   19.645  1.00 59.51 ? 564  ASP A OD2 1 
ATOM   1488 N  N   . GLU A 1 190 ? 19.880  4.507   17.618  1.00 55.11 ? 565  GLU A N   1 
ATOM   1489 C  CA  . GLU A 1 190 ? 19.405  4.540   16.233  1.00 54.79 ? 565  GLU A CA  1 
ATOM   1490 C  C   . GLU A 1 190 ? 20.475  4.291   15.173  1.00 52.08 ? 565  GLU A C   1 
ATOM   1491 O  O   . GLU A 1 190 ? 21.260  3.431   15.378  1.00 55.53 ? 565  GLU A O   1 
ATOM   1492 C  CB  . GLU A 1 190 ? 18.647  5.827   16.133  1.00 54.95 ? 565  GLU A CB  1 
ATOM   1493 C  CG  . GLU A 1 190 ? 17.827  5.860   17.444  1.00 55.14 ? 565  GLU A CG  1 
ATOM   1494 C  CD  . GLU A 1 190 ? 17.044  7.120   17.694  1.00 57.13 ? 565  GLU A CD  1 
ATOM   1495 O  OE1 . GLU A 1 190 ? 17.203  8.136   16.957  1.00 58.87 ? 565  GLU A OE1 1 
ATOM   1496 O  OE2 . GLU A 1 190 ? 16.251  7.079   18.657  1.00 59.08 ? 565  GLU A OE2 1 
ATOM   1497 N  N   . GLY A 1 191 ? 20.517  4.980   14.040  1.00 50.66 ? 566  GLY A N   1 
ATOM   1498 C  CA  . GLY A 1 191 ? 21.794  5.103   13.271  1.00 47.82 ? 566  GLY A CA  1 
ATOM   1499 C  C   . GLY A 1 191 ? 22.561  6.397   13.694  1.00 48.70 ? 566  GLY A C   1 
ATOM   1500 O  O   . GLY A 1 191 ? 23.053  7.170   12.844  1.00 48.09 ? 566  GLY A O   1 
ATOM   1501 N  N   . SER A 1 192 ? 22.672  6.635   15.015  1.00 47.41 ? 567  SER A N   1 
ATOM   1502 C  CA  . SER A 1 192 ? 23.235  7.872   15.608  1.00 44.44 ? 567  SER A CA  1 
ATOM   1503 C  C   . SER A 1 192 ? 24.727  8.082   15.374  1.00 44.69 ? 567  SER A C   1 
ATOM   1504 O  O   . SER A 1 192 ? 25.316  7.489   14.467  1.00 44.67 ? 567  SER A O   1 
ATOM   1505 C  CB  . SER A 1 192 ? 23.005  7.914   17.117  1.00 43.76 ? 567  SER A CB  1 
ATOM   1506 O  OG  . SER A 1 192 ? 21.993  7.007   17.523  1.00 45.33 ? 567  SER A OG  1 
ATOM   1507 N  N   . THR A 1 193 ? 25.344  8.930   16.200  1.00 43.05 ? 568  THR A N   1 
ATOM   1508 C  CA  . THR A 1 193 ? 26.736  9.369   15.939  1.00 41.03 ? 568  THR A CA  1 
ATOM   1509 C  C   . THR A 1 193 ? 27.679  9.087   17.109  1.00 36.75 ? 568  THR A C   1 
ATOM   1510 O  O   . THR A 1 193 ? 27.467  9.581   18.194  1.00 35.84 ? 568  THR A O   1 
ATOM   1511 C  CB  . THR A 1 193 ? 26.767  10.865  15.675  1.00 41.88 ? 568  THR A CB  1 
ATOM   1512 O  OG1 . THR A 1 193 ? 25.591  11.254  14.948  1.00 43.53 ? 568  THR A OG1 1 
ATOM   1513 C  CG2 . THR A 1 193 ? 28.030  11.245  14.911  1.00 44.70 ? 568  THR A CG2 1 
ATOM   1514 N  N   . ILE A 1 194 ? 28.707  8.284   16.936  1.00 33.38 ? 569  ILE A N   1 
ATOM   1515 C  CA  . ILE A 1 194 ? 29.476  7.987   18.142  1.00 34.25 ? 569  ILE A CA  1 
ATOM   1516 C  C   . ILE A 1 194 ? 30.673  8.865   18.153  1.00 34.20 ? 569  ILE A C   1 
ATOM   1517 O  O   . ILE A 1 194 ? 31.421  8.869   17.178  1.00 33.56 ? 569  ILE A O   1 
ATOM   1518 C  CB  . ILE A 1 194 ? 29.972  6.518   18.269  1.00 34.19 ? 569  ILE A CB  1 
ATOM   1519 C  CG1 . ILE A 1 194 ? 28.841  5.512   18.044  1.00 32.24 ? 569  ILE A CG1 1 
ATOM   1520 C  CG2 . ILE A 1 194 ? 30.565  6.323   19.613  1.00 32.01 ? 569  ILE A CG2 1 
ATOM   1521 C  CD1 . ILE A 1 194 ? 27.573  5.815   18.836  1.00 30.40 ? 569  ILE A CD1 1 
ATOM   1522 N  N   . SER A 1 195 ? 30.854  9.596   19.253  1.00 34.34 ? 570  SER A N   1 
ATOM   1523 C  CA  . SER A 1 195 ? 32.020  10.484  19.426  1.00 32.15 ? 570  SER A CA  1 
ATOM   1524 C  C   . SER A 1 195 ? 33.148  9.911   20.301  1.00 30.04 ? 570  SER A C   1 
ATOM   1525 O  O   . SER A 1 195 ? 32.910  9.307   21.358  1.00 25.05 ? 570  SER A O   1 
ATOM   1526 C  CB  . SER A 1 195 ? 31.556  11.826  19.969  1.00 33.82 ? 570  SER A CB  1 
ATOM   1527 O  OG  . SER A 1 195 ? 30.708  12.466  19.042  1.00 40.31 ? 570  SER A OG  1 
ATOM   1528 N  N   . PHE A 1 196 ? 34.376  10.132  19.846  1.00 31.56 ? 571  PHE A N   1 
ATOM   1529 C  CA  . PHE A 1 196 ? 35.581  9.548   20.457  1.00 35.47 ? 571  PHE A CA  1 
ATOM   1530 C  C   . PHE A 1 196 ? 36.652  10.533  20.853  1.00 35.79 ? 571  PHE A C   1 
ATOM   1531 O  O   . PHE A 1 196 ? 36.983  11.459  20.080  1.00 36.65 ? 571  PHE A O   1 
ATOM   1532 C  CB  . PHE A 1 196 ? 36.232  8.609   19.446  1.00 38.76 ? 571  PHE A CB  1 
ATOM   1533 C  CG  . PHE A 1 196 ? 35.443  7.408   19.193  1.00 42.68 ? 571  PHE A CG  1 
ATOM   1534 C  CD1 . PHE A 1 196 ? 35.652  6.281   19.934  1.00 44.96 ? 571  PHE A CD1 1 
ATOM   1535 C  CD2 . PHE A 1 196 ? 34.443  7.418   18.269  1.00 45.62 ? 571  PHE A CD2 1 
ATOM   1536 C  CE1 . PHE A 1 196 ? 34.906  5.182   19.746  1.00 43.86 ? 571  PHE A CE1 1 
ATOM   1537 C  CE2 . PHE A 1 196 ? 33.694  6.303   18.081  1.00 45.54 ? 571  PHE A CE2 1 
ATOM   1538 C  CZ  . PHE A 1 196 ? 33.938  5.189   18.830  1.00 44.93 ? 571  PHE A CZ  1 
ATOM   1539 N  N   . VAL A 1 197 ? 37.255  10.308  22.014  1.00 36.42 ? 572  VAL A N   1 
ATOM   1540 C  CA  . VAL A 1 197 ? 38.532  10.976  22.287  1.00 36.66 ? 572  VAL A CA  1 
ATOM   1541 C  C   . VAL A 1 197 ? 39.691  10.006  22.113  1.00 34.55 ? 572  VAL A C   1 
ATOM   1542 O  O   . VAL A 1 197 ? 39.779  9.033   22.833  1.00 36.91 ? 572  VAL A O   1 
ATOM   1543 C  CB  . VAL A 1 197 ? 38.557  11.530  23.684  1.00 37.93 ? 572  VAL A CB  1 
ATOM   1544 C  CG1 . VAL A 1 197 ? 39.803  12.379  23.867  1.00 39.43 ? 572  VAL A CG1 1 
ATOM   1545 C  CG2 . VAL A 1 197 ? 37.282  12.357  23.956  1.00 37.05 ? 572  VAL A CG2 1 
ATOM   1546 N  N   . VAL A 1 198 ? 40.572  10.256  21.165  1.00 31.53 ? 573  VAL A N   1 
ATOM   1547 C  CA  . VAL A 1 198 ? 41.643  9.320   20.813  1.00 31.71 ? 573  VAL A CA  1 
ATOM   1548 C  C   . VAL A 1 198 ? 43.025  9.811   21.305  1.00 36.65 ? 573  VAL A C   1 
ATOM   1549 O  O   . VAL A 1 198 ? 43.435  10.909  20.925  1.00 38.05 ? 573  VAL A O   1 
ATOM   1550 C  CB  . VAL A 1 198 ? 41.697  9.203   19.288  1.00 28.02 ? 573  VAL A CB  1 
ATOM   1551 C  CG1 . VAL A 1 198 ? 42.849  8.388   18.782  1.00 23.89 ? 573  VAL A CG1 1 
ATOM   1552 C  CG2 . VAL A 1 198 ? 40.431  8.646   18.794  1.00 29.52 ? 573  VAL A CG2 1 
ATOM   1553 N  N   . SER A 1 199 ? 43.749  9.027   22.125  1.00 39.70 ? 574  SER A N   1 
ATOM   1554 C  CA  . SER A 1 199 ? 45.155  9.386   22.453  1.00 42.12 ? 574  SER A CA  1 
ATOM   1555 C  C   . SER A 1 199 ? 46.053  9.763   21.276  1.00 42.97 ? 574  SER A C   1 
ATOM   1556 O  O   . SER A 1 199 ? 46.281  8.968   20.346  1.00 38.04 ? 574  SER A O   1 
ATOM   1557 C  CB  . SER A 1 199 ? 45.883  8.308   23.233  1.00 46.24 ? 574  SER A CB  1 
ATOM   1558 O  OG  . SER A 1 199 ? 47.301  8.469   23.081  1.00 43.73 ? 574  SER A OG  1 
ATOM   1559 N  N   . LYS A 1 200 ? 46.595  10.984  21.377  1.00 46.10 ? 575  LYS A N   1 
ATOM   1560 C  CA  . LYS A 1 200 ? 47.226  11.682  20.250  1.00 47.36 ? 575  LYS A CA  1 
ATOM   1561 C  C   . LYS A 1 200 ? 48.651  11.228  20.098  1.00 48.92 ? 575  LYS A C   1 
ATOM   1562 O  O   . LYS A 1 200 ? 49.226  11.335  19.005  1.00 51.92 ? 575  LYS A O   1 
ATOM   1563 C  CB  . LYS A 1 200 ? 47.118  13.202  20.446  1.00 46.45 ? 575  LYS A CB  1 
ATOM   1564 C  CG  . LYS A 1 200 ? 48.149  14.016  19.774  1.00 49.39 ? 575  LYS A CG  1 
ATOM   1565 C  CD  . LYS A 1 200 ? 47.885  14.352  18.333  1.00 47.71 ? 575  LYS A CD  1 
ATOM   1566 C  CE  . LYS A 1 200 ? 47.277  15.751  18.224  1.00 49.54 ? 575  LYS A CE  1 
ATOM   1567 N  NZ  . LYS A 1 200 ? 47.847  16.761  19.186  1.00 48.86 ? 575  LYS A NZ  1 
ATOM   1568 N  N   . GLY A 1 201 ? 49.177  10.656  21.191  1.00 48.03 ? 576  GLY A N   1 
ATOM   1569 C  CA  . GLY A 1 201 ? 50.579  10.306  21.364  1.00 45.13 ? 576  GLY A CA  1 
ATOM   1570 C  C   . GLY A 1 201 ? 50.870  10.747  22.769  1.00 46.55 ? 576  GLY A C   1 
ATOM   1571 O  O   . GLY A 1 201 ? 49.907  11.119  23.441  1.00 47.62 ? 576  GLY A O   1 
ATOM   1572 O  OXT . GLY A 1 201 ? 52.006  10.772  23.258  1.00 48.04 ? 576  GLY A OXT 1 
HETATM 1573 ZN ZN  . ZN  B 2 .   ? 28.136  15.607  14.479  1.00 53.96 ? 2000 ZN  A ZN  1 
HETATM 1574 ZN ZN  . ZN  C 2 .   ? -44.256 1.623   -25.371 1.00 45.50 ? 2001 ZN  A ZN  1 
HETATM 1575 ZN ZN  . ZN  D 2 .   ? 53.403  11.726  25.191  1.00 63.45 ? 2002 ZN  A ZN  1 
HETATM 1576 ZN ZN  . ZN  E 2 .   ? 40.313  15.364  27.709  1.00 60.69 ? 2003 ZN  A ZN  1 
HETATM 1577 ZN ZN  . ZN  F 2 .   ? 46.642  -1.285  21.999  1.00 65.00 ? 2004 ZN  A ZN  1 
HETATM 1578 ZN ZN  . ZN  G 2 .   ? -31.536 -15.645 -20.523 1.00 65.00 ? 2005 ZN  A ZN  1 
HETATM 1579 ZN ZN  . ZN  H 2 .   ? 40.977  3.908   29.894  0.50 65.00 ? 2006 ZN  A ZN  1 
HETATM 1580 O  O   . HOH I 3 .   ? 26.819  14.735  16.639  1.00 12.07 ? 1000 HOH A O   1 
HETATM 1581 O  O   . HOH I 3 .   ? 20.612  -0.761  25.837  1.00 65.00 ? 1001 HOH A O   1 
HETATM 1582 O  O   . HOH I 3 .   ? -11.921 -1.670  -19.561 1.00 65.00 ? 1003 HOH A O   1 
HETATM 1583 O  O   . HOH I 3 .   ? 52.779  4.624   30.950  1.00 65.00 ? 1004 HOH A O   1 
HETATM 1584 O  O   . HOH I 3 .   ? 22.930  11.981  17.026  1.00 11.11 ? 1005 HOH A O   1 
HETATM 1585 O  O   . HOH I 3 .   ? -1.474  -4.800  17.860  1.00 55.41 ? 1006 HOH A O   1 
HETATM 1586 O  O   . HOH I 3 .   ? 34.570  1.517   29.867  1.00 34.08 ? 1007 HOH A O   1 
HETATM 1587 O  O   . HOH I 3 .   ? 34.463  8.678   7.729   1.00 60.59 ? 1008 HOH A O   1 
HETATM 1588 O  O   . HOH I 3 .   ? -44.640 -0.042  -23.552 1.00 20.93 ? 1009 HOH A O   1 
HETATM 1589 O  O   . HOH I 3 .   ? 54.758  11.128  24.094  1.00 65.00 ? 1010 HOH A O   1 
HETATM 1590 O  O   . HOH I 3 .   ? 45.779  -1.446  24.153  1.00 26.53 ? 1011 HOH A O   1 
HETATM 1591 O  O   . HOH I 3 .   ? -30.075 -18.155 -21.906 1.00 43.87 ? 1012 HOH A O   1 
HETATM 1592 O  O   . HOH I 3 .   ? -23.386 -14.786 -26.238 1.00 45.48 ? 1013 HOH A O   1 
HETATM 1593 O  O   . HOH I 3 .   ? -23.889 -11.904 -27.908 1.00 36.53 ? 1014 HOH A O   1 
HETATM 1594 O  O   . HOH I 3 .   ? -20.189 -12.178 -27.876 1.00 65.00 ? 1015 HOH A O   1 
HETATM 1595 O  O   . HOH I 3 .   ? -23.999 2.618   -33.848 1.00 65.00 ? 1016 HOH A O   1 
HETATM 1596 O  O   . HOH I 3 .   ? -27.659 3.471   -34.773 1.00 65.00 ? 1017 HOH A O   1 
HETATM 1597 O  O   . HOH I 3 .   ? -29.624 0.063   -36.090 1.00 65.00 ? 1018 HOH A O   1 
HETATM 1598 O  O   . HOH I 3 .   ? -24.614 5.534   -16.666 1.00 40.02 ? 1019 HOH A O   1 
HETATM 1599 O  O   . HOH I 3 .   ? -28.665 12.200  -21.531 1.00 49.95 ? 1020 HOH A O   1 
HETATM 1600 O  O   . HOH I 3 .   ? -17.705 -1.880  -19.452 1.00 65.00 ? 1021 HOH A O   1 
HETATM 1601 O  O   . HOH I 3 .   ? -28.032 -16.752 -10.367 1.00 59.32 ? 1022 HOH A O   1 
HETATM 1602 O  O   . HOH I 3 .   ? -11.111 -10.725 -14.285 1.00 65.00 ? 1023 HOH A O   1 
HETATM 1603 O  O   . HOH I 3 .   ? -38.063 2.784   -21.484 1.00 33.68 ? 1024 HOH A O   1 
HETATM 1604 O  O   . HOH I 3 .   ? -45.673 -10.896 -16.517 1.00 65.00 ? 1025 HOH A O   1 
HETATM 1605 O  O   . HOH I 3 .   ? -50.897 -9.111  -23.130 0.50 5.00  ? 1026 HOH A O   1 
HETATM 1606 O  O   . HOH I 3 .   ? -45.684 -7.946  -13.029 1.00 64.58 ? 1027 HOH A O   1 
HETATM 1607 O  O   . HOH I 3 .   ? -17.303 1.937   -0.545  1.00 65.00 ? 1028 HOH A O   1 
HETATM 1608 O  O   . HOH I 3 .   ? -7.624  8.973   0.858   1.00 54.42 ? 1029 HOH A O   1 
HETATM 1609 O  O   . HOH I 3 .   ? -13.226 9.545   -5.392  1.00 65.00 ? 1030 HOH A O   1 
HETATM 1610 O  O   . HOH I 3 .   ? 5.075   -8.741  11.272  1.00 53.86 ? 1031 HOH A O   1 
HETATM 1611 O  O   . HOH I 3 .   ? 14.799  -8.553  8.231   1.00 32.29 ? 1032 HOH A O   1 
HETATM 1612 O  O   . HOH I 3 .   ? 6.848   5.991   23.084  1.00 56.12 ? 1033 HOH A O   1 
HETATM 1613 O  O   . HOH I 3 .   ? 5.002   1.153   23.996  1.00 65.00 ? 1034 HOH A O   1 
HETATM 1614 O  O   . HOH I 3 .   ? -8.133  -3.832  -9.028  1.00 42.53 ? 1035 HOH A O   1 
HETATM 1615 O  O   . HOH I 3 .   ? 18.967  -7.849  12.079  1.00 50.01 ? 1036 HOH A O   1 
HETATM 1616 O  O   . HOH I 3 .   ? 34.769  -5.809  18.487  1.00 37.03 ? 1037 HOH A O   1 
HETATM 1617 O  O   . HOH I 3 .   ? 33.271  -9.116  19.458  1.00 65.00 ? 1038 HOH A O   1 
HETATM 1618 O  O   . HOH I 3 .   ? 36.892  -9.759  23.537  1.00 65.00 ? 1039 HOH A O   1 
HETATM 1619 O  O   . HOH I 3 .   ? 41.161  -6.594  21.869  1.00 65.00 ? 1040 HOH A O   1 
HETATM 1620 O  O   . HOH I 3 .   ? 41.348  6.787   8.056   1.00 65.00 ? 1041 HOH A O   1 
HETATM 1621 O  O   . HOH I 3 .   ? 47.727  14.209  14.833  1.00 65.00 ? 1042 HOH A O   1 
HETATM 1622 O  O   . HOH I 3 .   ? 44.888  13.188  27.673  1.00 57.10 ? 1043 HOH A O   1 
HETATM 1623 O  O   . HOH I 3 .   ? 51.279  7.324   26.084  1.00 44.37 ? 1044 HOH A O   1 
HETATM 1624 O  O   . HOH I 3 .   ? 49.572  1.013   29.703  1.00 43.90 ? 1045 HOH A O   1 
HETATM 1625 O  O   . HOH I 3 .   ? -23.950 -19.094 -31.570 1.00 65.00 ? 1046 HOH A O   1 
HETATM 1626 O  O   . HOH I 3 .   ? -55.025 0.190   -29.393 1.00 44.67 ? 1047 HOH A O   1 
HETATM 1627 O  O   . HOH I 3 .   ? -41.477 -13.953 -31.981 1.00 65.00 ? 1048 HOH A O   1 
HETATM 1628 O  O   . HOH I 3 .   ? -22.650 -15.014 -30.572 1.00 65.00 ? 1049 HOH A O   1 
HETATM 1629 O  O   . HOH I 3 .   ? -25.041 -1.234  -37.752 1.00 65.00 ? 1050 HOH A O   1 
HETATM 1630 O  O   . HOH I 3 .   ? -47.447 -2.756  -36.249 1.00 65.00 ? 1051 HOH A O   1 
HETATM 1631 O  O   . HOH I 3 .   ? -33.221 6.145   -26.544 1.00 51.21 ? 1052 HOH A O   1 
HETATM 1632 O  O   . HOH I 3 .   ? -20.439 4.229   -15.749 1.00 60.78 ? 1053 HOH A O   1 
HETATM 1633 O  O   . HOH I 3 .   ? 7.145   -10.581 5.960   1.00 65.00 ? 1054 HOH A O   1 
HETATM 1634 O  O   . HOH I 3 .   ? -15.675 10.565  3.389   1.00 65.00 ? 1055 HOH A O   1 
HETATM 1635 O  O   . HOH I 3 .   ? -11.873 8.998   0.812   1.00 65.00 ? 1056 HOH A O   1 
HETATM 1636 O  O   . HOH I 3 .   ? 0.413   -13.533 5.558   1.00 45.52 ? 1057 HOH A O   1 
HETATM 1637 O  O   . HOH I 3 .   ? 19.061  0.169   9.899   1.00 55.22 ? 1058 HOH A O   1 
HETATM 1638 O  O   . HOH I 3 .   ? 7.087   5.955   6.619   1.00 49.44 ? 1059 HOH A O   1 
HETATM 1639 O  O   . HOH I 3 .   ? 46.594  -2.184  26.782  1.00 63.85 ? 1060 HOH A O   1 
HETATM 1640 O  O   . HOH I 3 .   ? 32.967  -0.898  3.820   1.00 64.85 ? 1061 HOH A O   1 
HETATM 1641 O  O   . HOH I 3 .   ? 48.370  11.929  13.507  1.00 65.00 ? 1062 HOH A O   1 
HETATM 1642 O  O   . HOH I 3 .   ? 25.622  8.701   27.741  1.00 65.00 ? 1063 HOH A O   1 
HETATM 1643 O  O   . HOH I 3 .   ? 20.397  11.212  21.744  1.00 65.00 ? 1064 HOH A O   1 
HETATM 1644 O  O   . HOH I 3 .   ? 45.997  -4.228  21.777  1.00 65.00 ? 1065 HOH A O   1 
# 
